data_8IXK
#
_entry.id   8IXK
#
_cell.length_a   1.00
_cell.length_b   1.00
_cell.length_c   1.00
_cell.angle_alpha   90.00
_cell.angle_beta   90.00
_cell.angle_gamma   90.00
#
_symmetry.space_group_name_H-M   'P 1'
#
loop_
_entity.id
_entity.type
_entity.pdbx_description
1 polymer 'Attachment protein G3P'
2 polymer 'Capsid protein G8P'
3 polymer 'Head virion protein G6P'
#
loop_
_entity_poly.entity_id
_entity_poly.type
_entity_poly.pdbx_seq_one_letter_code
_entity_poly.pdbx_strand_id
1 'polypeptide(L)'
;AETVESCLAKPHTENSFTNVWKDDKTLDRYANYEGCLWNATGVVVCTGDETQCYGTWVPIGLAIPENEGGGSEGGGSEGG
GSEGGGTKPPEYGDTPIPGYTYINPLDGTYPPGTEQNPANPNPSLEESQPLNTFMFQNNRFRNRQGALTVYTGTVTQGTD
PVKTYYQYTPVSSKAMYDAYWNGKFRDCAFHSGFNEDPFVCEYQGQSSDLPQPPVNAGGGSGGGSGGGSEGGGSEGGGSE
GGGSEGGGSGGGSGSGDFDYEKMANANKGAMTENADENALQSDAKGKLDSVATDYGAAIDGFIGDVSGLANGNGATGDFA
GSNSQMAQVGDGDNSPLMNNFRQYLPSLPQSVECRPFVFGAGKPYEFSIDCDKINLFRGVFAFLLYVATFMYVFSTFANI
LRNKES
;
R,A,F,K,T
2 'polypeptide(L)' MKKSLVLKASVAVATLVPMLSFAAEGDDPAKAAFNSLQASATEYIGYAWAMVVVIVGATIGIKLFKKFTSKAS P,Q,S,B,C,D,G,H,I,L,M,N,V,W,X
3 'polypeptide(L)'
;MPVLLGIPLLLRFLGFLLVTLFGYLLTFLKKGFGKIAIAISLFLALIIGLNSILVGYLSDISAQLPSDFVQGVQLILPSN
ALPCFYVILSVKAAIFIFDVKQKIVSYLDWDK
;
Z,E,J,O,Y
#
# COMPACT_ATOMS: atom_id res chain seq x y z
N LYS A 262 -3.49 86.42 -59.31
CA LYS A 262 -2.87 85.37 -58.50
C LYS A 262 -3.20 83.99 -59.06
N MET A 263 -2.38 83.54 -60.01
CA MET A 263 -2.56 82.19 -60.60
C MET A 263 -2.30 81.14 -59.52
N ALA A 264 -1.36 81.44 -58.62
CA ALA A 264 -1.05 80.52 -57.49
C ALA A 264 -2.35 80.18 -56.75
N ASN A 265 -3.15 81.19 -56.41
CA ASN A 265 -4.40 80.96 -55.70
C ASN A 265 -5.35 80.09 -56.51
N ALA A 266 -5.44 80.35 -57.82
CA ALA A 266 -6.33 79.54 -58.66
C ALA A 266 -5.89 78.08 -58.70
N ASN A 267 -4.60 77.84 -58.87
CA ASN A 267 -4.11 76.46 -58.90
C ASN A 267 -4.29 75.79 -57.54
N LYS A 268 -4.06 76.52 -56.45
CA LYS A 268 -4.28 75.96 -55.12
C LYS A 268 -5.75 75.59 -54.92
N GLY A 269 -6.66 76.46 -55.34
CA GLY A 269 -8.08 76.16 -55.20
C GLY A 269 -8.52 74.99 -56.05
N ALA A 270 -7.91 74.84 -57.23
CA ALA A 270 -8.30 73.77 -58.16
C ALA A 270 -7.99 72.39 -57.55
N MET A 271 -6.83 72.23 -56.91
CA MET A 271 -6.43 70.89 -56.39
C MET A 271 -6.43 70.91 -54.86
N THR A 272 -7.54 71.30 -54.23
CA THR A 272 -7.62 71.28 -52.78
C THR A 272 -9.05 70.96 -52.35
N GLU A 273 -9.17 70.08 -51.36
CA GLU A 273 -10.45 69.75 -50.74
C GLU A 273 -10.37 70.02 -49.26
N ASN A 274 -11.41 70.67 -48.72
CA ASN A 274 -11.44 71.05 -47.31
C ASN A 274 -11.74 69.81 -46.46
N ALA A 275 -10.74 69.36 -45.70
CA ALA A 275 -10.87 68.22 -44.83
C ALA A 275 -10.59 68.63 -43.39
N ASP A 276 -11.43 68.16 -42.47
CA ASP A 276 -11.33 68.50 -41.06
C ASP A 276 -10.82 67.31 -40.27
N GLU A 277 -9.77 67.53 -39.49
CA GLU A 277 -9.20 66.45 -38.68
C GLU A 277 -10.20 65.95 -37.64
N ASN A 278 -10.94 66.87 -37.02
CA ASN A 278 -11.88 66.52 -35.96
C ASN A 278 -13.06 65.70 -36.47
N ALA A 279 -13.26 65.63 -37.79
CA ALA A 279 -14.33 64.80 -38.35
C ALA A 279 -13.82 63.40 -38.68
N LEU A 280 -12.72 63.31 -39.41
CA LEU A 280 -12.17 62.01 -39.77
C LEU A 280 -11.72 61.23 -38.54
N GLN A 281 -11.02 61.90 -37.61
CA GLN A 281 -10.60 61.25 -36.38
C GLN A 281 -11.82 60.77 -35.57
N SER A 282 -12.84 61.62 -35.46
CA SER A 282 -14.02 61.24 -34.71
C SER A 282 -14.72 60.05 -35.33
N ASP A 283 -14.85 60.03 -36.66
CA ASP A 283 -15.52 58.91 -37.32
C ASP A 283 -14.75 57.61 -37.14
N ALA A 284 -13.43 57.66 -37.34
CA ALA A 284 -12.63 56.44 -37.19
C ALA A 284 -12.68 55.94 -35.75
N LYS A 285 -12.54 56.84 -34.78
CA LYS A 285 -12.59 56.41 -33.39
C LYS A 285 -13.96 55.88 -33.01
N GLY A 286 -15.02 56.49 -33.56
CA GLY A 286 -16.37 55.99 -33.27
C GLY A 286 -16.59 54.58 -33.77
N LYS A 287 -16.17 54.30 -35.01
CA LYS A 287 -16.31 52.95 -35.53
C LYS A 287 -15.46 51.96 -34.73
N LEU A 288 -14.21 52.33 -34.45
CA LEU A 288 -13.33 51.42 -33.71
C LEU A 288 -13.85 51.14 -32.32
N ASP A 289 -14.42 52.15 -31.65
CA ASP A 289 -14.99 51.93 -30.33
C ASP A 289 -16.26 51.09 -30.41
N SER A 290 -17.10 51.34 -31.42
CA SER A 290 -18.33 50.57 -31.55
C SER A 290 -18.07 49.10 -31.82
N VAL A 291 -16.91 48.76 -32.37
CA VAL A 291 -16.58 47.33 -32.50
C VAL A 291 -15.75 46.80 -31.32
N ALA A 292 -14.91 47.64 -30.71
CA ALA A 292 -14.14 47.19 -29.55
C ALA A 292 -15.03 46.95 -28.34
N THR A 293 -16.16 47.66 -28.25
CA THR A 293 -17.10 47.37 -27.18
C THR A 293 -17.68 45.96 -27.33
N ASP A 294 -17.96 45.54 -28.57
CA ASP A 294 -18.39 44.16 -28.79
C ASP A 294 -17.30 43.17 -28.42
N TYR A 295 -16.04 43.49 -28.77
CA TYR A 295 -14.93 42.64 -28.37
C TYR A 295 -14.88 42.45 -26.85
N GLY A 296 -14.90 43.57 -26.12
CA GLY A 296 -14.84 43.49 -24.66
C GLY A 296 -16.05 42.80 -24.07
N ALA A 297 -17.22 43.02 -24.64
CA ALA A 297 -18.43 42.35 -24.16
C ALA A 297 -18.32 40.84 -24.35
N ALA A 298 -17.77 40.39 -25.48
CA ALA A 298 -17.59 38.96 -25.69
C ALA A 298 -16.62 38.37 -24.67
N ILE A 299 -15.50 39.06 -24.43
CA ILE A 299 -14.53 38.57 -23.45
C ILE A 299 -15.17 38.46 -22.07
N ASP A 300 -15.88 39.51 -21.65
CA ASP A 300 -16.49 39.52 -20.33
C ASP A 300 -17.60 38.47 -20.24
N GLY A 301 -18.33 38.24 -21.32
CA GLY A 301 -19.34 37.20 -21.31
C GLY A 301 -18.76 35.82 -21.14
N PHE A 302 -17.66 35.54 -21.83
CA PHE A 302 -17.00 34.25 -21.64
C PHE A 302 -16.53 34.09 -20.20
N ILE A 303 -15.92 35.14 -19.65
CA ILE A 303 -15.41 35.07 -18.28
C ILE A 303 -16.55 34.81 -17.31
N GLY A 304 -17.66 35.53 -17.47
CA GLY A 304 -18.80 35.36 -16.58
C GLY A 304 -19.42 33.98 -16.70
N ASP A 305 -19.51 33.46 -17.93
CA ASP A 305 -20.08 32.13 -18.13
C ASP A 305 -19.24 31.07 -17.42
N VAL A 306 -17.92 31.12 -17.60
CA VAL A 306 -17.08 30.11 -16.98
C VAL A 306 -17.10 30.24 -15.46
N SER A 307 -17.07 31.47 -14.95
CA SER A 307 -17.13 31.66 -13.50
C SER A 307 -18.45 31.16 -12.94
N GLY A 308 -19.56 31.42 -13.63
CA GLY A 308 -20.85 30.95 -13.16
C GLY A 308 -20.96 29.44 -13.18
N LEU A 309 -20.38 28.81 -14.21
CA LEU A 309 -20.32 27.35 -14.20
C LEU A 309 -19.52 26.84 -13.03
N ALA A 310 -18.41 27.51 -12.72
CA ALA A 310 -17.53 27.05 -11.64
C ALA A 310 -18.21 27.17 -10.28
N ASN A 311 -18.77 28.34 -9.96
CA ASN A 311 -19.30 28.60 -8.63
C ASN A 311 -20.79 28.34 -8.50
N GLY A 312 -21.44 27.81 -9.54
CA GLY A 312 -22.84 27.47 -9.46
C GLY A 312 -23.81 28.60 -9.73
N ASN A 313 -23.32 29.79 -10.11
CA ASN A 313 -24.23 30.87 -10.45
C ASN A 313 -24.99 30.58 -11.74
N GLY A 314 -24.32 30.01 -12.74
CA GLY A 314 -24.96 29.69 -13.99
C GLY A 314 -24.27 30.32 -15.19
N ALA A 315 -24.58 29.84 -16.39
CA ALA A 315 -23.98 30.34 -17.62
C ALA A 315 -25.07 30.57 -18.65
N THR A 316 -24.80 31.52 -19.56
CA THR A 316 -25.72 31.85 -20.65
C THR A 316 -24.94 31.91 -21.94
N GLY A 317 -25.56 31.48 -23.03
CA GLY A 317 -24.93 31.52 -24.34
C GLY A 317 -24.40 30.15 -24.75
N ASP A 318 -23.14 30.11 -25.18
CA ASP A 318 -22.55 28.85 -25.61
C ASP A 318 -22.47 27.85 -24.46
N PHE A 319 -22.19 28.34 -23.26
CA PHE A 319 -22.03 27.47 -22.10
C PHE A 319 -23.34 27.14 -21.41
N ALA A 320 -24.48 27.61 -21.95
CA ALA A 320 -25.76 27.34 -21.31
C ALA A 320 -26.08 25.84 -21.32
N GLY A 321 -25.55 25.10 -22.29
CA GLY A 321 -25.81 23.68 -22.37
C GLY A 321 -25.16 22.87 -21.28
N SER A 322 -24.12 23.42 -20.63
CA SER A 322 -23.45 22.70 -19.55
C SER A 322 -24.09 22.96 -18.19
N ASN A 323 -25.12 23.81 -18.14
CA ASN A 323 -25.79 24.08 -16.87
C ASN A 323 -26.45 22.82 -16.33
N SER A 324 -27.09 22.04 -17.19
CA SER A 324 -27.72 20.80 -16.76
C SER A 324 -26.68 19.82 -16.23
N GLN A 325 -25.55 19.71 -16.93
CA GLN A 325 -24.48 18.77 -16.53
C GLN A 325 -23.90 19.21 -15.17
N MET A 326 -23.68 20.51 -14.97
CA MET A 326 -23.10 20.98 -13.72
C MET A 326 -24.09 20.85 -12.56
N ALA A 327 -25.38 21.03 -12.85
CA ALA A 327 -26.40 20.76 -11.84
C ALA A 327 -26.48 19.29 -11.48
N GLN A 328 -26.28 18.41 -12.47
CA GLN A 328 -26.22 16.97 -12.19
C GLN A 328 -25.00 16.59 -11.37
N VAL A 329 -23.88 17.29 -11.55
CA VAL A 329 -22.70 17.01 -10.73
C VAL A 329 -22.96 17.34 -9.27
N GLY A 330 -23.61 18.48 -9.01
CA GLY A 330 -23.97 18.87 -7.67
C GLY A 330 -22.93 19.77 -7.01
N ASP A 331 -23.31 20.30 -5.85
CA ASP A 331 -22.45 21.20 -5.10
C ASP A 331 -22.58 20.91 -3.61
N GLY A 332 -21.54 21.30 -2.87
CA GLY A 332 -21.48 21.01 -1.45
C GLY A 332 -20.93 19.63 -1.18
N ASP A 333 -21.85 18.67 -1.03
CA ASP A 333 -21.45 17.25 -0.84
C ASP A 333 -22.57 16.36 -1.41
N ASN A 334 -23.68 16.96 -1.87
CA ASN A 334 -24.80 16.21 -2.43
C ASN A 334 -24.62 16.15 -3.94
N SER A 335 -24.03 15.05 -4.41
CA SER A 335 -23.80 14.86 -5.84
C SER A 335 -24.84 13.91 -6.39
N PRO A 336 -25.77 14.37 -7.23
CA PRO A 336 -26.71 13.44 -7.86
C PRO A 336 -26.04 12.36 -8.68
N LEU A 337 -24.82 12.62 -9.16
CA LEU A 337 -24.06 11.56 -9.88
C LEU A 337 -23.61 10.51 -8.88
N MET A 338 -23.27 10.93 -7.65
CA MET A 338 -22.82 9.97 -6.64
C MET A 338 -23.98 9.25 -5.97
N ASN A 339 -25.13 9.92 -5.85
CA ASN A 339 -26.27 9.32 -5.15
C ASN A 339 -26.85 8.12 -5.89
N ASN A 340 -26.45 7.90 -7.14
CA ASN A 340 -26.91 6.70 -7.85
C ASN A 340 -26.39 5.43 -7.19
N PHE A 341 -25.18 5.48 -6.61
CA PHE A 341 -24.62 4.32 -5.95
C PHE A 341 -25.32 3.99 -4.64
N ARG A 342 -26.02 4.95 -4.05
CA ARG A 342 -26.66 4.72 -2.75
C ARG A 342 -27.77 3.69 -2.83
N GLN A 343 -28.42 3.57 -3.99
CA GLN A 343 -29.50 2.60 -4.13
C GLN A 343 -28.97 1.18 -4.00
N TYR A 344 -27.75 0.92 -4.46
CA TYR A 344 -27.14 -0.39 -4.38
C TYR A 344 -26.25 -0.57 -3.15
N LEU A 345 -26.29 0.36 -2.22
CA LEU A 345 -25.45 0.27 -1.03
C LEU A 345 -25.82 -0.97 -0.23
N PRO A 346 -24.84 -1.78 0.19
CA PRO A 346 -25.17 -2.99 0.95
C PRO A 346 -25.84 -2.66 2.26
N SER A 347 -26.80 -3.50 2.66
CA SER A 347 -27.53 -3.29 3.89
C SER A 347 -26.73 -3.84 5.07
N LEU A 348 -26.62 -3.04 6.12
CA LEU A 348 -25.86 -3.41 7.30
C LEU A 348 -26.74 -3.25 8.54
N PRO A 349 -26.53 -4.09 9.56
CA PRO A 349 -27.37 -4.02 10.76
C PRO A 349 -27.21 -2.69 11.48
N GLN A 350 -28.29 -2.25 12.12
CA GLN A 350 -28.28 -1.03 12.91
C GLN A 350 -27.88 -1.36 14.34
N SER A 351 -26.97 -0.57 14.89
CA SER A 351 -26.45 -0.84 16.22
C SER A 351 -27.52 -0.63 17.27
N VAL A 352 -27.67 -1.62 18.17
CA VAL A 352 -28.65 -1.59 19.24
C VAL A 352 -27.94 -1.88 20.55
N GLU A 353 -28.70 -1.90 21.64
CA GLU A 353 -28.14 -2.21 22.94
C GLU A 353 -27.69 -3.66 23.01
N CYS A 354 -26.80 -3.93 23.95
CA CYS A 354 -26.20 -5.26 24.06
C CYS A 354 -27.16 -6.23 24.71
N ARG A 355 -27.31 -7.41 24.10
CA ARG A 355 -28.12 -8.49 24.66
C ARG A 355 -27.20 -9.67 24.98
N PRO A 356 -27.17 -10.15 26.22
CA PRO A 356 -26.29 -11.28 26.55
C PRO A 356 -26.69 -12.54 25.78
N PHE A 357 -25.68 -13.34 25.43
CA PHE A 357 -25.89 -14.61 24.76
C PHE A 357 -25.88 -15.74 25.78
N VAL A 358 -26.89 -16.60 25.72
CA VAL A 358 -27.08 -17.67 26.69
C VAL A 358 -26.72 -19.00 26.03
N PHE A 359 -25.81 -19.74 26.66
CA PHE A 359 -25.40 -21.08 26.15
C PHE A 359 -26.13 -22.15 26.97
N GLY A 360 -26.68 -23.16 26.30
CA GLY A 360 -27.35 -24.27 27.02
C GLY A 360 -28.44 -23.76 27.95
N ALA A 361 -29.39 -22.98 27.44
CA ALA A 361 -30.46 -22.40 28.28
C ALA A 361 -31.30 -23.51 28.93
N GLY A 362 -31.49 -23.44 30.25
CA GLY A 362 -32.33 -24.44 30.95
C GLY A 362 -31.55 -25.66 31.40
N LYS A 363 -30.29 -25.80 30.97
CA LYS A 363 -29.49 -27.01 31.30
C LYS A 363 -28.62 -26.71 32.53
N PRO A 364 -28.07 -27.73 33.23
CA PRO A 364 -27.18 -27.51 34.38
C PRO A 364 -25.89 -26.76 33.98
N TYR A 365 -25.55 -26.78 32.69
CA TYR A 365 -24.32 -26.10 32.19
C TYR A 365 -24.69 -24.74 31.57
N GLU A 366 -25.65 -24.03 32.18
CA GLU A 366 -26.14 -22.76 31.59
C GLU A 366 -25.26 -21.58 32.00
N PHE A 367 -24.47 -21.03 31.07
CA PHE A 367 -23.72 -19.82 31.35
C PHE A 367 -23.99 -18.81 30.26
N SER A 368 -23.90 -17.53 30.62
CA SER A 368 -24.21 -16.45 29.71
C SER A 368 -23.10 -15.39 29.76
N ILE A 369 -22.85 -14.76 28.61
CA ILE A 369 -21.89 -13.67 28.55
C ILE A 369 -22.46 -12.48 29.31
N ASP A 370 -21.72 -12.01 30.31
CA ASP A 370 -22.24 -11.01 31.24
C ASP A 370 -22.48 -9.65 30.59
N CYS A 371 -21.97 -9.45 29.38
CA CYS A 371 -22.12 -8.23 28.57
C CYS A 371 -21.66 -6.97 29.30
N ASP A 372 -21.01 -7.10 30.45
CA ASP A 372 -20.43 -5.93 31.10
C ASP A 372 -19.14 -5.51 30.41
N LYS A 373 -18.34 -6.47 29.97
CA LYS A 373 -17.12 -6.16 29.23
C LYS A 373 -17.38 -5.88 27.76
N ILE A 374 -18.53 -6.33 27.23
CA ILE A 374 -18.87 -6.01 25.85
C ILE A 374 -19.06 -4.50 25.68
N ASN A 375 -19.62 -3.84 26.70
CA ASN A 375 -19.78 -2.40 26.63
C ASN A 375 -18.44 -1.68 26.65
N LEU A 376 -17.50 -2.17 27.46
CA LEU A 376 -16.16 -1.58 27.48
C LEU A 376 -15.48 -1.76 26.12
N PHE A 377 -15.60 -2.96 25.53
CA PHE A 377 -15.04 -3.17 24.21
C PHE A 377 -15.71 -2.28 23.18
N ARG A 378 -17.03 -2.06 23.33
CA ARG A 378 -17.78 -1.21 22.38
C ARG A 378 -17.27 0.23 22.50
N GLY A 379 -16.95 0.68 23.71
CA GLY A 379 -16.39 2.02 23.89
C GLY A 379 -15.03 2.17 23.25
N VAL A 380 -14.14 1.20 23.49
CA VAL A 380 -12.81 1.31 22.89
C VAL A 380 -12.88 1.17 21.37
N PHE A 381 -13.81 0.35 20.87
CA PHE A 381 -13.99 0.22 19.42
C PHE A 381 -14.47 1.52 18.81
N ALA A 382 -15.40 2.20 19.48
CA ALA A 382 -15.85 3.50 19.02
C ALA A 382 -14.70 4.50 18.99
N PHE A 383 -13.86 4.49 20.02
CA PHE A 383 -12.71 5.38 20.04
C PHE A 383 -11.76 5.10 18.87
N LEU A 384 -11.48 3.82 18.60
CA LEU A 384 -10.58 3.48 17.51
C LEU A 384 -11.17 3.88 16.16
N LEU A 385 -12.47 3.65 15.97
CA LEU A 385 -13.13 4.07 14.73
C LEU A 385 -13.05 5.57 14.55
N TYR A 386 -13.24 6.34 15.62
CA TYR A 386 -13.07 7.81 15.49
C TYR A 386 -11.65 8.14 15.05
N VAL A 387 -10.64 7.71 15.81
CA VAL A 387 -9.23 8.06 15.51
C VAL A 387 -8.90 7.65 14.07
N ALA A 388 -9.49 6.58 13.56
CA ALA A 388 -9.21 6.25 12.17
C ALA A 388 -9.89 7.22 11.22
N THR A 389 -11.16 7.52 11.47
CA THR A 389 -11.89 8.44 10.60
C THR A 389 -11.33 9.85 10.65
N PHE A 390 -10.95 10.31 11.84
CA PHE A 390 -10.36 11.64 11.96
C PHE A 390 -9.05 11.74 11.21
N MET A 391 -8.19 10.73 11.34
CA MET A 391 -6.93 10.74 10.60
C MET A 391 -7.18 10.70 9.11
N TYR A 392 -8.16 9.89 8.67
CA TYR A 392 -8.47 9.82 7.25
C TYR A 392 -8.93 11.18 6.71
N VAL A 393 -9.81 11.86 7.45
CA VAL A 393 -10.30 13.16 6.98
C VAL A 393 -9.18 14.20 6.99
N PHE A 394 -8.35 14.19 8.03
CA PHE A 394 -7.25 15.14 8.11
C PHE A 394 -6.29 14.98 6.94
N SER A 395 -5.91 13.72 6.66
CA SER A 395 -5.00 13.46 5.51
C SER A 395 -5.72 13.76 4.20
N THR A 396 -7.02 13.51 4.12
CA THR A 396 -7.81 13.83 2.90
C THR A 396 -7.69 15.32 2.61
N PHE A 397 -7.91 16.18 3.62
CA PHE A 397 -7.81 17.61 3.38
C PHE A 397 -6.37 18.04 3.14
N ALA A 398 -5.40 17.42 3.82
CA ALA A 398 -4.01 17.80 3.63
C ALA A 398 -3.48 17.42 2.25
N ASN A 399 -4.11 16.48 1.55
CA ASN A 399 -3.61 16.02 0.25
C ASN A 399 -4.66 16.26 -0.82
N ILE A 400 -5.24 17.47 -0.84
CA ILE A 400 -6.20 17.80 -1.88
C ILE A 400 -5.50 18.23 -3.17
N LEU A 401 -4.43 19.03 -3.06
CA LEU A 401 -3.72 19.43 -4.26
C LEU A 401 -2.86 18.30 -4.82
N ARG A 402 -2.41 17.38 -3.97
CA ARG A 402 -1.70 16.21 -4.45
C ARG A 402 -2.67 15.28 -5.18
N ASN A 403 -2.24 14.76 -6.32
CA ASN A 403 -3.16 13.92 -7.14
C ASN A 403 -3.29 12.54 -6.48
N LYS A 404 -3.87 12.48 -5.28
CA LYS A 404 -3.96 11.20 -4.52
C LYS A 404 -5.41 10.93 -4.10
N GLU A 405 -5.75 9.65 -3.91
CA GLU A 405 -7.15 9.26 -3.57
C GLU A 405 -7.53 9.81 -2.20
N SER A 406 -8.72 10.41 -2.09
CA SER A 406 -9.18 11.01 -0.81
C SER A 406 -10.70 11.11 -0.80
N ASP B 28 -21.85 -30.50 56.37
CA ASP B 28 -20.89 -31.38 55.70
C ASP B 28 -19.65 -30.60 55.26
N PRO B 29 -18.47 -31.15 55.54
CA PRO B 29 -17.23 -30.47 55.13
C PRO B 29 -17.09 -30.31 53.63
N ALA B 30 -17.66 -31.23 52.85
CA ALA B 30 -17.49 -31.18 51.40
C ALA B 30 -18.08 -29.92 50.80
N LYS B 31 -19.30 -29.56 51.20
CA LYS B 31 -19.93 -28.37 50.64
C LYS B 31 -19.20 -27.11 51.06
N ALA B 32 -18.71 -27.06 52.30
CA ALA B 32 -17.93 -25.91 52.74
C ALA B 32 -16.66 -25.77 51.94
N ALA B 33 -15.97 -26.88 51.68
CA ALA B 33 -14.76 -26.83 50.86
C ALA B 33 -15.08 -26.37 49.44
N PHE B 34 -16.18 -26.86 48.87
CA PHE B 34 -16.55 -26.46 47.52
C PHE B 34 -16.87 -24.97 47.45
N ASN B 35 -17.59 -24.44 48.46
CA ASN B 35 -17.89 -23.02 48.48
C ASN B 35 -16.61 -22.19 48.65
N SER B 36 -15.68 -22.65 49.47
CA SER B 36 -14.41 -21.94 49.62
C SER B 36 -13.65 -21.92 48.30
N LEU B 37 -13.63 -23.04 47.59
CA LEU B 37 -12.97 -23.09 46.29
C LEU B 37 -13.64 -22.15 45.29
N GLN B 38 -14.98 -22.09 45.30
CA GLN B 38 -15.69 -21.18 44.40
C GLN B 38 -15.36 -19.73 44.72
N ALA B 39 -15.29 -19.38 46.00
CA ALA B 39 -14.93 -18.01 46.38
C ALA B 39 -13.52 -17.66 45.94
N SER B 40 -12.58 -18.59 46.13
CA SER B 40 -11.22 -18.37 45.67
C SER B 40 -11.17 -18.17 44.15
N ALA B 41 -11.93 -18.98 43.42
CA ALA B 41 -11.99 -18.83 41.98
C ALA B 41 -12.54 -17.46 41.58
N THR B 42 -13.57 -16.99 42.30
CA THR B 42 -14.13 -15.68 42.00
C THR B 42 -13.11 -14.57 42.22
N GLU B 43 -12.35 -14.65 43.31
CA GLU B 43 -11.30 -13.65 43.54
C GLU B 43 -10.26 -13.68 42.43
N TYR B 44 -9.83 -14.89 42.03
CA TYR B 44 -8.88 -15.01 40.94
C TYR B 44 -9.44 -14.40 39.65
N ILE B 45 -10.73 -14.61 39.39
CA ILE B 45 -11.35 -14.08 38.18
C ILE B 45 -11.34 -12.56 38.20
N GLY B 46 -11.66 -11.95 39.35
CA GLY B 46 -11.64 -10.50 39.43
C GLY B 46 -10.25 -9.93 39.19
N TYR B 47 -9.24 -10.51 39.83
CA TYR B 47 -7.88 -10.02 39.63
C TYR B 47 -7.43 -10.21 38.19
N ALA B 48 -7.78 -11.36 37.59
CA ALA B 48 -7.42 -11.60 36.20
C ALA B 48 -8.09 -10.61 35.26
N TRP B 49 -9.35 -10.26 35.54
CA TRP B 49 -10.02 -9.25 34.72
C TRP B 49 -9.31 -7.91 34.79
N ALA B 50 -8.92 -7.49 36.00
CA ALA B 50 -8.20 -6.23 36.12
C ALA B 50 -6.89 -6.26 35.32
N MET B 51 -6.12 -7.34 35.48
CA MET B 51 -4.82 -7.40 34.82
C MET B 51 -4.96 -7.48 33.30
N VAL B 52 -5.95 -8.22 32.81
CA VAL B 52 -6.15 -8.30 31.37
C VAL B 52 -6.61 -6.96 30.82
N VAL B 53 -7.40 -6.20 31.56
CA VAL B 53 -7.78 -4.86 31.09
C VAL B 53 -6.55 -3.99 30.95
N VAL B 54 -5.65 -4.03 31.94
CA VAL B 54 -4.43 -3.23 31.86
C VAL B 54 -3.59 -3.63 30.65
N ILE B 55 -3.40 -4.94 30.45
CA ILE B 55 -2.55 -5.39 29.36
C ILE B 55 -3.18 -5.07 28.01
N VAL B 56 -4.51 -5.17 27.91
CA VAL B 56 -5.22 -4.81 26.69
C VAL B 56 -5.03 -3.33 26.38
N GLY B 57 -5.12 -2.48 27.41
CA GLY B 57 -4.86 -1.06 27.19
C GLY B 57 -3.46 -0.81 26.67
N ALA B 58 -2.48 -1.51 27.23
CA ALA B 58 -1.11 -1.37 26.74
C ALA B 58 -0.99 -1.78 25.28
N THR B 59 -1.59 -2.91 24.91
CA THR B 59 -1.52 -3.37 23.52
C THR B 59 -2.16 -2.36 22.58
N ILE B 60 -3.31 -1.81 22.95
CA ILE B 60 -3.98 -0.82 22.12
C ILE B 60 -3.12 0.42 21.96
N GLY B 61 -2.50 0.87 23.04
CA GLY B 61 -1.62 2.03 22.95
C GLY B 61 -0.46 1.80 22.01
N ILE B 62 0.19 0.64 22.11
CA ILE B 62 1.31 0.32 21.23
C ILE B 62 0.85 0.34 19.78
N LYS B 63 -0.28 -0.30 19.49
CA LYS B 63 -0.70 -0.37 18.06
C LYS B 63 -1.07 1.04 17.58
N LEU B 64 -1.77 1.85 18.38
CA LEU B 64 -2.15 3.18 17.90
C LEU B 64 -0.94 4.05 17.62
N PHE B 65 0.04 4.04 18.53
CA PHE B 65 1.18 4.93 18.33
C PHE B 65 2.20 4.38 17.34
N LYS B 66 2.04 3.15 16.88
CA LYS B 66 2.95 2.67 15.80
C LYS B 66 2.19 2.87 14.48
N LYS B 67 0.88 2.62 14.47
CA LYS B 67 0.05 2.79 13.26
C LYS B 67 0.18 4.23 12.78
N PHE B 68 0.15 5.21 13.69
CA PHE B 68 0.22 6.60 13.19
C PHE B 68 1.42 6.75 12.25
N THR B 69 2.62 6.57 12.80
CA THR B 69 3.87 6.76 11.99
C THR B 69 3.85 5.83 10.76
N SER B 70 3.45 4.56 10.94
CA SER B 70 3.50 3.61 9.81
C SER B 70 2.61 4.07 8.64
N LYS B 71 1.38 4.48 8.94
CA LYS B 71 0.43 4.93 7.89
C LYS B 71 0.92 6.26 7.31
N ALA B 72 1.50 7.13 8.13
CA ALA B 72 2.08 8.39 7.63
C ALA B 72 3.02 8.05 6.48
N SER B 73 3.81 6.97 6.61
CA SER B 73 4.78 6.63 5.54
C SER B 73 4.31 5.38 4.77
N ASP C 28 -31.08 -55.30 54.40
CA ASP C 28 -29.75 -55.39 53.81
C ASP C 28 -29.07 -54.02 53.81
N PRO C 29 -28.07 -53.85 54.69
CA PRO C 29 -27.39 -52.55 54.78
C PRO C 29 -26.67 -52.15 53.52
N ALA C 30 -26.28 -53.11 52.66
CA ALA C 30 -25.52 -52.78 51.47
C ALA C 30 -26.31 -51.90 50.52
N LYS C 31 -27.60 -52.19 50.35
CA LYS C 31 -28.43 -51.39 49.44
C LYS C 31 -28.53 -49.94 49.92
N ALA C 32 -28.77 -49.75 51.22
CA ALA C 32 -28.84 -48.39 51.77
C ALA C 32 -27.50 -47.69 51.65
N ALA C 33 -26.39 -48.41 51.87
CA ALA C 33 -25.08 -47.81 51.72
C ALA C 33 -24.84 -47.37 50.28
N PHE C 34 -25.22 -48.20 49.32
CA PHE C 34 -25.05 -47.84 47.92
C PHE C 34 -25.88 -46.61 47.57
N ASN C 35 -27.11 -46.55 48.08
CA ASN C 35 -27.95 -45.37 47.84
C ASN C 35 -27.33 -44.12 48.43
N SER C 36 -26.76 -44.23 49.64
CA SER C 36 -26.14 -43.08 50.27
C SER C 36 -24.92 -42.60 49.47
N LEU C 37 -24.10 -43.54 49.00
CA LEU C 37 -22.96 -43.15 48.18
C LEU C 37 -23.41 -42.52 46.87
N GLN C 38 -24.49 -43.03 46.28
CA GLN C 38 -25.01 -42.43 45.06
C GLN C 38 -25.48 -40.99 45.30
N ALA C 39 -26.18 -40.76 46.41
CA ALA C 39 -26.61 -39.40 46.73
C ALA C 39 -25.43 -38.47 46.95
N SER C 40 -24.40 -38.96 47.65
CA SER C 40 -23.20 -38.16 47.86
C SER C 40 -22.53 -37.83 46.52
N ALA C 41 -22.46 -38.82 45.62
CA ALA C 41 -21.87 -38.57 44.31
C ALA C 41 -22.69 -37.54 43.54
N THR C 42 -24.02 -37.61 43.64
CA THR C 42 -24.86 -36.64 42.95
C THR C 42 -24.62 -35.22 43.45
N GLU C 43 -24.53 -35.06 44.77
CA GLU C 43 -24.29 -33.71 45.29
C GLU C 43 -22.89 -33.22 44.92
N TYR C 44 -21.90 -34.12 44.90
CA TYR C 44 -20.57 -33.75 44.41
C TYR C 44 -20.64 -33.30 42.96
N ILE C 45 -21.41 -34.00 42.13
CA ILE C 45 -21.56 -33.63 40.74
C ILE C 45 -22.19 -32.26 40.60
N GLY C 46 -23.20 -31.96 41.44
CA GLY C 46 -23.81 -30.64 41.40
C GLY C 46 -22.83 -29.53 41.74
N TYR C 47 -22.04 -29.72 42.81
CA TYR C 47 -21.06 -28.71 43.17
C TYR C 47 -20.02 -28.53 42.07
N ALA C 48 -19.54 -29.65 41.51
CA ALA C 48 -18.55 -29.58 40.44
C ALA C 48 -19.11 -28.86 39.22
N TRP C 49 -20.38 -29.11 38.89
CA TRP C 49 -21.01 -28.44 37.77
C TRP C 49 -21.07 -26.93 38.00
N ALA C 50 -21.45 -26.51 39.21
CA ALA C 50 -21.48 -25.08 39.51
C ALA C 50 -20.10 -24.46 39.33
N MET C 51 -19.07 -25.08 39.91
CA MET C 51 -17.73 -24.51 39.84
C MET C 51 -17.23 -24.46 38.40
N VAL C 52 -17.44 -25.53 37.64
CA VAL C 52 -16.93 -25.55 36.27
C VAL C 52 -17.68 -24.55 35.41
N VAL C 53 -18.98 -24.35 35.65
CA VAL C 53 -19.70 -23.32 34.91
C VAL C 53 -19.11 -21.95 35.18
N VAL C 54 -18.81 -21.65 36.45
CA VAL C 54 -18.21 -20.36 36.77
C VAL C 54 -16.87 -20.20 36.05
N ILE C 55 -16.03 -21.23 36.13
CA ILE C 55 -14.68 -21.14 35.57
C ILE C 55 -14.74 -20.98 34.05
N VAL C 56 -15.56 -21.78 33.38
CA VAL C 56 -15.64 -21.72 31.94
C VAL C 56 -16.25 -20.40 31.47
N GLY C 57 -17.24 -19.89 32.21
CA GLY C 57 -17.79 -18.58 31.87
C GLY C 57 -16.74 -17.49 31.93
N ALA C 58 -15.94 -17.48 33.01
CA ALA C 58 -14.87 -16.48 33.11
C ALA C 58 -13.86 -16.63 31.99
N THR C 59 -13.46 -17.88 31.70
CA THR C 59 -12.48 -18.10 30.63
C THR C 59 -13.00 -17.63 29.29
N ILE C 60 -14.26 -17.94 28.97
CA ILE C 60 -14.84 -17.53 27.70
C ILE C 60 -14.92 -16.00 27.63
N GLY C 61 -15.32 -15.36 28.74
CA GLY C 61 -15.38 -13.90 28.73
C GLY C 61 -14.03 -13.26 28.46
N ILE C 62 -12.99 -13.74 29.16
CA ILE C 62 -11.65 -13.18 28.95
C ILE C 62 -11.17 -13.43 27.53
N LYS C 63 -11.37 -14.65 27.02
CA LYS C 63 -10.92 -14.98 25.67
C LYS C 63 -11.62 -14.14 24.62
N LEU C 64 -12.93 -13.95 24.77
CA LEU C 64 -13.67 -13.14 23.81
C LEU C 64 -13.23 -11.68 23.87
N PHE C 65 -13.01 -11.15 25.07
CA PHE C 65 -12.53 -9.79 25.19
C PHE C 65 -11.19 -9.62 24.48
N LYS C 66 -10.26 -10.54 24.72
CA LYS C 66 -8.92 -10.45 24.08
C LYS C 66 -9.06 -10.56 22.56
N LYS C 67 -9.88 -11.49 22.07
CA LYS C 67 -10.03 -11.66 20.63
C LYS C 67 -10.63 -10.42 19.98
N PHE C 68 -11.71 -9.90 20.57
CA PHE C 68 -12.36 -8.73 20.00
C PHE C 68 -11.43 -7.53 19.98
N THR C 69 -10.69 -7.30 21.07
CA THR C 69 -9.76 -6.19 21.08
C THR C 69 -8.64 -6.37 20.06
N SER C 70 -8.12 -7.59 19.94
CA SER C 70 -7.06 -7.83 18.96
C SER C 70 -7.54 -7.58 17.55
N LYS C 71 -8.77 -8.01 17.23
CA LYS C 71 -9.29 -7.77 15.89
C LYS C 71 -9.63 -6.30 15.67
N ALA C 72 -10.01 -5.58 16.72
CA ALA C 72 -10.44 -4.20 16.55
C ALA C 72 -9.29 -3.28 16.15
N SER C 73 -8.10 -3.52 16.68
CA SER C 73 -6.96 -2.67 16.39
C SER C 73 -5.94 -3.37 15.49
N ALA D 30 -25.17 -75.96 51.17
CA ALA D 30 -24.03 -75.86 50.26
C ALA D 30 -24.45 -75.20 48.95
N LYS D 31 -25.32 -75.90 48.20
CA LYS D 31 -25.78 -75.36 46.92
C LYS D 31 -26.60 -74.09 47.13
N ALA D 32 -27.43 -74.07 48.18
CA ALA D 32 -28.22 -72.88 48.48
C ALA D 32 -27.33 -71.69 48.81
N ALA D 33 -26.23 -71.95 49.53
CA ALA D 33 -25.28 -70.87 49.82
C ALA D 33 -24.67 -70.31 48.55
N PHE D 34 -24.28 -71.18 47.62
CA PHE D 34 -23.72 -70.71 46.35
C PHE D 34 -24.75 -69.92 45.56
N ASN D 35 -26.00 -70.38 45.54
CA ASN D 35 -27.05 -69.65 44.84
C ASN D 35 -27.26 -68.27 45.45
N SER D 36 -27.30 -68.20 46.78
CA SER D 36 -27.48 -66.92 47.45
C SER D 36 -26.31 -65.97 47.17
N LEU D 37 -25.08 -66.51 47.18
CA LEU D 37 -23.91 -65.68 46.89
C LEU D 37 -23.96 -65.16 45.45
N GLN D 38 -24.34 -66.02 44.51
CA GLN D 38 -24.45 -65.58 43.12
C GLN D 38 -25.51 -64.49 42.98
N ALA D 39 -26.66 -64.66 43.62
CA ALA D 39 -27.70 -63.64 43.53
C ALA D 39 -27.22 -62.32 44.14
N SER D 40 -26.65 -62.39 45.34
CA SER D 40 -26.17 -61.15 46.01
C SER D 40 -25.13 -60.48 45.14
N ALA D 41 -24.23 -61.27 44.53
CA ALA D 41 -23.18 -60.71 43.65
C ALA D 41 -23.84 -59.92 42.52
N THR D 42 -24.83 -60.52 41.85
CA THR D 42 -25.50 -59.84 40.70
C THR D 42 -26.24 -58.59 41.20
N GLU D 43 -26.87 -58.66 42.37
CA GLU D 43 -27.55 -57.47 42.95
C GLU D 43 -26.52 -56.34 43.11
N TYR D 44 -25.35 -56.65 43.66
CA TYR D 44 -24.30 -55.61 43.87
C TYR D 44 -23.80 -55.09 42.52
N ILE D 45 -23.63 -55.98 41.53
CA ILE D 45 -23.19 -55.55 40.17
C ILE D 45 -24.22 -54.56 39.63
N GLY D 46 -25.52 -54.86 39.81
CA GLY D 46 -26.57 -53.92 39.37
C GLY D 46 -26.41 -52.56 40.00
N TYR D 47 -26.06 -52.51 41.29
CA TYR D 47 -25.87 -51.24 41.98
C TYR D 47 -24.58 -50.56 41.54
N ALA D 48 -23.50 -51.35 41.36
CA ALA D 48 -22.24 -50.77 40.90
C ALA D 48 -22.40 -50.14 39.52
N TRP D 49 -23.13 -50.81 38.63
CA TRP D 49 -23.39 -50.23 37.31
C TRP D 49 -24.22 -48.96 37.43
N ALA D 50 -25.26 -48.98 38.28
CA ALA D 50 -26.12 -47.81 38.43
C ALA D 50 -25.34 -46.63 39.01
N MET D 51 -24.27 -46.89 39.75
CA MET D 51 -23.44 -45.80 40.25
C MET D 51 -22.45 -45.32 39.18
N VAL D 52 -21.78 -46.26 38.52
CA VAL D 52 -20.72 -45.88 37.58
C VAL D 52 -21.31 -45.17 36.38
N VAL D 53 -22.55 -45.47 36.00
CA VAL D 53 -23.13 -44.75 34.87
C VAL D 53 -23.25 -43.27 35.20
N VAL D 54 -23.69 -42.95 36.42
CA VAL D 54 -23.83 -41.55 36.82
C VAL D 54 -22.46 -40.88 36.88
N ILE D 55 -21.49 -41.55 37.50
CA ILE D 55 -20.16 -40.95 37.64
C ILE D 55 -19.53 -40.68 36.28
N VAL D 56 -19.57 -41.68 35.40
CA VAL D 56 -18.98 -41.55 34.08
C VAL D 56 -19.72 -40.51 33.25
N GLY D 57 -21.05 -40.46 33.36
CA GLY D 57 -21.81 -39.45 32.66
C GLY D 57 -21.41 -38.05 33.08
N ALA D 58 -21.24 -37.83 34.39
CA ALA D 58 -20.82 -36.52 34.85
C ALA D 58 -19.44 -36.16 34.34
N THR D 59 -18.49 -37.11 34.41
CA THR D 59 -17.14 -36.83 33.96
C THR D 59 -17.11 -36.49 32.47
N ILE D 60 -17.76 -37.32 31.65
CA ILE D 60 -17.78 -37.08 30.21
C ILE D 60 -18.52 -35.79 29.88
N GLY D 61 -19.58 -35.48 30.64
CA GLY D 61 -20.27 -34.22 30.41
C GLY D 61 -19.38 -33.02 30.65
N ILE D 62 -18.63 -33.03 31.75
CA ILE D 62 -17.72 -31.93 32.03
C ILE D 62 -16.65 -31.83 30.94
N LYS D 63 -16.10 -32.98 30.54
CA LYS D 63 -15.06 -32.98 29.51
C LYS D 63 -15.58 -32.40 28.20
N LEU D 64 -16.73 -32.88 27.73
CA LEU D 64 -17.29 -32.40 26.47
C LEU D 64 -17.70 -30.94 26.56
N PHE D 65 -18.23 -30.52 27.72
CA PHE D 65 -18.58 -29.11 27.91
C PHE D 65 -17.37 -28.22 27.73
N LYS D 66 -16.28 -28.54 28.43
CA LYS D 66 -15.06 -27.74 28.30
C LYS D 66 -14.55 -27.75 26.87
N LYS D 67 -14.50 -28.94 26.25
CA LYS D 67 -13.96 -29.06 24.91
C LYS D 67 -14.76 -28.22 23.90
N PHE D 68 -16.09 -28.30 23.97
CA PHE D 68 -16.91 -27.61 22.98
C PHE D 68 -17.00 -26.11 23.25
N THR D 69 -17.03 -25.68 24.50
CA THR D 69 -17.00 -24.25 24.76
C THR D 69 -15.65 -23.65 24.35
N SER D 70 -14.57 -24.43 24.45
CA SER D 70 -13.29 -23.94 23.95
C SER D 70 -13.28 -23.89 22.43
N LYS D 71 -13.79 -24.94 21.78
CA LYS D 71 -13.76 -25.02 20.30
C LYS D 71 -14.62 -23.92 19.68
N ALA D 72 -15.80 -23.63 20.28
CA ALA D 72 -16.71 -22.67 19.67
C ALA D 72 -16.17 -21.24 19.76
N SER D 73 -15.45 -20.91 20.81
CA SER D 73 -14.89 -19.57 20.95
C SER D 73 -13.51 -19.47 20.30
N PRO E 2 8.39 72.48 -45.79
CA PRO E 2 8.58 72.46 -47.25
C PRO E 2 8.01 71.20 -47.89
N VAL E 3 6.76 70.88 -47.57
CA VAL E 3 6.10 69.68 -48.07
C VAL E 3 4.70 70.03 -48.54
N LEU E 4 4.14 69.16 -49.37
CA LEU E 4 2.80 69.38 -49.90
C LEU E 4 1.76 69.29 -48.79
N LEU E 5 0.59 69.85 -49.06
CA LEU E 5 -0.51 69.81 -48.10
C LEU E 5 -1.02 68.38 -47.95
N GLY E 6 -1.43 68.04 -46.73
CA GLY E 6 -1.98 66.74 -46.42
C GLY E 6 -1.00 65.76 -45.81
N ILE E 7 0.30 65.96 -46.02
CA ILE E 7 1.28 65.07 -45.40
C ILE E 7 1.25 65.18 -43.88
N PRO E 8 1.30 66.37 -43.25
CA PRO E 8 1.19 66.40 -41.79
C PRO E 8 -0.11 65.83 -41.27
N LEU E 9 -1.22 66.07 -41.98
CA LEU E 9 -2.50 65.51 -41.55
C LEU E 9 -2.48 63.99 -41.63
N LEU E 10 -1.87 63.44 -42.69
CA LEU E 10 -1.75 61.99 -42.80
C LEU E 10 -0.90 61.42 -41.67
N LEU E 11 0.20 62.08 -41.34
CA LEU E 11 1.05 61.60 -40.26
C LEU E 11 0.32 61.65 -38.92
N ARG E 12 -0.43 62.73 -38.67
CA ARG E 12 -1.21 62.82 -37.44
C ARG E 12 -2.26 61.71 -37.38
N PHE E 13 -2.90 61.41 -38.52
CA PHE E 13 -3.88 60.35 -38.55
C PHE E 13 -3.24 58.99 -38.25
N LEU E 14 -2.05 58.74 -38.80
CA LEU E 14 -1.36 57.48 -38.51
C LEU E 14 -1.03 57.38 -37.03
N GLY E 15 -0.51 58.46 -36.44
CA GLY E 15 -0.22 58.44 -35.02
C GLY E 15 -1.47 58.21 -34.17
N PHE E 16 -2.58 58.85 -34.55
CA PHE E 16 -3.82 58.66 -33.83
C PHE E 16 -4.30 57.22 -33.92
N LEU E 17 -4.20 56.61 -35.09
CA LEU E 17 -4.59 55.22 -35.25
C LEU E 17 -3.73 54.31 -34.36
N LEU E 18 -2.42 54.54 -34.35
CA LEU E 18 -1.55 53.71 -33.52
C LEU E 18 -1.89 53.87 -32.04
N VAL E 19 -2.14 55.10 -31.60
CA VAL E 19 -2.47 55.35 -30.20
C VAL E 19 -3.77 54.64 -29.83
N THR E 20 -4.79 54.74 -30.68
CA THR E 20 -6.07 54.09 -30.39
C THR E 20 -5.92 52.57 -30.32
N LEU E 21 -5.20 51.98 -31.27
CA LEU E 21 -5.02 50.53 -31.25
C LEU E 21 -4.26 50.07 -30.00
N PHE E 22 -3.21 50.80 -29.63
CA PHE E 22 -2.43 50.39 -28.48
C PHE E 22 -3.23 50.57 -27.18
N GLY E 23 -4.10 51.60 -27.12
CA GLY E 23 -5.00 51.72 -25.99
C GLY E 23 -5.98 50.57 -25.89
N TYR E 24 -6.50 50.11 -27.03
CA TYR E 24 -7.34 48.93 -27.02
C TYR E 24 -6.58 47.72 -26.47
N LEU E 25 -5.32 47.57 -26.90
CA LEU E 25 -4.50 46.48 -26.39
C LEU E 25 -4.32 46.57 -24.88
N LEU E 26 -4.11 47.77 -24.36
CA LEU E 26 -3.99 47.96 -22.92
C LEU E 26 -5.27 47.55 -22.19
N THR E 27 -6.42 47.94 -22.73
CA THR E 27 -7.68 47.56 -22.11
C THR E 27 -7.85 46.05 -22.07
N PHE E 28 -7.52 45.38 -23.17
CA PHE E 28 -7.64 43.92 -23.19
C PHE E 28 -6.67 43.26 -22.20
N LEU E 29 -5.46 43.82 -22.05
CA LEU E 29 -4.52 43.30 -21.07
C LEU E 29 -5.09 43.41 -19.65
N LYS E 30 -5.70 44.55 -19.33
CA LYS E 30 -6.31 44.70 -18.01
C LYS E 30 -7.46 43.71 -17.81
N LYS E 31 -8.23 43.46 -18.88
CA LYS E 31 -9.28 42.45 -18.79
C LYS E 31 -8.69 41.07 -18.46
N GLY E 32 -7.59 40.71 -19.11
CA GLY E 32 -6.95 39.43 -18.82
C GLY E 32 -6.46 39.34 -17.39
N PHE E 33 -5.88 40.42 -16.87
CA PHE E 33 -5.44 40.42 -15.48
C PHE E 33 -6.62 40.24 -14.53
N GLY E 34 -7.73 40.90 -14.81
CA GLY E 34 -8.93 40.68 -14.01
C GLY E 34 -9.40 39.24 -14.05
N LYS E 35 -9.30 38.61 -15.23
CA LYS E 35 -9.67 37.20 -15.34
C LYS E 35 -8.78 36.33 -14.45
N ILE E 36 -7.47 36.61 -14.44
CA ILE E 36 -6.56 35.83 -13.60
C ILE E 36 -6.91 36.00 -12.12
N ALA E 37 -7.20 37.23 -11.71
CA ALA E 37 -7.58 37.46 -10.32
C ALA E 37 -8.84 36.71 -9.95
N ILE E 38 -9.83 36.71 -10.85
CA ILE E 38 -11.08 35.98 -10.59
C ILE E 38 -10.80 34.49 -10.43
N ALA E 39 -9.93 33.94 -11.28
CA ALA E 39 -9.61 32.53 -11.19
C ALA E 39 -8.96 32.19 -9.84
N ILE E 40 -8.01 33.02 -9.41
CA ILE E 40 -7.35 32.75 -8.13
C ILE E 40 -8.35 32.81 -6.99
N SER E 41 -9.24 33.81 -7.02
CA SER E 41 -10.25 33.94 -5.97
C SER E 41 -11.15 32.71 -5.91
N LEU E 42 -11.58 32.22 -7.08
CA LEU E 42 -12.45 31.05 -7.12
C LEU E 42 -11.74 29.83 -6.56
N PHE E 43 -10.47 29.63 -6.92
CA PHE E 43 -9.72 28.48 -6.44
C PHE E 43 -9.60 28.49 -4.91
N LEU E 44 -9.22 29.64 -4.35
CA LEU E 44 -9.08 29.71 -2.90
C LEU E 44 -10.43 29.54 -2.19
N ALA E 45 -11.50 30.11 -2.78
CA ALA E 45 -12.82 29.95 -2.19
C ALA E 45 -13.26 28.49 -2.17
N LEU E 46 -12.98 27.76 -3.25
CA LEU E 46 -13.30 26.34 -3.27
C LEU E 46 -12.56 25.58 -2.17
N ILE E 47 -11.27 25.89 -1.99
CA ILE E 47 -10.53 25.23 -0.91
C ILE E 47 -11.17 25.52 0.45
N ILE E 48 -11.53 26.79 0.68
CA ILE E 48 -12.09 27.14 1.99
C ILE E 48 -13.42 26.45 2.22
N GLY E 49 -14.26 26.37 1.19
CA GLY E 49 -15.54 25.69 1.34
C GLY E 49 -15.37 24.21 1.63
N LEU E 50 -14.44 23.56 0.93
CA LEU E 50 -14.17 22.15 1.21
C LEU E 50 -13.72 21.96 2.66
N ASN E 51 -12.84 22.85 3.14
CA ASN E 51 -12.41 22.77 4.53
C ASN E 51 -13.59 22.90 5.48
N SER E 52 -14.49 23.84 5.20
CA SER E 52 -15.63 24.03 6.09
C SER E 52 -16.49 22.77 6.17
N ILE E 53 -16.76 22.14 5.02
CA ILE E 53 -17.56 20.92 5.03
C ILE E 53 -16.86 19.81 5.80
N LEU E 54 -15.56 19.63 5.55
CA LEU E 54 -14.83 18.54 6.20
C LEU E 54 -14.79 18.74 7.72
N VAL E 55 -14.63 19.97 8.18
CA VAL E 55 -14.52 20.21 9.65
C VAL E 55 -15.86 19.86 10.31
N GLY E 56 -16.98 20.14 9.64
CA GLY E 56 -18.31 19.90 10.21
C GLY E 56 -18.62 18.44 10.48
N TYR E 57 -18.21 17.54 9.58
CA TYR E 57 -18.52 16.09 9.72
C TYR E 57 -17.98 15.53 11.03
N LEU E 58 -16.80 15.98 11.44
CA LEU E 58 -16.13 15.40 12.64
C LEU E 58 -16.90 15.67 13.94
N SER E 59 -17.92 16.53 13.94
CA SER E 59 -18.55 16.75 15.25
C SER E 59 -19.40 15.55 15.67
N ASP E 60 -20.11 14.94 14.71
CA ASP E 60 -21.09 13.92 15.06
C ASP E 60 -20.42 12.65 15.58
N ILE E 61 -19.38 12.18 14.90
CA ILE E 61 -18.82 10.85 15.14
C ILE E 61 -17.81 10.86 16.27
N SER E 62 -17.74 11.96 17.01
CA SER E 62 -16.73 12.09 18.05
C SER E 62 -16.92 11.03 19.14
N ALA E 63 -15.80 10.50 19.63
CA ALA E 63 -15.82 9.52 20.72
C ALA E 63 -14.52 9.65 21.51
N GLN E 64 -14.54 9.13 22.72
CA GLN E 64 -13.42 9.27 23.64
C GLN E 64 -13.01 7.90 24.18
N LEU E 65 -11.73 7.78 24.50
CA LEU E 65 -11.22 6.56 25.12
C LEU E 65 -11.83 6.41 26.51
N PRO E 66 -12.33 5.24 26.87
CA PRO E 66 -12.94 5.06 28.19
C PRO E 66 -11.93 5.28 29.31
N SER E 67 -12.46 5.32 30.54
CA SER E 67 -11.60 5.52 31.70
C SER E 67 -10.59 4.40 31.84
N ASP E 68 -10.99 3.17 31.54
CA ASP E 68 -10.06 2.06 31.51
C ASP E 68 -9.15 2.20 30.30
N PHE E 69 -8.13 1.33 30.26
CA PHE E 69 -7.09 1.31 29.21
C PHE E 69 -6.17 2.51 29.34
N VAL E 70 -6.50 3.44 30.24
CA VAL E 70 -5.61 4.58 30.50
C VAL E 70 -4.37 4.10 31.25
N GLN E 71 -4.56 3.19 32.20
CA GLN E 71 -3.44 2.73 33.02
C GLN E 71 -2.38 2.05 32.17
N GLY E 72 -2.79 1.17 31.25
CA GLY E 72 -1.83 0.50 30.41
C GLY E 72 -1.11 1.44 29.46
N VAL E 73 -1.86 2.36 28.85
CA VAL E 73 -1.24 3.31 27.91
C VAL E 73 -0.21 4.16 28.64
N GLN E 74 -0.56 4.65 29.83
CA GLN E 74 0.42 5.40 30.62
C GLN E 74 1.57 4.50 31.07
N LEU E 75 1.31 3.21 31.26
CA LEU E 75 2.36 2.27 31.63
C LEU E 75 3.42 2.16 30.54
N ILE E 76 3.00 2.15 29.28
CA ILE E 76 3.92 1.93 28.18
C ILE E 76 4.40 3.19 27.48
N LEU E 77 3.67 4.30 27.60
CA LEU E 77 3.88 5.42 26.69
C LEU E 77 5.22 6.10 26.95
N PRO E 78 6.11 6.17 25.96
CA PRO E 78 7.38 6.86 26.16
C PRO E 78 7.19 8.37 26.12
N SER E 79 8.29 9.09 26.36
CA SER E 79 8.23 10.54 26.48
C SER E 79 8.07 11.23 25.13
N ASN E 80 8.32 10.55 24.01
CA ASN E 80 8.33 11.17 22.71
C ASN E 80 7.28 10.58 21.75
N ALA E 81 6.13 10.17 22.28
CA ALA E 81 5.06 9.68 21.42
C ALA E 81 4.19 10.82 20.92
N LEU E 82 3.60 11.57 21.85
CA LEU E 82 2.84 12.75 21.48
C LEU E 82 3.66 13.77 20.69
N PRO E 83 4.93 14.06 21.04
CA PRO E 83 5.72 14.92 20.16
C PRO E 83 5.84 14.39 18.74
N CYS E 84 5.99 13.08 18.56
CA CYS E 84 6.06 12.53 17.21
C CYS E 84 4.74 12.70 16.47
N PHE E 85 3.62 12.46 17.15
CA PHE E 85 2.32 12.66 16.52
C PHE E 85 2.12 14.11 16.10
N TYR E 86 2.51 15.05 16.97
CA TYR E 86 2.36 16.46 16.64
C TYR E 86 3.31 16.88 15.52
N VAL E 87 4.50 16.29 15.47
CA VAL E 87 5.42 16.57 14.38
C VAL E 87 4.83 16.10 13.05
N ILE E 88 4.20 14.93 13.05
CA ILE E 88 3.54 14.44 11.83
C ILE E 88 2.45 15.40 11.40
N LEU E 89 1.61 15.85 12.34
CA LEU E 89 0.56 16.79 11.98
C LEU E 89 1.12 18.10 11.45
N SER E 90 2.19 18.61 12.07
CA SER E 90 2.81 19.85 11.60
C SER E 90 3.39 19.69 10.20
N VAL E 91 3.99 18.53 9.93
CA VAL E 91 4.50 18.26 8.59
C VAL E 91 3.37 18.27 7.57
N LYS E 92 2.24 17.66 7.94
CA LYS E 92 1.06 17.64 7.04
C LYS E 92 0.64 19.08 6.73
N ALA E 93 0.53 19.93 7.75
CA ALA E 93 0.10 21.32 7.53
C ALA E 93 1.11 22.09 6.68
N ALA E 94 2.40 21.91 6.95
CA ALA E 94 3.42 22.60 6.18
C ALA E 94 3.38 22.21 4.71
N ILE E 95 3.21 20.91 4.42
CA ILE E 95 3.14 20.47 3.04
C ILE E 95 1.89 21.04 2.35
N PHE E 96 0.77 21.10 3.09
CA PHE E 96 -0.43 21.66 2.50
C PHE E 96 -0.23 23.12 2.09
N ILE E 97 0.30 23.94 3.01
CA ILE E 97 0.45 25.35 2.66
C ILE E 97 1.53 25.53 1.59
N PHE E 98 2.55 24.66 1.57
CA PHE E 98 3.55 24.72 0.52
C PHE E 98 2.94 24.45 -0.84
N ASP E 99 2.05 23.45 -0.92
CA ASP E 99 1.37 23.18 -2.19
C ASP E 99 0.51 24.36 -2.63
N VAL E 100 -0.21 24.96 -1.68
CA VAL E 100 -1.06 26.11 -2.03
C VAL E 100 -0.22 27.25 -2.57
N LYS E 101 0.89 27.57 -1.89
CA LYS E 101 1.74 28.66 -2.34
C LYS E 101 2.39 28.35 -3.69
N GLN E 102 2.75 27.10 -3.93
CA GLN E 102 3.32 26.74 -5.23
C GLN E 102 2.28 26.90 -6.34
N LYS E 103 1.03 26.56 -6.07
CA LYS E 103 -0.01 26.80 -7.07
C LYS E 103 -0.18 28.29 -7.34
N ILE E 104 -0.14 29.11 -6.29
CA ILE E 104 -0.23 30.56 -6.47
C ILE E 104 0.93 31.05 -7.32
N VAL E 105 2.14 30.53 -7.10
CA VAL E 105 3.28 30.89 -7.92
C VAL E 105 3.05 30.50 -9.38
N SER E 106 2.56 29.27 -9.59
CA SER E 106 2.32 28.80 -10.95
C SER E 106 1.28 29.63 -11.68
N TYR E 107 0.40 30.31 -10.94
CA TYR E 107 -0.54 31.24 -11.60
C TYR E 107 0.14 32.42 -12.30
N LEU E 108 1.48 32.52 -12.23
CA LEU E 108 2.18 33.58 -12.95
C LEU E 108 2.27 33.32 -14.45
N ASP E 109 1.93 32.13 -14.92
CA ASP E 109 2.04 31.77 -16.33
C ASP E 109 0.78 32.07 -17.12
N TRP E 110 -0.27 32.55 -16.47
CA TRP E 110 -1.51 32.84 -17.17
C TRP E 110 -1.41 34.15 -17.94
N LYS F 262 -10.40 79.28 -67.87
CA LYS F 262 -10.16 78.64 -66.58
C LYS F 262 -9.01 77.64 -66.67
N MET F 263 -7.79 78.14 -66.48
CA MET F 263 -6.59 77.26 -66.50
C MET F 263 -6.66 76.31 -65.30
N ALA F 264 -7.22 76.80 -64.19
CA ALA F 264 -7.38 75.96 -62.98
C ALA F 264 -8.12 74.67 -63.35
N ASN F 265 -9.24 74.79 -64.07
CA ASN F 265 -10.00 73.62 -64.48
C ASN F 265 -9.16 72.68 -65.35
N ALA F 266 -8.39 73.25 -66.28
CA ALA F 266 -7.56 72.41 -67.15
C ALA F 266 -6.51 71.65 -66.35
N ASN F 267 -5.83 72.33 -65.42
CA ASN F 267 -4.82 71.66 -64.60
C ASN F 267 -5.46 70.61 -63.70
N LYS F 268 -6.63 70.91 -63.14
CA LYS F 268 -7.33 69.93 -62.31
C LYS F 268 -7.71 68.70 -63.12
N GLY F 269 -8.21 68.89 -64.35
CA GLY F 269 -8.58 67.76 -65.18
C GLY F 269 -7.38 66.93 -65.60
N ALA F 270 -6.24 67.60 -65.81
CA ALA F 270 -5.02 66.90 -66.27
C ALA F 270 -4.53 65.91 -65.21
N MET F 271 -4.55 66.29 -63.93
CA MET F 271 -3.98 65.41 -62.87
C MET F 271 -5.10 64.91 -61.96
N THR F 272 -6.16 64.30 -62.52
CA THR F 272 -7.23 63.75 -61.71
C THR F 272 -7.79 62.50 -62.37
N GLU F 273 -8.02 61.47 -61.57
CA GLU F 273 -8.65 60.24 -62.02
C GLU F 273 -9.88 59.99 -61.16
N ASN F 274 -10.99 59.62 -61.82
CA ASN F 274 -12.26 59.41 -61.13
C ASN F 274 -12.22 58.06 -60.42
N ALA F 275 -12.20 58.10 -59.09
CA ALA F 275 -12.17 56.91 -58.26
C ALA F 275 -13.38 56.90 -57.34
N ASP F 276 -14.03 55.73 -57.24
CA ASP F 276 -15.24 55.57 -56.45
C ASP F 276 -14.93 54.77 -55.19
N GLU F 277 -15.32 55.32 -54.04
CA GLU F 277 -15.07 54.62 -52.78
C GLU F 277 -15.83 53.30 -52.71
N ASN F 278 -17.08 53.30 -53.19
CA ASN F 278 -17.92 52.11 -53.12
C ASN F 278 -17.41 50.97 -54.00
N ALA F 279 -16.47 51.24 -54.90
CA ALA F 279 -15.89 50.18 -55.72
C ALA F 279 -14.64 49.60 -55.07
N LEU F 280 -13.71 50.46 -54.66
CA LEU F 280 -12.48 49.99 -54.03
C LEU F 280 -12.78 49.31 -52.70
N GLN F 281 -13.65 49.90 -51.88
CA GLN F 281 -14.02 49.28 -50.62
C GLN F 281 -14.69 47.93 -50.84
N SER F 282 -15.60 47.87 -51.82
CA SER F 282 -16.30 46.61 -52.09
C SER F 282 -15.32 45.54 -52.56
N ASP F 283 -14.38 45.89 -53.43
CA ASP F 283 -13.42 44.90 -53.93
C ASP F 283 -12.53 44.39 -52.81
N ALA F 284 -11.99 45.30 -51.99
CA ALA F 284 -11.13 44.88 -50.89
C ALA F 284 -11.87 44.00 -49.91
N LYS F 285 -13.09 44.41 -49.53
CA LYS F 285 -13.87 43.61 -48.59
C LYS F 285 -14.24 42.26 -49.18
N GLY F 286 -14.54 42.22 -50.49
CA GLY F 286 -14.86 40.95 -51.11
C GLY F 286 -13.70 39.97 -51.08
N LYS F 287 -12.50 40.44 -51.42
CA LYS F 287 -11.34 39.57 -51.36
C LYS F 287 -11.06 39.11 -49.93
N LEU F 288 -11.11 40.05 -48.98
CA LEU F 288 -10.81 39.71 -47.59
C LEU F 288 -11.82 38.72 -47.04
N ASP F 289 -13.10 38.87 -47.40
CA ASP F 289 -14.11 37.92 -46.95
C ASP F 289 -13.94 36.56 -47.63
N SER F 290 -13.61 36.55 -48.93
CA SER F 290 -13.43 35.29 -49.63
C SER F 290 -12.24 34.49 -49.09
N VAL F 291 -11.28 35.15 -48.45
CA VAL F 291 -10.22 34.39 -47.80
C VAL F 291 -10.50 34.12 -46.32
N ALA F 292 -11.20 35.04 -45.63
CA ALA F 292 -11.53 34.80 -44.23
C ALA F 292 -12.54 33.68 -44.07
N THR F 293 -13.38 33.45 -45.08
CA THR F 293 -14.28 32.31 -45.02
C THR F 293 -13.50 31.00 -45.04
N ASP F 294 -12.42 30.94 -45.83
CA ASP F 294 -11.55 29.76 -45.81
C ASP F 294 -10.89 29.61 -44.44
N TYR F 295 -10.44 30.72 -43.86
CA TYR F 295 -9.87 30.68 -42.51
C TYR F 295 -10.85 30.07 -41.51
N GLY F 296 -12.07 30.60 -41.48
CA GLY F 296 -13.07 30.09 -40.54
C GLY F 296 -13.46 28.66 -40.81
N ALA F 297 -13.53 28.28 -42.09
CA ALA F 297 -13.84 26.91 -42.44
C ALA F 297 -12.75 25.96 -41.95
N ALA F 298 -11.49 26.35 -42.08
CA ALA F 298 -10.40 25.52 -41.57
C ALA F 298 -10.49 25.36 -40.05
N ILE F 299 -10.75 26.45 -39.34
CA ILE F 299 -10.86 26.37 -37.89
C ILE F 299 -12.00 25.44 -37.49
N ASP F 300 -13.16 25.61 -38.11
CA ASP F 300 -14.32 24.80 -37.77
C ASP F 300 -14.10 23.34 -38.15
N GLY F 301 -13.39 23.09 -39.25
CA GLY F 301 -13.08 21.72 -39.62
C GLY F 301 -12.18 21.04 -38.61
N PHE F 302 -11.16 21.75 -38.14
CA PHE F 302 -10.31 21.17 -37.08
C PHE F 302 -11.12 20.87 -35.83
N ILE F 303 -11.98 21.81 -35.43
CA ILE F 303 -12.78 21.62 -34.22
C ILE F 303 -13.67 20.39 -34.38
N GLY F 304 -14.35 20.29 -35.52
CA GLY F 304 -15.23 19.17 -35.76
C GLY F 304 -14.50 17.84 -35.81
N ASP F 305 -13.32 17.82 -36.42
CA ASP F 305 -12.53 16.59 -36.49
C ASP F 305 -12.15 16.12 -35.10
N VAL F 306 -11.64 17.02 -34.26
CA VAL F 306 -11.21 16.61 -32.93
C VAL F 306 -12.41 16.18 -32.09
N SER F 307 -13.53 16.92 -32.19
CA SER F 307 -14.72 16.53 -31.44
C SER F 307 -15.24 15.17 -31.88
N GLY F 308 -15.23 14.90 -33.19
CA GLY F 308 -15.68 13.62 -33.68
C GLY F 308 -14.78 12.47 -33.26
N LEU F 309 -13.47 12.73 -33.22
CA LEU F 309 -12.56 11.71 -32.68
C LEU F 309 -12.86 11.46 -31.21
N ALA F 310 -13.16 12.52 -30.45
CA ALA F 310 -13.40 12.36 -29.03
C ALA F 310 -14.67 11.58 -28.75
N ASN F 311 -15.79 11.97 -29.36
CA ASN F 311 -17.08 11.38 -29.04
C ASN F 311 -17.48 10.23 -29.96
N GLY F 312 -16.60 9.80 -30.86
CA GLY F 312 -16.89 8.67 -31.71
C GLY F 312 -17.68 8.97 -32.96
N ASN F 313 -17.97 10.24 -33.25
CA ASN F 313 -18.66 10.56 -34.49
C ASN F 313 -17.78 10.31 -35.71
N GLY F 314 -16.49 10.66 -35.61
CA GLY F 314 -15.58 10.46 -36.72
C GLY F 314 -14.88 11.73 -37.15
N ALA F 315 -13.80 11.60 -37.92
CA ALA F 315 -13.03 12.73 -38.40
C ALA F 315 -12.75 12.58 -39.87
N THR F 316 -12.59 13.72 -40.55
CA THR F 316 -12.28 13.76 -41.98
C THR F 316 -11.11 14.71 -42.20
N GLY F 317 -10.26 14.38 -43.15
CA GLY F 317 -9.13 15.23 -43.50
C GLY F 317 -7.84 14.72 -42.88
N ASP F 318 -7.10 15.61 -42.22
CA ASP F 318 -5.84 15.22 -41.60
C ASP F 318 -6.03 14.18 -40.51
N PHE F 319 -7.13 14.30 -39.76
CA PHE F 319 -7.40 13.39 -38.65
C PHE F 319 -8.12 12.11 -39.08
N ALA F 320 -8.35 11.93 -40.38
CA ALA F 320 -9.05 10.73 -40.84
C ALA F 320 -8.23 9.47 -40.55
N GLY F 321 -6.91 9.60 -40.50
CA GLY F 321 -6.06 8.45 -40.23
C GLY F 321 -6.17 7.90 -38.83
N SER F 322 -6.64 8.72 -37.89
CA SER F 322 -6.79 8.26 -36.51
C SER F 322 -8.14 7.60 -36.26
N ASN F 323 -9.02 7.56 -37.26
CA ASN F 323 -10.31 6.90 -37.09
C ASN F 323 -10.15 5.42 -36.79
N SER F 324 -9.25 4.76 -37.51
CA SER F 324 -8.99 3.34 -37.28
C SER F 324 -8.46 3.10 -35.87
N GLN F 325 -7.54 3.96 -35.43
CA GLN F 325 -6.93 3.82 -34.09
C GLN F 325 -8.00 4.03 -33.01
N MET F 326 -8.87 5.03 -33.18
CA MET F 326 -9.90 5.30 -32.19
C MET F 326 -10.97 4.21 -32.17
N ALA F 327 -11.27 3.64 -33.33
CA ALA F 327 -12.17 2.49 -33.38
C ALA F 327 -11.55 1.27 -32.71
N GLN F 328 -10.24 1.08 -32.85
CA GLN F 328 -9.54 0.01 -32.14
C GLN F 328 -9.54 0.21 -30.63
N VAL F 329 -9.48 1.47 -30.17
CA VAL F 329 -9.54 1.72 -28.73
C VAL F 329 -10.89 1.31 -28.17
N GLY F 330 -11.97 1.64 -28.87
CA GLY F 330 -13.30 1.24 -28.47
C GLY F 330 -14.02 2.30 -27.64
N ASP F 331 -15.30 2.06 -27.41
CA ASP F 331 -16.14 2.98 -26.66
C ASP F 331 -17.08 2.21 -25.76
N GLY F 332 -17.54 2.87 -24.69
CA GLY F 332 -18.39 2.23 -23.71
C GLY F 332 -17.57 1.49 -22.67
N ASP F 333 -17.38 0.19 -22.91
CA ASP F 333 -16.53 -0.64 -22.02
C ASP F 333 -15.91 -1.77 -22.86
N ASN F 334 -16.28 -1.87 -24.14
CA ASN F 334 -15.77 -2.91 -25.03
C ASN F 334 -14.56 -2.34 -25.77
N SER F 335 -13.38 -2.61 -25.25
CA SER F 335 -12.15 -2.12 -25.87
C SER F 335 -11.48 -3.26 -26.62
N PRO F 336 -11.43 -3.22 -27.96
CA PRO F 336 -10.71 -4.26 -28.69
C PRO F 336 -9.24 -4.34 -28.32
N LEU F 337 -8.67 -3.24 -27.81
CA LEU F 337 -7.27 -3.29 -27.33
C LEU F 337 -7.21 -4.09 -26.03
N MET F 338 -8.26 -3.99 -25.20
CA MET F 338 -8.28 -4.74 -23.94
C MET F 338 -8.69 -6.19 -24.13
N ASN F 339 -9.54 -6.47 -25.12
CA ASN F 339 -10.04 -7.83 -25.32
C ASN F 339 -8.95 -8.79 -25.76
N ASN F 340 -7.77 -8.29 -26.15
CA ASN F 340 -6.68 -9.19 -26.48
C ASN F 340 -6.22 -9.99 -25.27
N PHE F 341 -6.30 -9.41 -24.07
CA PHE F 341 -5.90 -10.11 -22.87
C PHE F 341 -6.87 -11.21 -22.48
N ARG F 342 -8.11 -11.16 -22.97
CA ARG F 342 -9.11 -12.15 -22.57
C ARG F 342 -8.77 -13.54 -23.08
N GLN F 343 -8.04 -13.63 -24.19
CA GLN F 343 -7.69 -14.95 -24.72
C GLN F 343 -6.76 -15.69 -23.77
N TYR F 344 -5.89 -14.96 -23.07
CA TYR F 344 -4.95 -15.55 -22.12
C TYR F 344 -5.46 -15.53 -20.69
N LEU F 345 -6.74 -15.21 -20.49
CA LEU F 345 -7.29 -15.15 -19.14
C LEU F 345 -7.22 -16.53 -18.50
N PRO F 346 -6.74 -16.64 -17.26
CA PRO F 346 -6.65 -17.96 -16.62
C PRO F 346 -8.02 -18.59 -16.44
N SER F 347 -8.09 -19.90 -16.61
CA SER F 347 -9.34 -20.62 -16.47
C SER F 347 -9.62 -20.90 -15.00
N LEU F 348 -10.85 -20.62 -14.57
CA LEU F 348 -11.26 -20.81 -13.19
C LEU F 348 -12.51 -21.65 -13.14
N PRO F 349 -12.69 -22.46 -12.09
CA PRO F 349 -13.87 -23.33 -12.02
C PRO F 349 -15.16 -22.53 -11.93
N GLN F 350 -16.22 -23.09 -12.48
CA GLN F 350 -17.55 -22.48 -12.43
C GLN F 350 -18.27 -22.94 -11.17
N SER F 351 -18.87 -22.00 -10.46
CA SER F 351 -19.51 -22.32 -9.20
C SER F 351 -20.75 -23.18 -9.41
N VAL F 352 -20.84 -24.27 -8.65
CA VAL F 352 -21.95 -25.22 -8.73
C VAL F 352 -22.50 -25.42 -7.33
N GLU F 353 -23.52 -26.27 -7.23
CA GLU F 353 -24.12 -26.58 -5.94
C GLU F 353 -23.14 -27.35 -5.06
N CYS F 354 -23.39 -27.31 -3.76
CA CYS F 354 -22.47 -27.93 -2.81
C CYS F 354 -22.66 -29.44 -2.78
N ARG F 355 -21.54 -30.16 -2.84
CA ARG F 355 -21.52 -31.62 -2.72
C ARG F 355 -20.76 -32.00 -1.46
N PRO F 356 -21.37 -32.74 -0.53
CA PRO F 356 -20.65 -33.11 0.70
C PRO F 356 -19.44 -33.99 0.40
N PHE F 357 -18.39 -33.83 1.19
CA PHE F 357 -17.19 -34.64 1.08
C PHE F 357 -17.25 -35.78 2.09
N VAL F 358 -16.98 -37.00 1.62
CA VAL F 358 -17.10 -38.20 2.43
C VAL F 358 -15.70 -38.71 2.76
N PHE F 359 -15.43 -38.88 4.06
CA PHE F 359 -14.12 -39.42 4.51
C PHE F 359 -14.29 -40.90 4.84
N GLY F 360 -13.35 -41.74 4.40
CA GLY F 360 -13.41 -43.19 4.72
C GLY F 360 -14.73 -43.80 4.32
N ALA F 361 -15.13 -43.66 3.05
CA ALA F 361 -16.43 -44.18 2.58
C ALA F 361 -16.48 -45.71 2.74
N GLY F 362 -17.55 -46.23 3.35
CA GLY F 362 -17.71 -47.69 3.52
C GLY F 362 -17.06 -48.23 4.78
N LYS F 363 -16.27 -47.41 5.47
CA LYS F 363 -15.53 -47.88 6.68
C LYS F 363 -16.33 -47.54 7.94
N PRO F 364 -16.07 -48.17 9.11
CA PRO F 364 -16.76 -47.84 10.36
C PRO F 364 -16.53 -46.38 10.79
N TYR F 365 -15.47 -45.75 10.28
CA TYR F 365 -15.13 -44.35 10.63
C TYR F 365 -15.63 -43.40 9.52
N GLU F 366 -16.79 -43.68 8.95
CA GLU F 366 -17.29 -42.88 7.80
C GLU F 366 -18.04 -41.64 8.27
N PHE F 367 -17.45 -40.45 8.10
CA PHE F 367 -18.15 -39.22 8.40
C PHE F 367 -18.07 -38.30 7.19
N SER F 368 -19.08 -37.45 7.03
CA SER F 368 -19.16 -36.56 5.89
C SER F 368 -19.51 -35.15 6.35
N ILE F 369 -18.98 -34.17 5.63
CA ILE F 369 -19.30 -32.78 5.91
C ILE F 369 -20.75 -32.53 5.54
N ASP F 370 -21.54 -32.07 6.51
CA ASP F 370 -22.99 -31.99 6.33
C ASP F 370 -23.41 -30.95 5.30
N CYS F 371 -22.50 -30.08 4.88
CA CYS F 371 -22.70 -29.04 3.87
C CYS F 371 -23.85 -28.10 4.19
N ASP F 372 -24.41 -28.18 5.40
CA ASP F 372 -25.42 -27.20 5.80
C ASP F 372 -24.78 -25.87 6.17
N LYS F 373 -23.62 -25.92 6.83
CA LYS F 373 -22.89 -24.70 7.16
C LYS F 373 -22.07 -24.18 6.00
N ILE F 374 -21.77 -25.02 5.01
CA ILE F 374 -21.06 -24.55 3.83
C ILE F 374 -21.91 -23.53 3.07
N ASN F 375 -23.23 -23.75 3.03
CA ASN F 375 -24.10 -22.79 2.38
C ASN F 375 -24.14 -21.46 3.11
N LEU F 376 -24.15 -21.50 4.45
CA LEU F 376 -24.10 -20.26 5.22
C LEU F 376 -22.80 -19.51 4.97
N PHE F 377 -21.68 -20.25 4.95
CA PHE F 377 -20.40 -19.61 4.64
C PHE F 377 -20.41 -19.05 3.23
N ARG F 378 -21.05 -19.75 2.29
CA ARG F 378 -21.11 -19.29 0.88
C ARG F 378 -21.91 -17.99 0.82
N GLY F 379 -22.98 -17.88 1.62
CA GLY F 379 -23.75 -16.64 1.67
C GLY F 379 -22.95 -15.48 2.22
N VAL F 380 -22.26 -15.70 3.34
CA VAL F 380 -21.47 -14.60 3.91
C VAL F 380 -20.30 -14.24 3.00
N PHE F 381 -19.71 -15.23 2.32
CA PHE F 381 -18.64 -14.95 1.37
C PHE F 381 -19.14 -14.11 0.20
N ALA F 382 -20.33 -14.42 -0.30
CA ALA F 382 -20.92 -13.62 -1.36
C ALA F 382 -21.17 -12.19 -0.89
N PHE F 383 -21.65 -12.03 0.34
CA PHE F 383 -21.84 -10.69 0.87
C PHE F 383 -20.53 -9.91 0.95
N LEU F 384 -19.47 -10.56 1.45
CA LEU F 384 -18.18 -9.89 1.56
C LEU F 384 -17.62 -9.52 0.20
N LEU F 385 -17.75 -10.42 -0.78
CA LEU F 385 -17.30 -10.11 -2.13
C LEU F 385 -18.06 -8.93 -2.72
N TYR F 386 -19.37 -8.85 -2.47
CA TYR F 386 -20.11 -7.65 -2.94
C TYR F 386 -19.56 -6.40 -2.28
N VAL F 387 -19.54 -6.34 -0.96
CA VAL F 387 -19.10 -5.12 -0.23
C VAL F 387 -17.70 -4.72 -0.71
N ALA F 388 -16.85 -5.69 -1.07
CA ALA F 388 -15.54 -5.28 -1.58
C ALA F 388 -15.66 -4.69 -2.98
N THR F 389 -16.42 -5.34 -3.85
CA THR F 389 -16.55 -4.85 -5.23
C THR F 389 -17.29 -3.51 -5.27
N PHE F 390 -18.33 -3.34 -4.45
CA PHE F 390 -19.04 -2.07 -4.41
C PHE F 390 -18.13 -0.95 -3.95
N MET F 391 -17.35 -1.18 -2.90
CA MET F 391 -16.43 -0.15 -2.43
C MET F 391 -15.39 0.17 -3.48
N TYR F 392 -14.89 -0.86 -4.17
CA TYR F 392 -13.90 -0.64 -5.23
C TYR F 392 -14.47 0.23 -6.34
N VAL F 393 -15.71 -0.07 -6.78
CA VAL F 393 -16.30 0.70 -7.87
C VAL F 393 -16.60 2.13 -7.42
N PHE F 394 -17.09 2.29 -6.19
CA PHE F 394 -17.39 3.63 -5.67
C PHE F 394 -16.14 4.48 -5.61
N SER F 395 -15.05 3.93 -5.07
CA SER F 395 -13.77 4.68 -5.00
C SER F 395 -13.21 4.89 -6.42
N THR F 396 -13.41 3.93 -7.33
CA THR F 396 -12.95 4.08 -8.73
C THR F 396 -13.61 5.32 -9.33
N PHE F 397 -14.94 5.45 -9.18
CA PHE F 397 -15.61 6.62 -9.75
C PHE F 397 -15.25 7.89 -9.01
N ALA F 398 -15.07 7.82 -7.68
CA ALA F 398 -14.73 9.01 -6.92
C ALA F 398 -13.33 9.53 -7.22
N ASN F 399 -12.44 8.71 -7.76
CA ASN F 399 -11.07 9.11 -8.03
C ASN F 399 -10.75 9.00 -9.51
N ILE F 400 -11.65 9.51 -10.36
CA ILE F 400 -11.39 9.50 -11.79
C ILE F 400 -10.49 10.67 -12.20
N LEU F 401 -10.73 11.86 -11.64
CA LEU F 401 -9.87 12.99 -11.98
C LEU F 401 -8.51 12.90 -11.30
N ARG F 402 -8.43 12.24 -10.14
CA ARG F 402 -7.15 12.00 -9.51
C ARG F 402 -6.35 10.98 -10.33
N ASN F 403 -5.06 11.25 -10.51
CA ASN F 403 -4.24 10.37 -11.37
C ASN F 403 -3.92 9.08 -10.60
N LYS F 404 -4.95 8.29 -10.28
CA LYS F 404 -4.74 7.05 -9.45
C LYS F 404 -5.35 5.83 -10.15
N GLU F 405 -4.81 4.65 -9.84
CA GLU F 405 -5.25 3.40 -10.51
C GLU F 405 -6.70 3.09 -10.16
N SER F 406 -7.51 2.75 -11.17
CA SER F 406 -8.95 2.46 -10.94
C SER F 406 -9.50 1.59 -12.08
N ASP G 28 -29.35 -54.03 28.36
CA ASP G 28 -28.03 -53.84 28.95
C ASP G 28 -27.81 -52.38 29.33
N PRO G 29 -27.30 -52.14 30.53
CA PRO G 29 -27.04 -50.75 30.96
C PRO G 29 -25.99 -50.05 30.11
N ALA G 30 -25.05 -50.80 29.54
CA ALA G 30 -23.96 -50.18 28.79
C ALA G 30 -24.47 -49.43 27.57
N LYS G 31 -25.36 -50.06 26.80
CA LYS G 31 -25.86 -49.43 25.59
C LYS G 31 -26.73 -48.21 25.94
N ALA G 32 -27.50 -48.29 27.01
CA ALA G 32 -28.29 -47.14 27.44
C ALA G 32 -27.38 -45.98 27.83
N ALA G 33 -26.31 -46.26 28.57
CA ALA G 33 -25.37 -45.21 28.93
C ALA G 33 -24.71 -44.60 27.70
N PHE G 34 -24.35 -45.44 26.73
CA PHE G 34 -23.72 -44.93 25.52
C PHE G 34 -24.68 -44.04 24.73
N ASN G 35 -25.94 -44.45 24.62
CA ASN G 35 -26.92 -43.62 23.93
C ASN G 35 -27.16 -42.30 24.66
N SER G 36 -27.19 -42.33 25.99
CA SER G 36 -27.34 -41.09 26.75
C SER G 36 -26.15 -40.16 26.51
N LEU G 37 -24.94 -40.72 26.49
CA LEU G 37 -23.76 -39.92 26.21
C LEU G 37 -23.81 -39.32 24.80
N GLN G 38 -24.27 -40.10 23.82
CA GLN G 38 -24.39 -39.59 22.46
C GLN G 38 -25.39 -38.46 22.38
N ALA G 39 -26.53 -38.60 23.07
CA ALA G 39 -27.53 -37.53 23.07
C ALA G 39 -26.97 -36.26 23.71
N SER G 40 -26.25 -36.41 24.83
CA SER G 40 -25.64 -35.25 25.47
C SER G 40 -24.64 -34.57 24.53
N ALA G 41 -23.85 -35.38 23.83
CA ALA G 41 -22.89 -34.83 22.86
C ALA G 41 -23.62 -34.07 21.76
N THR G 42 -24.74 -34.60 21.27
CA THR G 42 -25.50 -33.91 20.24
C THR G 42 -26.02 -32.56 20.72
N GLU G 43 -26.53 -32.52 21.95
CA GLU G 43 -26.98 -31.23 22.51
C GLU G 43 -25.83 -30.24 22.61
N TYR G 44 -24.68 -30.71 23.10
CA TYR G 44 -23.50 -29.84 23.17
C TYR G 44 -23.12 -29.32 21.80
N ILE G 45 -23.20 -30.18 20.78
CA ILE G 45 -22.83 -29.78 19.42
C ILE G 45 -23.76 -28.70 18.91
N GLY G 46 -25.06 -28.85 19.15
CA GLY G 46 -26.01 -27.82 18.72
C GLY G 46 -25.75 -26.48 19.38
N TYR G 47 -25.55 -26.49 20.69
CA TYR G 47 -25.28 -25.23 21.39
C TYR G 47 -23.97 -24.61 20.92
N ALA G 48 -22.95 -25.44 20.70
CA ALA G 48 -21.66 -24.93 20.22
C ALA G 48 -21.80 -24.32 18.83
N TRP G 49 -22.61 -24.94 17.97
CA TRP G 49 -22.82 -24.37 16.64
C TRP G 49 -23.48 -23.00 16.74
N ALA G 50 -24.49 -22.85 17.60
CA ALA G 50 -25.12 -21.55 17.76
C ALA G 50 -24.11 -20.50 18.23
N MET G 51 -23.34 -20.85 19.26
CA MET G 51 -22.42 -19.87 19.83
C MET G 51 -21.30 -19.50 18.85
N VAL G 52 -20.81 -20.48 18.09
CA VAL G 52 -19.77 -20.19 17.12
C VAL G 52 -20.31 -19.32 16.00
N VAL G 53 -21.57 -19.52 15.60
CA VAL G 53 -22.15 -18.64 14.58
C VAL G 53 -22.21 -17.21 15.09
N VAL G 54 -22.62 -17.02 16.35
CA VAL G 54 -22.68 -15.66 16.90
C VAL G 54 -21.29 -15.03 16.92
N ILE G 55 -20.30 -15.77 17.40
CA ILE G 55 -18.95 -15.21 17.52
C ILE G 55 -18.35 -14.93 16.15
N VAL G 56 -18.63 -15.78 15.16
CA VAL G 56 -18.18 -15.55 13.80
C VAL G 56 -18.80 -14.27 13.24
N GLY G 57 -20.10 -14.07 13.48
CA GLY G 57 -20.72 -12.83 13.05
C GLY G 57 -20.07 -11.61 13.67
N ALA G 58 -19.74 -11.69 14.96
CA ALA G 58 -19.05 -10.58 15.62
C ALA G 58 -17.69 -10.31 14.97
N THR G 59 -16.92 -11.37 14.70
CA THR G 59 -15.61 -11.19 14.09
C THR G 59 -15.73 -10.55 12.71
N ILE G 60 -16.69 -11.00 11.91
CA ILE G 60 -16.89 -10.42 10.58
C ILE G 60 -17.26 -8.95 10.68
N GLY G 61 -18.14 -8.61 11.62
CA GLY G 61 -18.51 -7.21 11.80
C GLY G 61 -17.32 -6.34 12.17
N ILE G 62 -16.49 -6.80 13.10
CA ILE G 62 -15.30 -6.05 13.49
C ILE G 62 -14.40 -5.83 12.28
N LYS G 63 -14.15 -6.89 11.51
CA LYS G 63 -13.20 -6.72 10.39
C LYS G 63 -13.80 -5.78 9.34
N LEU G 64 -15.11 -5.91 9.02
CA LEU G 64 -15.68 -5.04 8.00
C LEU G 64 -15.63 -3.57 8.42
N PHE G 65 -15.99 -3.27 9.67
CA PHE G 65 -16.03 -1.88 10.06
C PHE G 65 -14.66 -1.31 10.40
N LYS G 66 -13.62 -2.13 10.45
CA LYS G 66 -12.26 -1.55 10.62
C LYS G 66 -11.65 -1.43 9.22
N LYS G 67 -11.90 -2.42 8.35
CA LYS G 67 -11.37 -2.40 6.97
C LYS G 67 -11.85 -1.14 6.28
N PHE G 68 -13.12 -0.76 6.46
CA PHE G 68 -13.59 0.44 5.73
C PHE G 68 -12.62 1.60 5.99
N THR G 69 -12.54 2.03 7.25
CA THR G 69 -11.68 3.21 7.60
C THR G 69 -10.24 2.94 7.18
N SER G 70 -9.71 1.73 7.44
CA SER G 70 -8.28 1.46 7.14
C SER G 70 -7.99 1.64 5.64
N LYS G 71 -8.84 1.06 4.78
CA LYS G 71 -8.64 1.15 3.30
C LYS G 71 -8.87 2.59 2.85
N ALA G 72 -9.82 3.30 3.46
CA ALA G 72 -10.05 4.72 3.15
C ALA G 72 -8.70 5.44 3.25
N SER G 73 -7.90 5.12 4.27
CA SER G 73 -6.61 5.83 4.46
C SER G 73 -5.44 4.91 4.10
N ASP H 28 -15.66 -76.75 29.11
CA ASP H 28 -14.76 -75.80 29.75
C ASP H 28 -15.39 -74.40 29.77
N PRO H 29 -15.82 -73.96 30.95
CA PRO H 29 -16.47 -72.64 31.06
C PRO H 29 -15.57 -71.48 30.69
N ALA H 30 -14.25 -71.65 30.79
CA ALA H 30 -13.33 -70.54 30.52
C ALA H 30 -13.42 -70.09 29.07
N LYS H 31 -13.53 -71.04 28.13
CA LYS H 31 -13.60 -70.67 26.72
C LYS H 31 -14.86 -69.86 26.43
N ALA H 32 -16.01 -70.30 26.96
CA ALA H 32 -17.24 -69.57 26.77
C ALA H 32 -17.18 -68.19 27.42
N ALA H 33 -16.56 -68.11 28.60
CA ALA H 33 -16.41 -66.81 29.26
C ALA H 33 -15.56 -65.87 28.42
N PHE H 34 -14.46 -66.38 27.86
CA PHE H 34 -13.60 -65.56 27.02
C PHE H 34 -14.36 -65.07 25.79
N ASN H 35 -15.15 -65.96 25.18
CA ASN H 35 -15.94 -65.56 24.01
C ASN H 35 -16.95 -64.47 24.39
N SER H 36 -17.59 -64.61 25.56
CA SER H 36 -18.57 -63.61 25.99
C SER H 36 -17.90 -62.25 26.22
N LEU H 37 -16.72 -62.26 26.87
CA LEU H 37 -16.01 -61.00 27.07
C LEU H 37 -15.57 -60.39 25.74
N GLN H 38 -15.17 -61.23 24.78
CA GLN H 38 -14.80 -60.72 23.47
C GLN H 38 -15.99 -60.06 22.78
N ALA H 39 -17.17 -60.69 22.86
CA ALA H 39 -18.36 -60.10 22.25
C ALA H 39 -18.73 -58.78 22.92
N SER H 40 -18.62 -58.73 24.25
CA SER H 40 -18.88 -57.49 24.96
C SER H 40 -17.90 -56.40 24.54
N ALA H 41 -16.62 -56.75 24.40
CA ALA H 41 -15.64 -55.78 23.95
C ALA H 41 -15.95 -55.29 22.54
N THR H 42 -16.39 -56.19 21.67
CA THR H 42 -16.74 -55.79 20.31
C THR H 42 -17.90 -54.80 20.29
N GLU H 43 -18.93 -55.06 21.09
CA GLU H 43 -20.06 -54.12 21.10
C GLU H 43 -19.65 -52.79 21.72
N TYR H 44 -18.78 -52.82 22.74
CA TYR H 44 -18.24 -51.57 23.28
C TYR H 44 -17.49 -50.81 22.21
N ILE H 45 -16.68 -51.51 21.40
CA ILE H 45 -15.93 -50.87 20.34
C ILE H 45 -16.87 -50.24 19.33
N GLY H 46 -17.97 -50.92 19.00
CA GLY H 46 -18.94 -50.34 18.07
C GLY H 46 -19.55 -49.06 18.60
N TYR H 47 -19.99 -49.07 19.86
CA TYR H 47 -20.56 -47.86 20.44
C TYR H 47 -19.54 -46.72 20.49
N ALA H 48 -18.30 -47.04 20.88
CA ALA H 48 -17.26 -46.02 20.94
C ALA H 48 -16.98 -45.45 19.56
N TRP H 49 -16.98 -46.31 18.53
CA TRP H 49 -16.77 -45.84 17.16
C TRP H 49 -17.87 -44.88 16.74
N ALA H 50 -19.13 -45.22 17.03
CA ALA H 50 -20.22 -44.31 16.70
C ALA H 50 -20.04 -42.96 17.37
N MET H 51 -19.78 -42.96 18.68
CA MET H 51 -19.66 -41.71 19.41
C MET H 51 -18.48 -40.88 18.90
N VAL H 52 -17.33 -41.52 18.67
CA VAL H 52 -16.17 -40.76 18.23
C VAL H 52 -16.38 -40.23 16.82
N VAL H 53 -17.08 -40.96 15.96
CA VAL H 53 -17.39 -40.43 14.63
C VAL H 53 -18.23 -39.17 14.75
N VAL H 54 -19.25 -39.21 15.61
CA VAL H 54 -20.09 -38.02 15.79
C VAL H 54 -19.25 -36.84 16.29
N ILE H 55 -18.42 -37.08 17.30
CA ILE H 55 -17.65 -36.00 17.91
C ILE H 55 -16.65 -35.41 16.91
N VAL H 56 -15.94 -36.27 16.19
CA VAL H 56 -14.93 -35.79 15.24
C VAL H 56 -15.59 -35.08 14.07
N GLY H 57 -16.75 -35.56 13.62
CA GLY H 57 -17.46 -34.85 12.56
C GLY H 57 -17.86 -33.45 12.98
N ALA H 58 -18.38 -33.30 14.20
CA ALA H 58 -18.75 -31.97 14.67
C ALA H 58 -17.52 -31.08 14.80
N THR H 59 -16.43 -31.62 15.35
CA THR H 59 -15.21 -30.82 15.50
C THR H 59 -14.67 -30.36 14.16
N ILE H 60 -14.64 -31.25 13.17
CA ILE H 60 -14.16 -30.89 11.85
C ILE H 60 -15.05 -29.83 11.22
N GLY H 61 -16.37 -29.99 11.36
CA GLY H 61 -17.27 -28.98 10.81
C GLY H 61 -17.04 -27.60 11.41
N ILE H 62 -16.94 -27.54 12.74
CA ILE H 62 -16.72 -26.25 13.39
C ILE H 62 -15.38 -25.65 12.98
N LYS H 63 -14.33 -26.48 12.96
CA LYS H 63 -13.01 -25.97 12.61
C LYS H 63 -12.98 -25.46 11.17
N LEU H 64 -13.59 -26.19 10.24
CA LEU H 64 -13.61 -25.74 8.86
C LEU H 64 -14.41 -24.46 8.70
N PHE H 65 -15.55 -24.34 9.39
CA PHE H 65 -16.31 -23.11 9.34
C PHE H 65 -15.49 -21.93 9.82
N LYS H 66 -14.81 -22.09 10.96
CA LYS H 66 -13.99 -20.98 11.52
C LYS H 66 -12.86 -20.64 10.56
N LYS H 67 -12.18 -21.65 9.99
CA LYS H 67 -11.06 -21.38 9.08
C LYS H 67 -11.53 -20.65 7.83
N PHE H 68 -12.62 -21.14 7.22
CA PHE H 68 -13.11 -20.52 6.00
C PHE H 68 -13.54 -19.09 6.25
N THR H 69 -14.25 -18.83 7.36
CA THR H 69 -14.65 -17.46 7.65
C THR H 69 -13.45 -16.57 7.91
N SER H 70 -12.45 -17.07 8.64
CA SER H 70 -11.27 -16.26 8.91
C SER H 70 -10.53 -15.91 7.63
N LYS H 71 -10.42 -16.86 6.70
CA LYS H 71 -9.75 -16.57 5.44
C LYS H 71 -10.58 -15.65 4.55
N ALA H 72 -11.92 -15.73 4.65
CA ALA H 72 -12.77 -14.96 3.76
C ALA H 72 -12.68 -13.46 4.03
N SER H 73 -12.54 -13.07 5.30
CA SER H 73 -12.50 -11.66 5.65
C SER H 73 -11.10 -11.24 6.09
N ALA I 30 1.11 -86.76 38.64
CA ALA I 30 2.05 -85.69 38.89
C ALA I 30 2.49 -85.04 37.57
N LYS I 31 3.20 -85.81 36.75
CA LYS I 31 3.65 -85.30 35.46
C LYS I 31 2.48 -84.97 34.54
N ALA I 32 1.44 -85.81 34.56
CA ALA I 32 0.26 -85.54 33.76
C ALA I 32 -0.43 -84.26 34.19
N ALA I 33 -0.46 -84.00 35.50
CA ALA I 33 -1.05 -82.76 35.98
C ALA I 33 -0.27 -81.55 35.48
N PHE I 34 1.06 -81.62 35.51
CA PHE I 34 1.88 -80.52 34.99
C PHE I 34 1.65 -80.33 33.49
N ASN I 35 1.56 -81.42 32.74
CA ASN I 35 1.31 -81.30 31.31
C ASN I 35 -0.04 -80.66 31.03
N SER I 36 -1.07 -81.07 31.79
CA SER I 36 -2.39 -80.49 31.61
C SER I 36 -2.39 -79.01 31.96
N LEU I 37 -1.71 -78.63 33.05
CA LEU I 37 -1.64 -77.23 33.43
C LEU I 37 -0.92 -76.40 32.36
N GLN I 38 0.17 -76.94 31.82
CA GLN I 38 0.89 -76.23 30.76
C GLN I 38 0.00 -76.06 29.53
N ALA I 39 -0.71 -77.10 29.13
CA ALA I 39 -1.61 -76.99 27.97
C ALA I 39 -2.69 -75.95 28.22
N SER I 40 -3.36 -76.05 29.38
CA SER I 40 -4.45 -75.10 29.70
C SER I 40 -3.90 -73.68 29.70
N ALA I 41 -2.70 -73.49 30.26
CA ALA I 41 -2.07 -72.15 30.31
C ALA I 41 -1.93 -71.62 28.87
N THR I 42 -1.38 -72.43 27.96
CA THR I 42 -1.16 -71.98 26.57
C THR I 42 -2.52 -71.70 25.90
N GLU I 43 -3.53 -72.53 26.16
CA GLU I 43 -4.89 -72.30 25.60
C GLU I 43 -5.38 -70.91 26.04
N TYR I 44 -5.22 -70.60 27.32
CA TYR I 44 -5.69 -69.28 27.85
C TYR I 44 -4.86 -68.15 27.22
N ILE I 45 -3.55 -68.34 27.08
CA ILE I 45 -2.67 -67.32 26.43
C ILE I 45 -3.21 -67.06 25.02
N GLY I 46 -3.56 -68.13 24.29
CA GLY I 46 -4.13 -67.98 22.93
C GLY I 46 -5.37 -67.11 22.96
N TYR I 47 -6.23 -67.29 23.97
CA TYR I 47 -7.45 -66.50 24.08
C TYR I 47 -7.14 -65.07 24.52
N ALA I 48 -6.21 -64.91 25.45
CA ALA I 48 -5.83 -63.57 25.89
C ALA I 48 -5.25 -62.76 24.74
N TRP I 49 -4.42 -63.38 23.91
CA TRP I 49 -3.90 -62.69 22.74
C TRP I 49 -5.00 -62.34 21.76
N ALA I 50 -5.93 -63.27 21.53
CA ALA I 50 -7.03 -63.02 20.59
C ALA I 50 -7.93 -61.89 21.08
N MET I 51 -7.98 -61.66 22.39
CA MET I 51 -8.74 -60.53 22.91
C MET I 51 -7.96 -59.24 22.82
N VAL I 52 -6.70 -59.27 23.24
CA VAL I 52 -5.91 -58.03 23.32
C VAL I 52 -5.65 -57.48 21.93
N VAL I 53 -5.56 -58.34 20.91
CA VAL I 53 -5.37 -57.81 19.56
C VAL I 53 -6.55 -56.94 19.17
N VAL I 54 -7.76 -57.39 19.45
CA VAL I 54 -8.96 -56.61 19.12
C VAL I 54 -8.98 -55.31 19.91
N ILE I 55 -8.72 -55.39 21.22
CA ILE I 55 -8.80 -54.19 22.05
C ILE I 55 -7.76 -53.16 21.60
N VAL I 56 -6.52 -53.60 21.39
CA VAL I 56 -5.45 -52.70 20.99
C VAL I 56 -5.71 -52.14 19.60
N GLY I 57 -6.23 -52.96 18.69
CA GLY I 57 -6.57 -52.48 17.37
C GLY I 57 -7.61 -51.38 17.42
N ALA I 58 -8.64 -51.55 18.25
CA ALA I 58 -9.66 -50.51 18.37
C ALA I 58 -9.08 -49.23 18.95
N THR I 59 -8.25 -49.34 20.00
CA THR I 59 -7.67 -48.17 20.61
C THR I 59 -6.78 -47.40 19.63
N ILE I 60 -5.88 -48.13 18.95
CA ILE I 60 -4.98 -47.49 18.00
C ILE I 60 -5.76 -46.92 16.82
N GLY I 61 -6.83 -47.59 16.40
CA GLY I 61 -7.64 -47.05 15.33
C GLY I 61 -8.26 -45.72 15.70
N ILE I 62 -8.83 -45.63 16.90
CA ILE I 62 -9.43 -44.38 17.34
C ILE I 62 -8.36 -43.29 17.43
N LYS I 63 -7.19 -43.63 17.99
CA LYS I 63 -6.13 -42.65 18.13
C LYS I 63 -5.68 -42.12 16.78
N LEU I 64 -5.41 -43.02 15.82
CA LEU I 64 -4.95 -42.60 14.51
C LEU I 64 -6.04 -41.84 13.75
N PHE I 65 -7.29 -42.25 13.91
CA PHE I 65 -8.39 -41.53 13.28
C PHE I 65 -8.44 -40.09 13.74
N LYS I 66 -8.41 -39.87 15.07
CA LYS I 66 -8.44 -38.52 15.59
C LYS I 66 -7.23 -37.72 15.12
N LYS I 67 -6.04 -38.34 15.19
CA LYS I 67 -4.82 -37.64 14.82
C LYS I 67 -4.84 -37.20 13.36
N PHE I 68 -5.25 -38.10 12.46
CA PHE I 68 -5.20 -37.78 11.03
C PHE I 68 -6.33 -36.86 10.61
N THR I 69 -7.52 -36.99 11.19
CA THR I 69 -8.58 -36.03 10.87
C THR I 69 -8.22 -34.64 11.39
N SER I 70 -7.49 -34.56 12.50
CA SER I 70 -7.03 -33.25 12.96
C SER I 70 -5.94 -32.71 12.05
N LYS I 71 -4.99 -33.55 11.66
CA LYS I 71 -3.85 -33.09 10.83
C LYS I 71 -4.34 -32.64 9.45
N ALA I 72 -5.30 -33.35 8.85
CA ALA I 72 -5.74 -33.03 7.50
C ALA I 72 -6.49 -31.71 7.44
N SER I 73 -7.25 -31.38 8.48
CA SER I 73 -7.99 -30.12 8.50
C SER I 73 -7.15 -28.99 9.08
N PRO J 2 -8.12 72.15 -46.37
CA PRO J 2 -6.98 72.74 -47.09
C PRO J 2 -5.92 71.70 -47.45
N VAL J 3 -6.34 70.59 -48.06
CA VAL J 3 -5.45 69.50 -48.42
C VAL J 3 -5.76 69.04 -49.83
N LEU J 4 -4.78 68.34 -50.43
CA LEU J 4 -4.95 67.86 -51.79
C LEU J 4 -6.03 66.78 -51.85
N LEU J 5 -6.53 66.55 -53.06
CA LEU J 5 -7.55 65.52 -53.26
C LEU J 5 -6.95 64.14 -53.05
N GLY J 6 -7.76 63.24 -52.50
CA GLY J 6 -7.36 61.87 -52.26
C GLY J 6 -6.91 61.57 -50.86
N ILE J 7 -6.46 62.58 -50.10
CA ILE J 7 -6.09 62.35 -48.71
C ILE J 7 -7.27 61.90 -47.86
N PRO J 8 -8.43 62.57 -47.87
CA PRO J 8 -9.56 62.04 -47.09
C PRO J 8 -9.99 60.65 -47.52
N LEU J 9 -9.96 60.38 -48.83
CA LEU J 9 -10.32 59.05 -49.31
C LEU J 9 -9.34 58.00 -48.81
N LEU J 10 -8.04 58.33 -48.81
CA LEU J 10 -7.04 57.42 -48.29
C LEU J 10 -7.25 57.15 -46.80
N LEU J 11 -7.56 58.20 -46.04
CA LEU J 11 -7.80 58.01 -44.61
C LEU J 11 -9.03 57.15 -44.36
N ARG J 12 -10.10 57.38 -45.12
CA ARG J 12 -11.29 56.55 -44.99
C ARG J 12 -10.98 55.09 -45.33
N PHE J 13 -10.17 54.87 -46.37
CA PHE J 13 -9.79 53.51 -46.73
C PHE J 13 -9.00 52.84 -45.62
N LEU J 14 -8.08 53.57 -44.99
CA LEU J 14 -7.31 53.01 -43.89
C LEU J 14 -8.22 52.65 -42.72
N GLY J 15 -9.15 53.54 -42.37
CA GLY J 15 -10.09 53.23 -41.31
C GLY J 15 -10.95 52.01 -41.63
N PHE J 16 -11.41 51.91 -42.87
CA PHE J 16 -12.22 50.77 -43.29
C PHE J 16 -11.42 49.48 -43.19
N LEU J 17 -10.16 49.49 -43.60
CA LEU J 17 -9.32 48.31 -43.49
C LEU J 17 -9.14 47.89 -42.03
N LEU J 18 -8.88 48.87 -41.15
CA LEU J 18 -8.71 48.54 -39.74
C LEU J 18 -9.99 47.95 -39.15
N VAL J 19 -11.14 48.53 -39.50
CA VAL J 19 -12.42 48.03 -38.99
C VAL J 19 -12.65 46.59 -39.47
N THR J 20 -12.41 46.33 -40.75
CA THR J 20 -12.63 44.98 -41.28
C THR J 20 -11.71 43.96 -40.60
N LEU J 21 -10.43 44.30 -40.44
CA LEU J 21 -9.51 43.37 -39.80
C LEU J 21 -9.91 43.09 -38.35
N PHE J 22 -10.30 44.14 -37.62
CA PHE J 22 -10.65 43.94 -36.22
C PHE J 22 -11.96 43.15 -36.09
N GLY J 23 -12.88 43.33 -37.03
CA GLY J 23 -14.07 42.48 -37.05
C GLY J 23 -13.74 41.02 -37.31
N TYR J 24 -12.80 40.76 -38.20
CA TYR J 24 -12.33 39.38 -38.40
C TYR J 24 -11.76 38.81 -37.10
N LEU J 25 -10.98 39.62 -36.39
CA LEU J 25 -10.43 39.18 -35.11
C LEU J 25 -11.53 38.85 -34.12
N LEU J 26 -12.58 39.67 -34.07
CA LEU J 26 -13.71 39.39 -33.19
C LEU J 26 -14.38 38.07 -33.54
N THR J 27 -14.59 37.81 -34.84
CA THR J 27 -15.21 36.56 -35.25
C THR J 27 -14.36 35.36 -34.83
N PHE J 28 -13.04 35.46 -35.00
CA PHE J 28 -12.17 34.35 -34.59
C PHE J 28 -12.20 34.16 -33.07
N LEU J 29 -12.28 35.25 -32.31
CA LEU J 29 -12.39 35.12 -30.86
C LEU J 29 -13.66 34.38 -30.47
N LYS J 30 -14.78 34.71 -31.11
CA LYS J 30 -16.02 34.00 -30.82
C LYS J 30 -15.92 32.52 -31.19
N LYS J 31 -15.23 32.22 -32.30
CA LYS J 31 -15.00 30.82 -32.65
C LYS J 31 -14.22 30.09 -31.56
N GLY J 32 -13.19 30.73 -31.01
CA GLY J 32 -12.43 30.12 -29.93
C GLY J 32 -13.26 29.88 -28.70
N PHE J 33 -14.12 30.84 -28.34
CA PHE J 33 -15.00 30.64 -27.19
C PHE J 33 -15.94 29.47 -27.41
N GLY J 34 -16.49 29.34 -28.62
CA GLY J 34 -17.31 28.18 -28.94
C GLY J 34 -16.55 26.87 -28.80
N LYS J 35 -15.27 26.88 -29.21
CA LYS J 35 -14.44 25.69 -29.05
C LYS J 35 -14.29 25.32 -27.58
N ILE J 36 -14.06 26.32 -26.72
CA ILE J 36 -13.92 26.05 -25.29
C ILE J 36 -15.21 25.46 -24.72
N ALA J 37 -16.36 26.02 -25.11
CA ALA J 37 -17.63 25.49 -24.64
C ALA J 37 -17.84 24.05 -25.08
N ILE J 38 -17.48 23.74 -26.33
CA ILE J 38 -17.60 22.37 -26.82
C ILE J 38 -16.73 21.43 -26.00
N ALA J 39 -15.50 21.84 -25.70
CA ALA J 39 -14.61 21.01 -24.91
C ALA J 39 -15.19 20.72 -23.52
N ILE J 40 -15.71 21.75 -22.86
CA ILE J 40 -16.29 21.54 -21.53
C ILE J 40 -17.47 20.58 -21.60
N SER J 41 -18.32 20.76 -22.60
CA SER J 41 -19.48 19.88 -22.75
C SER J 41 -19.04 18.42 -22.95
N LEU J 42 -18.04 18.20 -23.80
CA LEU J 42 -17.56 16.84 -24.03
C LEU J 42 -17.01 16.22 -22.76
N PHE J 43 -16.23 16.99 -21.98
CA PHE J 43 -15.65 16.47 -20.76
C PHE J 43 -16.73 16.04 -19.77
N LEU J 44 -17.72 16.90 -19.56
CA LEU J 44 -18.79 16.56 -18.62
C LEU J 44 -19.62 15.37 -19.11
N ALA J 45 -19.86 15.31 -20.43
CA ALA J 45 -20.62 14.19 -20.98
C ALA J 45 -19.87 12.87 -20.78
N LEU J 46 -18.55 12.89 -20.97
CA LEU J 46 -17.77 11.67 -20.72
C LEU J 46 -17.88 11.22 -19.27
N ILE J 47 -17.81 12.18 -18.33
CA ILE J 47 -17.95 11.80 -16.92
C ILE J 47 -19.33 11.17 -16.68
N ILE J 48 -20.38 11.77 -17.24
CA ILE J 48 -21.73 11.24 -16.99
C ILE J 48 -21.88 9.85 -17.58
N GLY J 49 -21.35 9.62 -18.78
CA GLY J 49 -21.43 8.29 -19.37
C GLY J 49 -20.69 7.24 -18.56
N LEU J 50 -19.49 7.59 -18.07
CA LEU J 50 -18.76 6.65 -17.23
C LEU J 50 -19.56 6.32 -15.97
N ASN J 51 -20.18 7.33 -15.36
CA ASN J 51 -21.02 7.07 -14.19
C ASN J 51 -22.15 6.12 -14.52
N SER J 52 -22.80 6.33 -15.67
CA SER J 52 -23.92 5.47 -16.03
C SER J 52 -23.48 4.02 -16.16
N ILE J 53 -22.34 3.79 -16.83
CA ILE J 53 -21.85 2.41 -16.98
C ILE J 53 -21.52 1.80 -15.63
N LEU J 54 -20.82 2.55 -14.77
CA LEU J 54 -20.41 2.01 -13.49
C LEU J 54 -21.62 1.67 -12.61
N VAL J 55 -22.66 2.50 -12.65
CA VAL J 55 -23.85 2.24 -11.77
C VAL J 55 -24.53 0.94 -12.24
N GLY J 56 -24.56 0.68 -13.55
CA GLY J 56 -25.25 -0.50 -14.08
C GLY J 56 -24.65 -1.82 -13.64
N TYR J 57 -23.31 -1.92 -13.57
CA TYR J 57 -22.63 -3.19 -13.21
C TYR J 57 -23.07 -3.69 -11.84
N LEU J 58 -23.29 -2.78 -10.89
CA LEU J 58 -23.60 -3.18 -9.50
C LEU J 58 -24.95 -3.89 -9.37
N SER J 59 -25.79 -3.91 -10.41
CA SER J 59 -27.07 -4.59 -10.17
C SER J 59 -26.92 -6.10 -10.11
N ASP J 60 -26.06 -6.66 -10.98
CA ASP J 60 -25.99 -8.11 -11.13
C ASP J 60 -25.39 -8.77 -9.90
N ILE J 61 -24.30 -8.23 -9.38
CA ILE J 61 -23.49 -8.91 -8.37
C ILE J 61 -24.01 -8.67 -6.97
N SER J 62 -25.19 -8.08 -6.86
CA SER J 62 -25.72 -7.72 -5.55
C SER J 62 -25.94 -8.95 -4.67
N ALA J 63 -25.62 -8.81 -3.40
CA ALA J 63 -25.82 -9.87 -2.41
C ALA J 63 -26.08 -9.25 -1.05
N GLN J 64 -26.67 -10.03 -0.16
CA GLN J 64 -27.06 -9.55 1.15
C GLN J 64 -26.50 -10.45 2.25
N LEU J 65 -26.26 -9.86 3.40
CA LEU J 65 -25.82 -10.63 4.56
C LEU J 65 -26.93 -11.57 5.00
N PRO J 66 -26.62 -12.83 5.27
CA PRO J 66 -27.67 -13.78 5.68
C PRO J 66 -28.32 -13.38 6.99
N SER J 67 -29.40 -14.08 7.33
CA SER J 67 -30.10 -13.80 8.58
C SER J 67 -29.21 -14.02 9.78
N ASP J 68 -28.37 -15.05 9.73
CA ASP J 68 -27.38 -15.25 10.78
C ASP J 68 -26.30 -14.18 10.67
N PHE J 69 -25.42 -14.16 11.69
CA PHE J 69 -24.33 -13.19 11.81
C PHE J 69 -24.87 -11.81 12.14
N VAL J 70 -26.20 -11.64 12.12
CA VAL J 70 -26.80 -10.37 12.52
C VAL J 70 -26.69 -10.20 14.03
N GLN J 71 -26.88 -11.28 14.78
CA GLN J 71 -26.84 -11.19 16.24
C GLN J 71 -25.48 -10.74 16.74
N GLY J 72 -24.41 -11.32 16.19
CA GLY J 72 -23.08 -10.92 16.62
C GLY J 72 -22.74 -9.49 16.25
N VAL J 73 -23.08 -9.09 15.03
CA VAL J 73 -22.79 -7.73 14.59
C VAL J 73 -23.52 -6.73 15.47
N GLN J 74 -24.80 -6.98 15.76
CA GLN J 74 -25.52 -6.11 16.67
C GLN J 74 -24.96 -6.19 18.09
N LEU J 75 -24.39 -7.34 18.46
CA LEU J 75 -23.76 -7.48 19.78
C LEU J 75 -22.58 -6.54 19.92
N ILE J 76 -21.78 -6.39 18.87
CA ILE J 76 -20.54 -5.62 18.96
C ILE J 76 -20.67 -4.19 18.45
N LEU J 77 -21.64 -3.88 17.61
CA LEU J 77 -21.61 -2.65 16.84
C LEU J 77 -21.79 -1.43 17.72
N PRO J 78 -20.84 -0.50 17.75
CA PRO J 78 -21.01 0.71 18.55
C PRO J 78 -21.95 1.69 17.87
N SER J 79 -22.22 2.79 18.56
CA SER J 79 -23.22 3.75 18.08
C SER J 79 -22.71 4.60 16.92
N ASN J 80 -21.40 4.64 16.67
CA ASN J 80 -20.82 5.52 15.68
C ASN J 80 -20.09 4.77 14.57
N ALA J 81 -20.58 3.59 14.19
CA ALA J 81 -19.98 2.87 13.07
C ALA J 81 -20.58 3.32 11.75
N LEU J 82 -21.90 3.18 11.62
CA LEU J 82 -22.58 3.68 10.43
C LEU J 82 -22.37 5.17 10.21
N PRO J 83 -22.41 6.05 11.23
CA PRO J 83 -22.04 7.44 10.98
C PRO J 83 -20.66 7.61 10.40
N CYS J 84 -19.68 6.83 10.86
CA CYS J 84 -18.33 6.93 10.30
C CYS J 84 -18.31 6.49 8.84
N PHE J 85 -19.01 5.39 8.52
CA PHE J 85 -19.06 4.95 7.13
C PHE J 85 -19.70 6.00 6.24
N TYR J 86 -20.79 6.61 6.70
CA TYR J 86 -21.45 7.64 5.91
C TYR J 86 -20.60 8.90 5.79
N VAL J 87 -19.83 9.23 6.82
CA VAL J 87 -18.92 10.36 6.75
C VAL J 87 -17.85 10.10 5.69
N ILE J 88 -17.34 8.87 5.64
CA ILE J 88 -16.35 8.54 4.61
C ILE J 88 -16.95 8.69 3.22
N LEU J 89 -18.17 8.18 3.02
CA LEU J 89 -18.81 8.32 1.71
C LEU J 89 -19.05 9.77 1.35
N SER J 90 -19.48 10.59 2.32
CA SER J 90 -19.71 12.01 2.06
C SER J 90 -18.41 12.72 1.70
N VAL J 91 -17.31 12.36 2.37
CA VAL J 91 -16.01 12.93 2.04
C VAL J 91 -15.62 12.58 0.62
N LYS J 92 -15.87 11.32 0.23
CA LYS J 92 -15.56 10.88 -1.16
C LYS J 92 -16.33 11.75 -2.16
N ALA J 93 -17.64 11.96 -1.91
CA ALA J 93 -18.46 12.76 -2.83
C ALA J 93 -18.00 14.20 -2.89
N ALA J 94 -17.67 14.78 -1.73
CA ALA J 94 -17.23 16.17 -1.68
C ALA J 94 -15.93 16.35 -2.46
N ILE J 95 -14.98 15.42 -2.30
CA ILE J 95 -13.72 15.52 -3.01
C ILE J 95 -13.96 15.39 -4.52
N PHE J 96 -14.86 14.50 -4.92
CA PHE J 96 -15.16 14.35 -6.34
C PHE J 96 -15.68 15.65 -6.95
N ILE J 97 -16.68 16.25 -6.31
CA ILE J 97 -17.24 17.47 -6.88
C ILE J 97 -16.24 18.63 -6.80
N PHE J 98 -15.39 18.63 -5.78
CA PHE J 98 -14.34 19.64 -5.70
C PHE J 98 -13.37 19.52 -6.87
N ASP J 99 -12.98 18.30 -7.20
CA ASP J 99 -12.09 18.10 -8.36
C ASP J 99 -12.77 18.56 -9.65
N VAL J 100 -14.04 18.24 -9.82
CA VAL J 100 -14.76 18.64 -11.04
C VAL J 100 -14.80 20.16 -11.14
N LYS J 101 -15.14 20.84 -10.05
CA LYS J 101 -15.21 22.29 -10.08
C LYS J 101 -13.85 22.92 -10.31
N GLN J 102 -12.78 22.33 -9.76
CA GLN J 102 -11.45 22.87 -9.99
C GLN J 102 -11.04 22.71 -11.46
N LYS J 103 -11.44 21.61 -12.09
CA LYS J 103 -11.16 21.47 -13.52
C LYS J 103 -11.93 22.51 -14.33
N ILE J 104 -13.19 22.78 -13.95
CA ILE J 104 -13.97 23.81 -14.62
C ILE J 104 -13.28 25.16 -14.47
N VAL J 105 -12.76 25.46 -13.28
CA VAL J 105 -12.02 26.70 -13.06
C VAL J 105 -10.80 26.76 -13.96
N SER J 106 -10.04 25.65 -14.02
CA SER J 106 -8.83 25.62 -14.84
C SER J 106 -9.14 25.82 -16.32
N TYR J 107 -10.35 25.51 -16.76
CA TYR J 107 -10.72 25.82 -18.14
C TYR J 107 -10.72 27.32 -18.47
N LEU J 108 -10.42 28.19 -17.51
CA LEU J 108 -10.32 29.61 -17.79
C LEU J 108 -9.05 29.99 -18.54
N ASP J 109 -8.08 29.08 -18.64
CA ASP J 109 -6.80 29.37 -19.27
C ASP J 109 -6.79 29.07 -20.77
N TRP J 110 -7.89 28.54 -21.31
CA TRP J 110 -7.94 28.22 -22.72
C TRP J 110 -8.14 29.47 -23.57
N LYS K 262 -1.92 72.78 -75.49
CA LYS K 262 -2.40 72.04 -74.33
C LYS K 262 -1.37 72.06 -73.21
N MET K 263 -1.44 73.11 -72.38
CA MET K 263 -0.51 73.22 -71.22
C MET K 263 -0.84 72.11 -70.23
N ALA K 264 -2.12 71.74 -70.13
CA ALA K 264 -2.54 70.64 -69.24
C ALA K 264 -1.71 69.39 -69.55
N ASN K 265 -1.60 69.02 -70.83
CA ASN K 265 -0.82 67.85 -71.22
C ASN K 265 0.64 67.99 -70.81
N ALA K 266 1.22 69.18 -71.00
CA ALA K 266 2.61 69.38 -70.63
C ALA K 266 2.82 69.22 -69.12
N ASN K 267 1.93 69.82 -68.32
CA ASN K 267 2.06 69.69 -66.87
C ASN K 267 1.85 68.25 -66.42
N LYS K 268 0.89 67.55 -67.04
CA LYS K 268 0.67 66.14 -66.72
C LYS K 268 1.90 65.30 -67.05
N GLY K 269 2.51 65.54 -68.21
CA GLY K 269 3.69 64.79 -68.57
C GLY K 269 4.88 65.08 -67.67
N ALA K 270 4.97 66.32 -67.20
CA ALA K 270 6.12 66.73 -66.35
C ALA K 270 6.10 65.97 -65.02
N MET K 271 4.92 65.81 -64.40
CA MET K 271 4.86 65.17 -63.06
C MET K 271 4.15 63.82 -63.15
N THR K 272 4.61 62.93 -64.03
CA THR K 272 4.02 61.60 -64.14
C THR K 272 5.10 60.59 -64.50
N GLU K 273 5.07 59.44 -63.83
CA GLU K 273 5.94 58.32 -64.13
C GLU K 273 5.09 57.10 -64.43
N ASN K 274 5.45 56.38 -65.50
CA ASN K 274 4.68 55.21 -65.93
C ASN K 274 4.99 54.03 -65.01
N ALA K 275 4.01 53.63 -64.21
CA ALA K 275 4.14 52.52 -63.29
C ALA K 275 3.10 51.46 -63.62
N ASP K 276 3.54 50.19 -63.62
CA ASP K 276 2.68 49.07 -63.97
C ASP K 276 2.35 48.28 -62.72
N GLU K 277 1.06 48.04 -62.50
CA GLU K 277 0.63 47.27 -61.33
C GLU K 277 1.14 45.84 -61.38
N ASN K 278 1.11 45.23 -62.57
CA ASN K 278 1.53 43.84 -62.73
C ASN K 278 3.02 43.64 -62.48
N ALA K 279 3.81 44.70 -62.44
CA ALA K 279 5.23 44.58 -62.13
C ALA K 279 5.49 44.73 -60.64
N LEU K 280 4.96 45.78 -60.02
CA LEU K 280 5.16 45.98 -58.59
C LEU K 280 4.52 44.87 -57.78
N GLN K 281 3.29 44.49 -58.12
CA GLN K 281 2.63 43.39 -57.43
C GLN K 281 3.42 42.09 -57.58
N SER K 282 3.88 41.81 -58.79
CA SER K 282 4.63 40.58 -59.02
C SER K 282 5.92 40.57 -58.22
N ASP K 283 6.64 41.69 -58.19
CA ASP K 283 7.90 41.74 -57.45
C ASP K 283 7.67 41.55 -55.96
N ALA K 284 6.68 42.27 -55.40
CA ALA K 284 6.41 42.13 -53.97
C ALA K 284 5.99 40.71 -53.62
N LYS K 285 5.10 40.13 -54.42
CA LYS K 285 4.64 38.76 -54.14
C LYS K 285 5.79 37.77 -54.29
N GLY K 286 6.67 38.00 -55.27
CA GLY K 286 7.81 37.09 -55.44
C GLY K 286 8.74 37.10 -54.24
N LYS K 287 9.07 38.29 -53.74
CA LYS K 287 9.91 38.37 -52.55
C LYS K 287 9.24 37.74 -51.34
N LEU K 288 7.95 38.06 -51.14
CA LEU K 288 7.24 37.53 -49.97
C LEU K 288 7.13 36.02 -50.04
N ASP K 289 6.91 35.46 -51.23
CA ASP K 289 6.85 34.01 -51.36
C ASP K 289 8.22 33.38 -51.17
N SER K 290 9.27 34.01 -51.70
CA SER K 290 10.61 33.46 -51.55
C SER K 290 11.07 33.43 -50.10
N VAL K 291 10.50 34.29 -49.25
CA VAL K 291 10.82 34.17 -47.83
C VAL K 291 9.81 33.31 -47.05
N ALA K 292 8.54 33.31 -47.46
CA ALA K 292 7.55 32.47 -46.79
C ALA K 292 7.81 30.99 -47.04
N THR K 293 8.42 30.65 -48.17
CA THR K 293 8.80 29.26 -48.39
C THR K 293 9.85 28.82 -47.38
N ASP K 294 10.80 29.70 -47.05
CA ASP K 294 11.76 29.39 -46.00
C ASP K 294 11.07 29.24 -44.65
N TYR K 295 10.10 30.11 -44.37
CA TYR K 295 9.33 29.98 -43.13
C TYR K 295 8.66 28.61 -43.03
N GLY K 296 7.93 28.23 -44.08
CA GLY K 296 7.25 26.93 -44.07
C GLY K 296 8.20 25.77 -44.01
N ALA K 297 9.34 25.88 -44.70
CA ALA K 297 10.34 24.82 -44.66
C ALA K 297 10.90 24.65 -43.24
N ALA K 298 11.14 25.75 -42.54
CA ALA K 298 11.62 25.66 -41.16
C ALA K 298 10.58 24.98 -40.26
N ILE K 299 9.30 25.37 -40.41
CA ILE K 299 8.26 24.76 -39.60
C ILE K 299 8.18 23.26 -39.86
N ASP K 300 8.17 22.87 -41.13
CA ASP K 300 8.06 21.46 -41.49
C ASP K 300 9.30 20.69 -41.05
N GLY K 301 10.48 21.31 -41.10
CA GLY K 301 11.68 20.64 -40.63
C GLY K 301 11.63 20.38 -39.14
N PHE K 302 11.16 21.36 -38.35
CA PHE K 302 11.01 21.12 -36.92
C PHE K 302 10.03 19.99 -36.66
N ILE K 303 8.91 19.99 -37.36
CA ILE K 303 7.89 18.96 -37.15
C ILE K 303 8.47 17.59 -37.47
N GLY K 304 9.16 17.48 -38.60
CA GLY K 304 9.75 16.21 -39.00
C GLY K 304 10.82 15.73 -38.04
N ASP K 305 11.65 16.65 -37.54
CA ASP K 305 12.68 16.28 -36.59
C ASP K 305 12.08 15.71 -35.31
N VAL K 306 11.07 16.40 -34.76
CA VAL K 306 10.48 15.92 -33.51
C VAL K 306 9.75 14.59 -33.73
N SER K 307 9.04 14.47 -34.85
CA SER K 307 8.36 13.20 -35.13
C SER K 307 9.34 12.06 -35.30
N GLY K 308 10.47 12.31 -35.98
CA GLY K 308 11.47 11.28 -36.16
C GLY K 308 12.13 10.88 -34.86
N LEU K 309 12.36 11.85 -33.97
CA LEU K 309 12.86 11.51 -32.64
C LEU K 309 11.85 10.66 -31.89
N ALA K 310 10.56 10.98 -32.02
CA ALA K 310 9.53 10.25 -31.29
C ALA K 310 9.42 8.80 -31.78
N ASN K 311 9.29 8.60 -33.09
CA ASN K 311 9.01 7.27 -33.63
C ASN K 311 10.25 6.51 -34.06
N GLY K 312 11.44 7.05 -33.82
CA GLY K 312 12.67 6.35 -34.14
C GLY K 312 13.16 6.49 -35.56
N ASN K 313 12.51 7.32 -36.39
CA ASN K 313 13.00 7.53 -37.74
C ASN K 313 14.31 8.31 -37.74
N GLY K 314 14.43 9.31 -36.88
CA GLY K 314 15.64 10.10 -36.79
C GLY K 314 15.40 11.59 -36.99
N ALA K 315 16.38 12.41 -36.62
CA ALA K 315 16.27 13.86 -36.73
C ALA K 315 17.54 14.41 -37.37
N THR K 316 17.39 15.56 -38.04
CA THR K 316 18.50 16.25 -38.68
C THR K 316 18.44 17.72 -38.31
N GLY K 317 19.60 18.34 -38.14
CA GLY K 317 19.68 19.75 -37.82
C GLY K 317 19.95 19.98 -36.34
N ASP K 318 19.14 20.85 -35.72
CA ASP K 318 19.32 21.14 -34.30
C ASP K 318 19.09 19.91 -33.44
N PHE K 319 18.14 19.07 -33.82
CA PHE K 319 17.80 17.89 -33.04
C PHE K 319 18.67 16.67 -33.37
N ALA K 320 19.66 16.83 -34.26
CA ALA K 320 20.51 15.70 -34.61
C ALA K 320 21.32 15.21 -33.42
N GLY K 321 21.61 16.09 -32.47
CA GLY K 321 22.38 15.72 -31.30
C GLY K 321 21.66 14.79 -30.35
N SER K 322 20.32 14.76 -30.42
CA SER K 322 19.54 13.88 -29.55
C SER K 322 19.35 12.50 -30.14
N ASN K 323 19.84 12.26 -31.36
CA ASN K 323 19.70 10.94 -31.97
C ASN K 323 20.44 9.89 -31.16
N SER K 324 21.65 10.21 -30.70
CA SER K 324 22.42 9.28 -29.89
C SER K 324 21.70 8.96 -28.59
N GLN K 325 21.16 10.00 -27.95
CA GLN K 325 20.44 9.82 -26.66
C GLN K 325 19.19 8.95 -26.87
N MET K 326 18.44 9.18 -27.95
CA MET K 326 17.23 8.42 -28.19
C MET K 326 17.55 6.98 -28.58
N ALA K 327 18.66 6.77 -29.29
CA ALA K 327 19.11 5.41 -29.56
C ALA K 327 19.56 4.70 -28.29
N GLN K 328 20.18 5.42 -27.37
CA GLN K 328 20.53 4.85 -26.07
C GLN K 328 19.31 4.50 -25.24
N VAL K 329 18.22 5.27 -25.35
CA VAL K 329 17.00 4.94 -24.63
C VAL K 329 16.42 3.61 -25.13
N GLY K 330 16.40 3.42 -26.45
CA GLY K 330 15.94 2.18 -27.04
C GLY K 330 14.47 2.23 -27.42
N ASP K 331 14.05 1.18 -28.14
CA ASP K 331 12.67 1.08 -28.61
C ASP K 331 12.20 -0.36 -28.49
N GLY K 332 10.88 -0.52 -28.41
CA GLY K 332 10.28 -1.83 -28.22
C GLY K 332 10.23 -2.21 -26.75
N ASP K 333 11.26 -2.94 -26.31
CA ASP K 333 11.38 -3.30 -24.87
C ASP K 333 12.87 -3.45 -24.54
N ASN K 334 13.75 -3.32 -25.53
CA ASN K 334 15.19 -3.44 -25.33
C ASN K 334 15.76 -2.05 -25.09
N SER K 335 15.91 -1.68 -23.83
CA SER K 335 16.44 -0.37 -23.48
C SER K 335 17.89 -0.51 -23.05
N PRO K 336 18.85 -0.01 -23.83
CA PRO K 336 20.25 -0.07 -23.38
C PRO K 336 20.48 0.66 -22.07
N LEU K 337 19.61 1.62 -21.73
CA LEU K 337 19.72 2.29 -20.41
C LEU K 337 19.28 1.32 -19.32
N MET K 338 18.30 0.47 -19.61
CA MET K 338 17.82 -0.50 -18.62
C MET K 338 18.71 -1.73 -18.53
N ASN K 339 19.35 -2.11 -19.63
CA ASN K 339 20.17 -3.32 -19.65
C ASN K 339 21.42 -3.19 -18.78
N ASN K 340 21.76 -1.98 -18.33
CA ASN K 340 22.88 -1.82 -17.42
C ASN K 340 22.63 -2.52 -16.10
N PHE K 341 21.38 -2.56 -15.64
CA PHE K 341 21.04 -3.21 -14.39
C PHE K 341 21.13 -4.73 -14.49
N ARG K 342 21.07 -5.29 -15.69
CA ARG K 342 21.07 -6.74 -15.83
C ARG K 342 22.40 -7.36 -15.40
N GLN K 343 23.50 -6.61 -15.51
CA GLN K 343 24.79 -7.15 -15.11
C GLN K 343 24.84 -7.42 -13.62
N TYR K 344 24.15 -6.60 -12.82
CA TYR K 344 24.11 -6.75 -11.37
C TYR K 344 22.89 -7.54 -10.89
N LEU K 345 22.15 -8.16 -11.81
CA LEU K 345 20.96 -8.91 -11.43
C LEU K 345 21.36 -10.07 -10.52
N PRO K 346 20.67 -10.27 -9.39
CA PRO K 346 21.04 -11.36 -8.48
C PRO K 346 20.85 -12.72 -9.16
N SER K 347 21.76 -13.64 -8.84
CA SER K 347 21.70 -14.97 -9.43
C SER K 347 20.72 -15.84 -8.66
N LEU K 348 19.85 -16.53 -9.38
CA LEU K 348 18.85 -17.38 -8.79
C LEU K 348 18.93 -18.78 -9.39
N PRO K 349 18.60 -19.81 -8.60
CA PRO K 349 18.71 -21.18 -9.11
C PRO K 349 17.76 -21.43 -10.26
N GLN K 350 18.17 -22.30 -11.17
CA GLN K 350 17.36 -22.70 -12.30
C GLN K 350 16.50 -23.90 -11.92
N SER K 351 15.21 -23.83 -12.26
CA SER K 351 14.28 -24.88 -11.87
C SER K 351 14.59 -26.18 -12.59
N VAL K 352 14.67 -27.27 -11.82
CA VAL K 352 14.96 -28.60 -12.34
C VAL K 352 13.89 -29.56 -11.84
N GLU K 353 14.03 -30.82 -12.22
CA GLU K 353 13.08 -31.84 -11.78
C GLU K 353 13.22 -32.09 -10.28
N CYS K 354 12.16 -32.64 -9.70
CA CYS K 354 12.12 -32.84 -8.25
C CYS K 354 12.97 -34.03 -7.85
N ARG K 355 13.79 -33.84 -6.82
CA ARG K 355 14.59 -34.91 -6.24
C ARG K 355 14.15 -35.13 -4.79
N PRO K 356 13.72 -36.34 -4.42
CA PRO K 356 13.28 -36.58 -3.04
C PRO K 356 14.42 -36.36 -2.05
N PHE K 357 14.06 -35.87 -0.87
CA PHE K 357 15.01 -35.67 0.21
C PHE K 357 14.94 -36.85 1.17
N VAL K 358 16.11 -37.40 1.51
CA VAL K 358 16.22 -38.60 2.32
C VAL K 358 16.71 -38.21 3.70
N PHE K 359 15.96 -38.60 4.74
CA PHE K 359 16.37 -38.32 6.14
C PHE K 359 16.97 -39.60 6.73
N GLY K 360 18.10 -39.47 7.44
CA GLY K 360 18.72 -40.64 8.09
C GLY K 360 18.97 -41.76 7.10
N ALA K 361 19.69 -41.48 6.01
CA ALA K 361 19.96 -42.51 4.97
C ALA K 361 20.75 -43.68 5.56
N GLY K 362 20.29 -44.91 5.34
CA GLY K 362 21.01 -46.11 5.82
C GLY K 362 20.62 -46.51 7.23
N LYS K 363 19.86 -45.66 7.94
CA LYS K 363 19.50 -45.96 9.35
C LYS K 363 18.12 -46.63 9.40
N PRO K 364 17.74 -47.30 10.51
CA PRO K 364 16.40 -47.91 10.64
C PRO K 364 15.27 -46.87 10.56
N TYR K 365 15.59 -45.59 10.80
CA TYR K 365 14.57 -44.50 10.77
C TYR K 365 14.65 -43.77 9.42
N GLU K 366 14.89 -44.49 8.33
CA GLU K 366 15.09 -43.84 7.01
C GLU K 366 13.75 -43.58 6.32
N PHE K 367 13.34 -42.31 6.23
CA PHE K 367 12.15 -41.96 5.47
C PHE K 367 12.50 -40.85 4.49
N SER K 368 11.79 -40.82 3.37
CA SER K 368 12.05 -39.86 2.32
C SER K 368 10.76 -39.21 1.86
N ILE K 369 10.85 -37.94 1.47
CA ILE K 369 9.69 -37.24 0.92
C ILE K 369 9.36 -37.84 -0.45
N ASP K 370 8.13 -38.33 -0.60
CA ASP K 370 7.77 -39.11 -1.78
C ASP K 370 7.75 -38.27 -3.05
N CYS K 371 7.81 -36.95 -2.94
CA CYS K 371 7.86 -35.99 -4.05
C CYS K 371 6.70 -36.14 -5.02
N ASP K 372 5.68 -36.95 -4.68
CA ASP K 372 4.48 -37.01 -5.51
C ASP K 372 3.60 -35.79 -5.28
N LYS K 373 3.51 -35.32 -4.04
CA LYS K 373 2.75 -34.12 -3.73
C LYS K 373 3.53 -32.85 -4.02
N ILE K 374 4.86 -32.94 -4.09
CA ILE K 374 5.66 -31.77 -4.45
C ILE K 374 5.32 -31.31 -5.87
N ASN K 375 5.07 -32.27 -6.77
CA ASN K 375 4.71 -31.90 -8.13
C ASN K 375 3.34 -31.23 -8.18
N LEU K 376 2.38 -31.71 -7.38
CA LEU K 376 1.09 -31.05 -7.31
C LEU K 376 1.21 -29.63 -6.77
N PHE K 377 2.03 -29.46 -5.72
CA PHE K 377 2.26 -28.11 -5.21
C PHE K 377 2.94 -27.24 -6.24
N ARG K 378 3.86 -27.82 -7.02
CA ARG K 378 4.59 -27.06 -8.06
C ARG K 378 3.59 -26.61 -9.14
N GLY K 379 2.61 -27.46 -9.47
CA GLY K 379 1.59 -27.07 -10.43
C GLY K 379 0.72 -25.93 -9.93
N VAL K 380 0.25 -26.04 -8.68
CA VAL K 380 -0.59 -24.96 -8.16
C VAL K 380 0.21 -23.67 -7.97
N PHE K 381 1.49 -23.79 -7.61
CA PHE K 381 2.35 -22.62 -7.50
C PHE K 381 2.54 -21.94 -8.85
N ALA K 382 2.73 -22.73 -9.90
CA ALA K 382 2.82 -22.16 -11.24
C ALA K 382 1.55 -21.45 -11.63
N PHE K 383 0.39 -22.04 -11.30
CA PHE K 383 -0.87 -21.38 -11.59
C PHE K 383 -1.00 -20.05 -10.86
N LEU K 384 -0.64 -20.02 -9.58
CA LEU K 384 -0.73 -18.78 -8.80
C LEU K 384 0.21 -17.72 -9.34
N LEU K 385 1.43 -18.11 -9.71
CA LEU K 385 2.38 -17.16 -10.29
C LEU K 385 1.85 -16.60 -11.60
N TYR K 386 1.22 -17.43 -12.43
CA TYR K 386 0.61 -16.88 -13.66
C TYR K 386 -0.47 -15.86 -13.30
N VAL K 387 -1.47 -16.25 -12.52
CA VAL K 387 -2.61 -15.34 -12.19
C VAL K 387 -2.07 -14.04 -11.61
N ALA K 388 -0.96 -14.08 -10.86
CA ALA K 388 -0.42 -12.82 -10.37
C ALA K 388 0.21 -12.01 -11.49
N THR K 389 1.01 -12.65 -12.34
CA THR K 389 1.67 -11.92 -13.42
C THR K 389 0.65 -11.40 -14.44
N PHE K 390 -0.37 -12.20 -14.76
CA PHE K 390 -1.39 -11.75 -15.70
C PHE K 390 -2.13 -10.54 -15.16
N MET K 391 -2.52 -10.57 -13.88
CA MET K 391 -3.21 -9.43 -13.29
C MET K 391 -2.30 -8.21 -13.28
N TYR K 392 -1.02 -8.41 -12.97
CA TYR K 392 -0.08 -7.29 -12.97
C TYR K 392 0.03 -6.64 -14.35
N VAL K 393 0.15 -7.47 -15.39
CA VAL K 393 0.28 -6.93 -16.75
C VAL K 393 -1.01 -6.24 -17.18
N PHE K 394 -2.16 -6.83 -16.86
CA PHE K 394 -3.44 -6.25 -17.23
C PHE K 394 -3.62 -4.88 -16.59
N SER K 395 -3.34 -4.79 -15.29
CA SER K 395 -3.44 -3.49 -14.58
C SER K 395 -2.38 -2.52 -15.09
N THR K 396 -1.19 -3.02 -15.44
CA THR K 396 -0.10 -2.17 -16.00
C THR K 396 -0.63 -1.49 -17.27
N PHE K 397 -1.22 -2.26 -18.19
CA PHE K 397 -1.72 -1.65 -19.41
C PHE K 397 -2.93 -0.77 -19.15
N ALA K 398 -3.80 -1.15 -18.21
CA ALA K 398 -4.98 -0.35 -17.92
C ALA K 398 -4.65 0.99 -17.27
N ASN K 399 -3.47 1.13 -16.66
CA ASN K 399 -3.10 2.35 -15.96
C ASN K 399 -1.85 2.96 -16.57
N ILE K 400 -1.83 3.06 -17.91
CA ILE K 400 -0.69 3.69 -18.57
C ILE K 400 -0.82 5.21 -18.57
N LEU K 401 -2.02 5.73 -18.82
CA LEU K 401 -2.21 7.17 -18.80
C LEU K 401 -2.23 7.72 -17.38
N ARG K 402 -2.65 6.90 -16.41
CA ARG K 402 -2.56 7.32 -15.01
C ARG K 402 -1.10 7.36 -14.56
N ASN K 403 -0.73 8.41 -13.84
CA ASN K 403 0.69 8.58 -13.44
C ASN K 403 1.00 7.59 -12.31
N LYS K 404 0.94 6.29 -12.58
CA LYS K 404 1.15 5.25 -11.53
C LYS K 404 2.22 4.25 -11.94
N GLU K 405 2.88 3.64 -10.96
CA GLU K 405 4.01 2.69 -11.24
C GLU K 405 3.48 1.46 -11.98
N SER K 406 4.17 1.05 -13.05
CA SER K 406 3.73 -0.11 -13.86
C SER K 406 4.92 -0.69 -14.63
N ASP L 28 3.13 -66.09 14.40
CA ASP L 28 3.00 -65.34 15.64
C ASP L 28 1.90 -64.28 15.52
N PRO L 29 1.02 -64.21 16.52
CA PRO L 29 -0.05 -63.19 16.48
C PRO L 29 0.46 -61.77 16.49
N ALA L 30 1.63 -61.53 17.10
CA ALA L 30 2.13 -60.16 17.22
C ALA L 30 2.42 -59.55 15.86
N LYS L 31 3.09 -60.28 14.98
CA LYS L 31 3.42 -59.74 13.67
C LYS L 31 2.17 -59.52 12.83
N ALA L 32 1.18 -60.41 12.94
CA ALA L 32 -0.06 -60.22 12.22
C ALA L 32 -0.78 -58.97 12.71
N ALA L 33 -0.81 -58.74 14.03
CA ALA L 33 -1.43 -57.54 14.56
C ALA L 33 -0.70 -56.29 14.09
N PHE L 34 0.63 -56.34 14.07
CA PHE L 34 1.40 -55.18 13.63
C PHE L 34 1.15 -54.87 12.15
N ASN L 35 1.07 -55.91 11.31
CA ASN L 35 0.77 -55.70 9.90
C ASN L 35 -0.63 -55.14 9.71
N SER L 36 -1.60 -55.63 10.49
CA SER L 36 -2.95 -55.08 10.41
C SER L 36 -2.97 -53.61 10.80
N LEU L 37 -2.24 -53.26 11.85
CA LEU L 37 -2.16 -51.86 12.27
C LEU L 37 -1.52 -51.00 11.18
N GLN L 38 -0.46 -51.51 10.54
CA GLN L 38 0.19 -50.76 9.47
C GLN L 38 -0.76 -50.55 8.29
N ALA L 39 -1.53 -51.58 7.93
CA ALA L 39 -2.50 -51.43 6.84
C ALA L 39 -3.57 -50.40 7.18
N SER L 40 -4.07 -50.44 8.42
CA SER L 40 -5.04 -49.44 8.85
C SER L 40 -4.46 -48.04 8.77
N ALA L 41 -3.21 -47.88 9.21
CA ALA L 41 -2.56 -46.59 9.13
C ALA L 41 -2.44 -46.12 7.68
N THR L 42 -2.11 -47.03 6.76
CA THR L 42 -2.00 -46.66 5.36
C THR L 42 -3.34 -46.18 4.81
N GLU L 43 -4.43 -46.87 5.16
CA GLU L 43 -5.75 -46.43 4.71
C GLU L 43 -6.08 -45.04 5.27
N TYR L 44 -5.79 -44.82 6.55
CA TYR L 44 -6.01 -43.51 7.14
C TYR L 44 -5.20 -42.44 6.42
N ILE L 45 -3.96 -42.75 6.06
CA ILE L 45 -3.10 -41.79 5.38
C ILE L 45 -3.68 -41.43 4.02
N GLY L 46 -4.16 -42.42 3.27
CA GLY L 46 -4.76 -42.12 1.97
C GLY L 46 -5.97 -41.23 2.09
N TYR L 47 -6.88 -41.55 3.02
CA TYR L 47 -8.07 -40.72 3.20
C TYR L 47 -7.69 -39.31 3.65
N ALA L 48 -6.72 -39.20 4.55
CA ALA L 48 -6.27 -37.89 5.01
C ALA L 48 -5.67 -37.07 3.88
N TRP L 49 -4.91 -37.72 2.99
CA TRP L 49 -4.36 -37.00 1.85
C TRP L 49 -5.47 -36.46 0.96
N ALA L 50 -6.49 -37.27 0.68
CA ALA L 50 -7.59 -36.79 -0.13
C ALA L 50 -8.28 -35.58 0.51
N MET L 51 -8.57 -35.68 1.82
CA MET L 51 -9.31 -34.61 2.48
C MET L 51 -8.46 -33.34 2.57
N VAL L 52 -7.16 -33.47 2.82
CA VAL L 52 -6.31 -32.30 2.90
C VAL L 52 -6.18 -31.65 1.53
N VAL L 53 -6.17 -32.42 0.45
CA VAL L 53 -6.13 -31.82 -0.88
C VAL L 53 -7.40 -31.00 -1.12
N VAL L 54 -8.56 -31.54 -0.74
CA VAL L 54 -9.80 -30.80 -0.92
C VAL L 54 -9.78 -29.49 -0.12
N ILE L 55 -9.36 -29.57 1.15
CA ILE L 55 -9.38 -28.38 2.00
C ILE L 55 -8.37 -27.35 1.51
N VAL L 56 -7.21 -27.80 1.02
CA VAL L 56 -6.22 -26.90 0.45
C VAL L 56 -6.78 -26.19 -0.77
N GLY L 57 -7.48 -26.92 -1.64
CA GLY L 57 -8.11 -26.28 -2.78
C GLY L 57 -9.11 -25.21 -2.35
N ALA L 58 -9.90 -25.50 -1.32
CA ALA L 58 -10.84 -24.50 -0.81
C ALA L 58 -10.11 -23.26 -0.31
N THR L 59 -9.03 -23.45 0.45
CA THR L 59 -8.30 -22.31 0.98
C THR L 59 -7.72 -21.46 -0.15
N ILE L 60 -7.15 -22.11 -1.18
CA ILE L 60 -6.59 -21.38 -2.31
C ILE L 60 -7.68 -20.59 -3.03
N GLY L 61 -8.85 -21.20 -3.23
CA GLY L 61 -9.94 -20.49 -3.87
C GLY L 61 -10.37 -19.26 -3.09
N ILE L 62 -10.51 -19.39 -1.78
CA ILE L 62 -10.89 -18.26 -0.95
C ILE L 62 -9.87 -17.14 -1.08
N LYS L 63 -8.58 -17.48 -1.00
CA LYS L 63 -7.57 -16.39 -1.03
C LYS L 63 -7.56 -15.75 -2.43
N LEU L 64 -7.65 -16.54 -3.51
CA LEU L 64 -7.62 -15.93 -4.84
C LEU L 64 -8.80 -15.00 -5.06
N PHE L 65 -10.00 -15.42 -4.68
CA PHE L 65 -11.16 -14.59 -4.96
C PHE L 65 -11.32 -13.45 -3.97
N LYS L 66 -10.54 -13.41 -2.90
CA LYS L 66 -10.59 -12.21 -2.01
C LYS L 66 -9.46 -11.29 -2.45
N LYS L 67 -8.30 -11.85 -2.80
CA LYS L 67 -7.13 -11.05 -3.25
C LYS L 67 -7.55 -10.22 -4.45
N PHE L 68 -8.31 -10.79 -5.39
CA PHE L 68 -8.65 -9.98 -6.59
C PHE L 68 -9.24 -8.64 -6.12
N THR L 69 -10.40 -8.71 -5.47
CA THR L 69 -11.11 -7.45 -5.04
C THR L 69 -10.19 -6.61 -4.16
N SER L 70 -9.48 -7.24 -3.20
CA SER L 70 -8.65 -6.45 -2.25
C SER L 70 -7.57 -5.64 -2.99
N LYS L 71 -6.87 -6.28 -3.92
CA LYS L 71 -5.78 -5.61 -4.69
C LYS L 71 -6.40 -4.57 -5.62
N ALA L 72 -7.57 -4.86 -6.19
CA ALA L 72 -8.27 -3.88 -7.04
C ALA L 72 -8.37 -2.57 -6.25
N SER L 73 -8.67 -2.65 -4.95
CA SER L 73 -8.84 -1.41 -4.15
C SER L 73 -7.66 -1.22 -3.20
N ASP M 28 20.65 -74.11 32.64
CA ASP M 28 19.88 -73.09 33.34
C ASP M 28 18.82 -72.48 32.42
N PRO M 29 17.55 -72.83 32.66
CA PRO M 29 16.48 -72.33 31.79
C PRO M 29 16.33 -70.82 31.83
N ALA M 30 16.76 -70.16 32.89
CA ALA M 30 16.57 -68.72 33.02
C ALA M 30 17.32 -67.96 31.94
N LYS M 31 18.55 -68.39 31.63
CA LYS M 31 19.33 -67.70 30.61
C LYS M 31 18.66 -67.81 29.23
N ALA M 32 18.19 -69.00 28.88
CA ALA M 32 17.50 -69.18 27.61
C ALA M 32 16.21 -68.37 27.57
N ALA M 33 15.48 -68.33 28.69
CA ALA M 33 14.26 -67.53 28.74
C ALA M 33 14.56 -66.05 28.54
N PHE M 34 15.62 -65.55 29.18
CA PHE M 34 16.00 -64.16 29.00
C PHE M 34 16.37 -63.86 27.55
N ASN M 35 17.11 -64.78 26.92
CA ASN M 35 17.47 -64.59 25.52
C ASN M 35 16.22 -64.57 24.64
N SER M 36 15.26 -65.45 24.91
CA SER M 36 14.03 -65.48 24.13
C SER M 36 13.24 -64.18 24.28
N LEU M 37 13.14 -63.67 25.51
CA LEU M 37 12.44 -62.40 25.71
C LEU M 37 13.17 -61.26 25.02
N GLN M 38 14.51 -61.29 25.04
CA GLN M 38 15.27 -60.26 24.34
C GLN M 38 15.01 -60.29 22.84
N ALA M 39 14.97 -61.50 22.25
CA ALA M 39 14.69 -61.61 20.83
C ALA M 39 13.28 -61.11 20.50
N SER M 40 12.31 -61.46 21.35
CA SER M 40 10.95 -60.97 21.16
C SER M 40 10.90 -59.45 21.24
N ALA M 41 11.61 -58.86 22.21
CA ALA M 41 11.66 -57.41 22.31
C ALA M 41 12.29 -56.79 21.07
N THR M 42 13.34 -57.41 20.55
CA THR M 42 13.98 -56.89 19.34
C THR M 42 13.04 -56.89 18.15
N GLU M 43 12.29 -57.98 17.96
CA GLU M 43 11.36 -58.01 16.83
C GLU M 43 10.22 -57.01 17.04
N TYR M 44 9.76 -56.84 18.28
CA TYR M 44 8.78 -55.79 18.57
C TYR M 44 9.32 -54.42 18.22
N ILE M 45 10.59 -54.16 18.55
CA ILE M 45 11.21 -52.89 18.24
C ILE M 45 11.27 -52.68 16.73
N GLY M 46 11.60 -53.73 15.98
CA GLY M 46 11.62 -53.61 14.53
C GLY M 46 10.27 -53.25 13.96
N TYR M 47 9.21 -53.95 14.40
CA TYR M 47 7.87 -53.63 13.90
C TYR M 47 7.47 -52.21 14.27
N ALA M 48 7.76 -51.80 15.52
CA ALA M 48 7.42 -50.45 15.95
C ALA M 48 8.16 -49.41 15.14
N TRP M 49 9.44 -49.67 14.82
CA TRP M 49 10.21 -48.75 14.00
C TRP M 49 9.59 -48.60 12.62
N ALA M 50 9.19 -49.72 12.00
CA ALA M 50 8.56 -49.64 10.68
C ALA M 50 7.29 -48.79 10.75
N MET M 51 6.43 -49.07 11.72
CA MET M 51 5.16 -48.34 11.80
C MET M 51 5.39 -46.86 12.06
N VAL M 52 6.31 -46.52 12.98
CA VAL M 52 6.52 -45.12 13.30
C VAL M 52 7.16 -44.40 12.13
N VAL M 53 8.02 -45.07 11.36
CA VAL M 53 8.57 -44.44 10.16
C VAL M 53 7.46 -44.10 9.18
N VAL M 54 6.53 -45.04 8.97
CA VAL M 54 5.41 -44.77 8.06
C VAL M 54 4.60 -43.57 8.55
N ILE M 55 4.26 -43.57 9.84
CA ILE M 55 3.39 -42.52 10.39
C ILE M 55 4.08 -41.16 10.30
N VAL M 56 5.35 -41.09 10.70
CA VAL M 56 6.06 -39.82 10.70
C VAL M 56 6.28 -39.32 9.27
N GLY M 57 6.54 -40.23 8.33
CA GLY M 57 6.66 -39.81 6.94
C GLY M 57 5.38 -39.19 6.42
N ALA M 58 4.24 -39.83 6.71
CA ALA M 58 2.97 -39.26 6.26
C ALA M 58 2.71 -37.91 6.92
N THR M 59 2.98 -37.81 8.22
CA THR M 59 2.75 -36.54 8.92
C THR M 59 3.62 -35.43 8.35
N ILE M 60 4.90 -35.71 8.09
CA ILE M 60 5.79 -34.71 7.54
C ILE M 60 5.34 -34.30 6.14
N GLY M 61 4.91 -35.27 5.32
CA GLY M 61 4.42 -34.92 3.99
C GLY M 61 3.22 -34.00 4.03
N ILE M 62 2.24 -34.34 4.88
CA ILE M 62 1.04 -33.50 4.98
C ILE M 62 1.40 -32.11 5.50
N LYS M 63 2.24 -32.04 6.53
CA LYS M 63 2.60 -30.75 7.11
C LYS M 63 3.34 -29.88 6.10
N LEU M 64 4.28 -30.47 5.35
CA LEU M 64 5.01 -29.71 4.36
C LEU M 64 4.09 -29.23 3.23
N PHE M 65 3.17 -30.08 2.79
CA PHE M 65 2.22 -29.66 1.77
C PHE M 65 1.40 -28.47 2.25
N LYS M 66 0.87 -28.54 3.47
CA LYS M 66 0.05 -27.44 4.01
C LYS M 66 0.90 -26.17 4.15
N LYS M 67 2.13 -26.28 4.65
CA LYS M 67 2.98 -25.10 4.82
C LYS M 67 3.31 -24.45 3.48
N PHE M 68 3.70 -25.27 2.50
CA PHE M 68 4.07 -24.72 1.20
C PHE M 68 2.89 -24.05 0.54
N THR M 69 1.71 -24.67 0.60
CA THR M 69 0.53 -24.04 0.01
C THR M 69 0.17 -22.75 0.72
N SER M 70 0.25 -22.73 2.06
CA SER M 70 -0.08 -21.52 2.79
C SER M 70 0.87 -20.39 2.44
N LYS M 71 2.17 -20.69 2.30
CA LYS M 71 3.12 -19.65 1.93
C LYS M 71 2.95 -19.21 0.48
N ALA M 72 2.51 -20.11 -0.40
CA ALA M 72 2.43 -19.79 -1.81
C ALA M 72 1.34 -18.76 -2.11
N SER M 73 0.22 -18.83 -1.39
CA SER M 73 -0.88 -17.91 -1.64
C SER M 73 -1.03 -16.89 -0.51
N ALA N 30 24.97 -74.09 53.94
CA ALA N 30 24.43 -72.82 54.40
C ALA N 30 25.13 -71.64 53.71
N LYS N 31 26.43 -71.49 54.00
CA LYS N 31 27.19 -70.41 53.38
C LYS N 31 27.30 -70.60 51.87
N ALA N 32 27.47 -71.84 51.42
CA ALA N 32 27.54 -72.12 49.99
C ALA N 32 26.22 -71.77 49.30
N ALA N 33 25.10 -72.04 49.98
CA ALA N 33 23.80 -71.67 49.41
C ALA N 33 23.68 -70.16 49.26
N PHE N 34 24.11 -69.40 50.26
CA PHE N 34 24.08 -67.94 50.16
C PHE N 34 24.98 -67.45 49.04
N ASN N 35 26.17 -68.03 48.90
CA ASN N 35 27.07 -67.62 47.83
C ASN N 35 26.46 -67.90 46.46
N SER N 36 25.84 -69.09 46.30
CA SER N 36 25.20 -69.43 45.04
C SER N 36 24.04 -68.49 44.73
N LEU N 37 23.24 -68.16 45.75
CA LEU N 37 22.13 -67.24 45.54
C LEU N 37 22.62 -65.85 45.14
N GLN N 38 23.69 -65.38 45.79
CA GLN N 38 24.24 -64.08 45.43
C GLN N 38 24.77 -64.09 44.00
N ALA N 39 25.47 -65.15 43.60
CA ALA N 39 25.97 -65.22 42.23
C ALA N 39 24.83 -65.25 41.23
N SER N 40 23.84 -66.11 41.47
CA SER N 40 22.68 -66.22 40.54
C SER N 40 21.99 -64.86 40.45
N ALA N 41 21.83 -64.18 41.58
CA ALA N 41 21.18 -62.85 41.60
C ALA N 41 21.94 -61.90 40.67
N THR N 42 23.27 -61.84 40.81
CA THR N 42 24.09 -60.92 39.97
C THR N 42 23.99 -61.33 38.50
N GLU N 43 24.00 -62.63 38.21
CA GLU N 43 23.84 -63.11 36.81
C GLU N 43 22.53 -62.58 36.24
N TYR N 44 21.43 -62.68 37.01
CA TYR N 44 20.10 -62.21 36.53
C TYR N 44 20.13 -60.68 36.36
N ILE N 45 20.77 -59.96 37.29
CA ILE N 45 20.88 -58.47 37.18
C ILE N 45 21.59 -58.15 35.86
N GLY N 46 22.66 -58.88 35.55
CA GLY N 46 23.38 -58.67 34.27
C GLY N 46 22.45 -58.83 33.09
N TYR N 47 21.56 -59.83 33.12
CA TYR N 47 20.62 -60.05 32.04
C TYR N 47 19.53 -58.99 32.02
N ALA N 48 19.03 -58.61 33.20
CA ALA N 48 18.01 -57.57 33.27
C ALA N 48 18.54 -56.25 32.72
N TRP N 49 19.78 -55.91 33.05
CA TRP N 49 20.38 -54.69 32.49
C TRP N 49 20.54 -54.81 30.98
N ALA N 50 20.99 -55.96 30.50
CA ALA N 50 21.18 -56.15 29.05
C ALA N 50 19.86 -56.06 28.30
N MET N 51 18.75 -56.37 28.97
CA MET N 51 17.44 -56.21 28.33
C MET N 51 16.96 -54.77 28.39
N VAL N 52 17.06 -54.15 29.58
CA VAL N 52 16.49 -52.82 29.76
C VAL N 52 17.25 -51.80 28.93
N VAL N 53 18.55 -52.02 28.68
CA VAL N 53 19.27 -51.06 27.84
C VAL N 53 18.66 -51.04 26.44
N VAL N 54 18.35 -52.21 25.89
CA VAL N 54 17.76 -52.27 24.56
C VAL N 54 16.37 -51.63 24.55
N ILE N 55 15.55 -51.96 25.55
CA ILE N 55 14.19 -51.42 25.58
C ILE N 55 14.21 -49.91 25.70
N VAL N 56 15.02 -49.39 26.63
CA VAL N 56 15.09 -47.95 26.86
C VAL N 56 15.68 -47.24 25.64
N GLY N 57 16.69 -47.85 25.01
CA GLY N 57 17.25 -47.27 23.81
C GLY N 57 16.23 -47.14 22.70
N ALA N 58 15.42 -48.18 22.50
CA ALA N 58 14.37 -48.11 21.48
C ALA N 58 13.35 -47.02 21.81
N THR N 59 12.91 -46.96 23.06
CA THR N 59 11.91 -45.96 23.44
C THR N 59 12.45 -44.54 23.24
N ILE N 60 13.66 -44.27 23.74
CA ILE N 60 14.25 -42.94 23.60
C ILE N 60 14.52 -42.62 22.14
N GLY N 61 14.91 -43.62 21.35
CA GLY N 61 15.11 -43.37 19.94
C GLY N 61 13.84 -42.94 19.24
N ILE N 62 12.73 -43.63 19.52
CA ILE N 62 11.47 -43.25 18.91
C ILE N 62 11.06 -41.84 19.36
N LYS N 63 11.22 -41.56 20.65
CA LYS N 63 10.85 -40.24 21.17
C LYS N 63 11.65 -39.13 20.51
N LEU N 64 12.98 -39.29 20.45
CA LEU N 64 13.83 -38.27 19.85
C LEU N 64 13.58 -38.15 18.34
N PHE N 65 13.32 -39.28 17.67
CA PHE N 65 13.01 -39.23 16.25
C PHE N 65 11.78 -38.38 15.99
N LYS N 66 10.68 -38.65 16.72
CA LYS N 66 9.47 -37.87 16.54
C LYS N 66 9.71 -36.40 16.87
N LYS N 67 10.41 -36.14 17.98
CA LYS N 67 10.63 -34.76 18.41
C LYS N 67 11.41 -33.97 17.37
N PHE N 68 12.49 -34.56 16.85
CA PHE N 68 13.35 -33.83 15.92
C PHE N 68 12.76 -33.72 14.54
N THR N 69 12.05 -34.75 14.05
CA THR N 69 11.36 -34.61 12.77
C THR N 69 10.26 -33.57 12.86
N SER N 70 9.62 -33.44 14.02
CA SER N 70 8.63 -32.37 14.17
C SER N 70 9.29 -31.01 14.23
N LYS N 71 10.39 -30.89 14.99
CA LYS N 71 11.06 -29.58 15.15
C LYS N 71 11.65 -29.11 13.81
N ALA N 72 12.21 -30.01 13.01
CA ALA N 72 12.87 -29.60 11.77
C ALA N 72 11.88 -29.10 10.74
N SER N 73 10.68 -29.67 10.70
CA SER N 73 9.67 -29.25 9.73
C SER N 73 8.83 -28.11 10.29
N PRO O 2 -12.57 61.92 -58.55
CA PRO O 2 -12.05 63.28 -58.36
C PRO O 2 -10.83 63.32 -57.45
N VAL O 3 -9.84 62.47 -57.74
CA VAL O 3 -8.65 62.36 -56.92
C VAL O 3 -7.43 62.32 -57.83
N LEU O 4 -6.27 62.62 -57.24
CA LEU O 4 -5.02 62.62 -58.00
C LEU O 4 -4.66 61.21 -58.45
N LEU O 5 -3.79 61.14 -59.45
CA LEU O 5 -3.33 59.85 -59.95
C LEU O 5 -2.46 59.16 -58.91
N GLY O 6 -2.56 57.84 -58.86
CA GLY O 6 -1.77 57.02 -57.95
C GLY O 6 -2.49 56.62 -56.69
N ILE O 7 -3.51 57.36 -56.27
CA ILE O 7 -4.27 56.97 -55.08
C ILE O 7 -4.98 55.63 -55.27
N PRO O 8 -5.74 55.40 -56.35
CA PRO O 8 -6.34 54.06 -56.52
C PRO O 8 -5.32 52.95 -56.61
N LEU O 9 -4.17 53.21 -57.27
CA LEU O 9 -3.13 52.20 -57.36
C LEU O 9 -2.56 51.90 -55.99
N LEU O 10 -2.36 52.93 -55.16
CA LEU O 10 -1.87 52.72 -53.81
C LEU O 10 -2.86 51.91 -52.98
N LEU O 11 -4.15 52.20 -53.11
CA LEU O 11 -5.16 51.45 -52.37
C LEU O 11 -5.20 49.99 -52.81
N ARG O 12 -5.10 49.76 -54.12
CA ARG O 12 -5.06 48.38 -54.62
C ARG O 12 -3.83 47.65 -54.09
N PHE O 13 -2.69 48.33 -54.05
CA PHE O 13 -1.48 47.72 -53.51
C PHE O 13 -1.64 47.36 -52.04
N LEU O 14 -2.26 48.24 -51.26
CA LEU O 14 -2.48 47.95 -49.84
C LEU O 14 -3.40 46.74 -49.69
N GLY O 15 -4.47 46.68 -50.47
CA GLY O 15 -5.35 45.52 -50.41
C GLY O 15 -4.65 44.23 -50.80
N PHE O 16 -3.82 44.30 -51.83
CA PHE O 16 -3.07 43.12 -52.27
C PHE O 16 -2.11 42.66 -51.18
N LEU O 17 -1.42 43.59 -50.52
CA LEU O 17 -0.52 43.23 -49.43
C LEU O 17 -1.29 42.54 -48.30
N LEU O 18 -2.44 43.11 -47.92
CA LEU O 18 -3.22 42.51 -46.84
C LEU O 18 -3.68 41.10 -47.22
N VAL O 19 -4.13 40.91 -48.46
CA VAL O 19 -4.60 39.61 -48.90
C VAL O 19 -3.46 38.59 -48.87
N THR O 20 -2.28 38.98 -49.35
CA THR O 20 -1.14 38.07 -49.36
C THR O 20 -0.73 37.68 -47.93
N LEU O 21 -0.67 38.66 -47.03
CA LEU O 21 -0.28 38.35 -45.66
C LEU O 21 -1.29 37.43 -44.98
N PHE O 22 -2.59 37.68 -45.20
CA PHE O 22 -3.59 36.85 -44.55
C PHE O 22 -3.61 35.44 -45.14
N GLY O 23 -3.31 35.31 -46.44
CA GLY O 23 -3.15 33.99 -47.02
C GLY O 23 -1.98 33.23 -46.43
N TYR O 24 -0.87 33.93 -46.18
CA TYR O 24 0.26 33.30 -45.49
C TYR O 24 -0.17 32.80 -44.11
N LEU O 25 -0.94 33.63 -43.40
CA LEU O 25 -1.43 33.23 -42.08
C LEU O 25 -2.29 31.98 -42.17
N LEU O 26 -3.15 31.90 -43.19
CA LEU O 26 -3.98 30.72 -43.38
C LEU O 26 -3.13 29.47 -43.62
N THR O 27 -2.09 29.60 -44.45
CA THR O 27 -1.21 28.46 -44.71
C THR O 27 -0.53 27.99 -43.43
N PHE O 28 -0.06 28.92 -42.61
CA PHE O 28 0.58 28.54 -41.35
C PHE O 28 -0.40 27.87 -40.40
N LEU O 29 -1.65 28.34 -40.38
CA LEU O 29 -2.67 27.70 -39.55
C LEU O 29 -2.90 26.26 -39.98
N LYS O 30 -2.97 26.02 -41.30
CA LYS O 30 -3.14 24.65 -41.77
C LYS O 30 -1.94 23.78 -41.41
N LYS O 31 -0.74 24.37 -41.46
CA LYS O 31 0.45 23.63 -41.02
C LYS O 31 0.33 23.22 -39.55
N GLY O 32 -0.14 24.14 -38.70
CA GLY O 32 -0.31 23.80 -37.30
C GLY O 32 -1.33 22.71 -37.08
N PHE O 33 -2.44 22.75 -37.82
CA PHE O 33 -3.43 21.68 -37.69
C PHE O 33 -2.85 20.33 -38.12
N GLY O 34 -2.05 20.31 -39.18
CA GLY O 34 -1.37 19.08 -39.56
C GLY O 34 -0.44 18.57 -38.48
N LYS O 35 0.25 19.50 -37.81
CA LYS O 35 1.11 19.11 -36.69
C LYS O 35 0.31 18.45 -35.57
N ILE O 36 -0.86 19.01 -35.24
CA ILE O 36 -1.69 18.43 -34.19
C ILE O 36 -2.14 17.03 -34.59
N ALA O 37 -2.55 16.85 -35.85
CA ALA O 37 -2.97 15.53 -36.30
C ALA O 37 -1.84 14.52 -36.21
N ILE O 38 -0.63 14.93 -36.59
CA ILE O 38 0.53 14.05 -36.49
C ILE O 38 0.78 13.64 -35.05
N ALA O 39 0.67 14.59 -34.12
CA ALA O 39 0.89 14.28 -32.72
C ALA O 39 -0.12 13.26 -32.21
N ILE O 40 -1.40 13.45 -32.56
CA ILE O 40 -2.42 12.50 -32.11
C ILE O 40 -2.15 11.12 -32.66
N SER O 41 -1.79 11.05 -33.95
CA SER O 41 -1.50 9.76 -34.56
C SER O 41 -0.34 9.05 -33.87
N LEU O 42 0.72 9.80 -33.56
CA LEU O 42 1.87 9.20 -32.89
C LEU O 42 1.49 8.68 -31.51
N PHE O 43 0.71 9.44 -30.76
CA PHE O 43 0.30 9.03 -29.42
C PHE O 43 -0.49 7.72 -29.47
N LEU O 44 -1.48 7.65 -30.36
CA LEU O 44 -2.29 6.43 -30.45
C LEU O 44 -1.46 5.24 -30.94
N ALA O 45 -0.53 5.49 -31.87
CA ALA O 45 0.32 4.41 -32.36
C ALA O 45 1.21 3.86 -31.24
N LEU O 46 1.74 4.75 -30.40
CA LEU O 46 2.54 4.28 -29.27
C LEU O 46 1.72 3.41 -28.33
N ILE O 47 0.48 3.82 -28.05
CA ILE O 47 -0.37 2.99 -27.19
C ILE O 47 -0.59 1.62 -27.81
N ILE O 48 -0.87 1.58 -29.11
CA ILE O 48 -1.15 0.29 -29.77
C ILE O 48 0.08 -0.60 -29.74
N GLY O 49 1.26 -0.04 -29.99
CA GLY O 49 2.49 -0.83 -29.94
C GLY O 49 2.76 -1.40 -28.56
N LEU O 50 2.57 -0.58 -27.53
CA LEU O 50 2.74 -1.08 -26.16
C LEU O 50 1.78 -2.23 -25.88
N ASN O 51 0.52 -2.09 -26.32
CA ASN O 51 -0.43 -3.18 -26.13
C ASN O 51 0.04 -4.45 -26.82
N SER O 52 0.55 -4.32 -28.05
CA SER O 52 0.99 -5.50 -28.78
C SER O 52 2.11 -6.21 -28.03
N ILE O 53 3.09 -5.45 -27.52
CA ILE O 53 4.19 -6.09 -26.78
C ILE O 53 3.68 -6.77 -25.52
N LEU O 54 2.82 -6.09 -24.77
CA LEU O 54 2.32 -6.65 -23.51
C LEU O 54 1.53 -7.93 -23.76
N VAL O 55 0.71 -7.97 -24.82
CA VAL O 55 -0.12 -9.18 -25.07
C VAL O 55 0.79 -10.37 -25.38
N GLY O 56 1.90 -10.13 -26.09
CA GLY O 56 2.80 -11.23 -26.51
C GLY O 56 3.47 -11.94 -25.34
N TYR O 57 3.88 -11.21 -24.30
CA TYR O 57 4.61 -11.82 -23.15
C TYR O 57 3.77 -12.91 -22.49
N LEU O 58 2.46 -12.70 -22.40
CA LEU O 58 1.58 -13.65 -21.65
C LEU O 58 1.51 -15.04 -22.30
N SER O 59 2.02 -15.22 -23.52
CA SER O 59 1.85 -16.57 -24.07
C SER O 59 2.80 -17.57 -23.40
N ASP O 60 4.02 -17.15 -23.11
CA ASP O 60 5.04 -18.09 -22.64
C ASP O 60 4.73 -18.61 -21.25
N ILE O 61 4.36 -17.72 -20.33
CA ILE O 61 4.30 -18.04 -18.91
C ILE O 61 2.96 -18.66 -18.53
N SER O 62 2.15 -19.01 -19.53
CA SER O 62 0.81 -19.51 -19.26
C SER O 62 0.86 -20.82 -18.47
N ALA O 63 -0.07 -20.95 -17.52
CA ALA O 63 -0.20 -22.16 -16.71
C ALA O 63 -1.65 -22.32 -16.30
N GLN O 64 -2.01 -23.54 -15.92
CA GLN O 64 -3.38 -23.88 -15.60
C GLN O 64 -3.46 -24.54 -14.22
N LEU O 65 -4.59 -24.36 -13.57
CA LEU O 65 -4.83 -25.02 -12.29
C LEU O 65 -4.92 -26.52 -12.51
N PRO O 66 -4.26 -27.32 -11.68
CA PRO O 66 -4.30 -28.78 -11.88
C PRO O 66 -5.71 -29.34 -11.70
N SER O 67 -5.86 -30.61 -12.03
CA SER O 67 -7.16 -31.26 -11.90
C SER O 67 -7.63 -31.27 -10.46
N ASP O 68 -6.70 -31.48 -9.53
CA ASP O 68 -7.04 -31.35 -8.11
C ASP O 68 -7.27 -29.89 -7.76
N PHE O 69 -7.77 -29.67 -6.53
CA PHE O 69 -8.11 -28.35 -6.01
C PHE O 69 -9.36 -27.81 -6.68
N VAL O 70 -9.85 -28.50 -7.71
CA VAL O 70 -11.10 -28.10 -8.35
C VAL O 70 -12.28 -28.41 -7.42
N GLN O 71 -12.22 -29.55 -6.74
CA GLN O 71 -13.34 -29.95 -5.89
C GLN O 71 -13.55 -28.96 -4.76
N GLY O 72 -12.47 -28.52 -4.10
CA GLY O 72 -12.62 -27.57 -3.02
C GLY O 72 -13.12 -26.21 -3.49
N VAL O 73 -12.57 -25.73 -4.60
CA VAL O 73 -12.99 -24.43 -5.14
C VAL O 73 -14.46 -24.46 -5.48
N GLN O 74 -14.92 -25.53 -6.14
CA GLN O 74 -16.34 -25.66 -6.43
C GLN O 74 -17.15 -25.84 -5.15
N LEU O 75 -16.55 -26.43 -4.11
CA LEU O 75 -17.22 -26.59 -2.83
C LEU O 75 -17.54 -25.24 -2.21
N ILE O 76 -16.61 -24.28 -2.31
CA ILE O 76 -16.77 -23.00 -1.63
C ILE O 76 -17.31 -21.88 -2.51
N LEU O 77 -17.18 -21.99 -3.83
CA LEU O 77 -17.35 -20.83 -4.70
C LEU O 77 -18.80 -20.37 -4.72
N PRO O 78 -19.09 -19.13 -4.34
CA PRO O 78 -20.47 -18.64 -4.40
C PRO O 78 -20.86 -18.30 -5.84
N SER O 79 -22.12 -17.91 -6.01
CA SER O 79 -22.66 -17.68 -7.34
C SER O 79 -22.18 -16.37 -7.96
N ASN O 80 -21.61 -15.45 -7.17
CA ASN O 80 -21.24 -14.14 -7.66
C ASN O 80 -19.75 -13.84 -7.52
N ALA O 81 -18.90 -14.86 -7.69
CA ALA O 81 -17.47 -14.63 -7.67
C ALA O 81 -16.95 -14.25 -9.06
N LEU O 82 -17.19 -15.12 -10.05
CA LEU O 82 -16.83 -14.78 -11.41
C LEU O 82 -17.52 -13.51 -11.92
N PRO O 83 -18.80 -13.26 -11.64
CA PRO O 83 -19.36 -11.95 -12.01
C PRO O 83 -18.61 -10.78 -11.40
N CYS O 84 -18.16 -10.89 -10.15
CA CYS O 84 -17.40 -9.80 -9.55
C CYS O 84 -16.06 -9.62 -10.24
N PHE O 85 -15.37 -10.71 -10.55
CA PHE O 85 -14.10 -10.61 -11.27
C PHE O 85 -14.29 -9.94 -12.63
N TYR O 86 -15.34 -10.34 -13.36
CA TYR O 86 -15.59 -9.75 -14.67
C TYR O 86 -16.01 -8.29 -14.57
N VAL O 87 -16.73 -7.93 -13.50
CA VAL O 87 -17.08 -6.52 -13.27
C VAL O 87 -15.82 -5.71 -13.05
N ILE O 88 -14.87 -6.24 -12.27
CA ILE O 88 -13.62 -5.53 -12.06
C ILE O 88 -12.87 -5.33 -13.37
N LEU O 89 -12.81 -6.38 -14.20
CA LEU O 89 -12.13 -6.24 -15.49
C LEU O 89 -12.81 -5.22 -16.38
N SER O 90 -14.15 -5.23 -16.41
CA SER O 90 -14.90 -4.27 -17.22
C SER O 90 -14.67 -2.84 -16.73
N VAL O 91 -14.60 -2.65 -15.41
CA VAL O 91 -14.31 -1.33 -14.87
C VAL O 91 -12.93 -0.86 -15.31
N LYS O 92 -11.96 -1.78 -15.29
CA LYS O 92 -10.58 -1.44 -15.74
C LYS O 92 -10.63 -0.97 -17.20
N ALA O 93 -11.33 -1.71 -18.06
CA ALA O 93 -11.39 -1.34 -19.48
C ALA O 93 -12.09 -0.01 -19.68
N ALA O 94 -13.20 0.22 -18.96
CA ALA O 94 -13.94 1.47 -19.09
C ALA O 94 -13.08 2.66 -18.67
N ILE O 95 -12.34 2.52 -17.57
CA ILE O 95 -11.48 3.61 -17.12
C ILE O 95 -10.37 3.88 -18.14
N PHE O 96 -9.82 2.81 -18.74
CA PHE O 96 -8.78 3.00 -19.74
C PHE O 96 -9.30 3.81 -20.93
N ILE O 97 -10.44 3.41 -21.48
CA ILE O 97 -10.93 4.12 -22.65
C ILE O 97 -11.38 5.54 -22.28
N PHE O 98 -11.88 5.73 -21.05
CA PHE O 98 -12.23 7.06 -20.60
C PHE O 98 -11.00 7.97 -20.55
N ASP O 99 -9.89 7.45 -20.04
CA ASP O 99 -8.65 8.24 -20.03
C ASP O 99 -8.19 8.58 -21.45
N VAL O 100 -8.27 7.62 -22.36
CA VAL O 100 -7.84 7.88 -23.74
C VAL O 100 -8.71 8.97 -24.35
N LYS O 101 -10.02 8.88 -24.18
CA LYS O 101 -10.92 9.88 -24.76
C LYS O 101 -10.70 11.25 -24.13
N GLN O 102 -10.41 11.30 -22.82
CA GLN O 102 -10.16 12.58 -22.18
C GLN O 102 -8.87 13.21 -22.71
N LYS O 103 -7.85 12.39 -22.99
CA LYS O 103 -6.64 12.94 -23.60
C LYS O 103 -6.93 13.48 -24.99
N ILE O 104 -7.75 12.77 -25.77
CA ILE O 104 -8.13 13.25 -27.10
C ILE O 104 -8.85 14.58 -26.98
N VAL O 105 -9.75 14.72 -25.99
CA VAL O 105 -10.43 15.99 -25.77
C VAL O 105 -9.43 17.09 -25.43
N SER O 106 -8.48 16.79 -24.53
CA SER O 106 -7.49 17.78 -24.14
C SER O 106 -6.62 18.23 -25.30
N TYR O 107 -6.49 17.40 -26.34
CA TYR O 107 -5.78 17.85 -27.55
C TYR O 107 -6.45 19.03 -28.25
N LEU O 108 -7.59 19.52 -27.76
CA LEU O 108 -8.22 20.69 -28.35
C LEU O 108 -7.52 22.00 -28.01
N ASP O 109 -6.59 21.98 -27.05
CA ASP O 109 -5.91 23.18 -26.61
C ASP O 109 -4.63 23.47 -27.39
N TRP O 110 -4.25 22.60 -28.32
CA TRP O 110 -3.03 22.81 -29.09
C TRP O 110 -3.24 23.86 -30.17
N LYS P 262 10.22 75.91 -71.64
CA LYS P 262 9.67 74.70 -71.03
C LYS P 262 9.16 74.98 -69.63
N MET P 263 7.90 75.41 -69.55
CA MET P 263 7.26 75.68 -68.23
C MET P 263 7.12 74.34 -67.48
N ALA P 264 6.87 73.26 -68.23
CA ALA P 264 6.76 71.92 -67.62
C ALA P 264 8.01 71.64 -66.77
N ASN P 265 9.21 71.88 -67.32
CA ASN P 265 10.43 71.66 -66.59
C ASN P 265 10.51 72.51 -65.34
N ALA P 266 10.10 73.79 -65.44
CA ALA P 266 10.13 74.67 -64.27
C ALA P 266 9.20 74.17 -63.18
N ASN P 267 7.97 73.78 -63.54
CA ASN P 267 7.03 73.29 -62.55
C ASN P 267 7.52 71.98 -61.93
N LYS P 268 8.10 71.10 -62.75
CA LYS P 268 8.64 69.85 -62.23
C LYS P 268 9.77 70.12 -61.25
N GLY P 269 10.67 71.05 -61.58
CA GLY P 269 11.76 71.36 -60.68
C GLY P 269 11.30 72.01 -59.38
N ALA P 270 10.22 72.80 -59.46
CA ALA P 270 9.71 73.51 -58.27
C ALA P 270 9.19 72.51 -57.22
N MET P 271 8.48 71.46 -57.65
CA MET P 271 7.86 70.52 -56.68
C MET P 271 8.53 69.14 -56.78
N THR P 272 9.87 69.09 -56.66
CA THR P 272 10.56 67.82 -56.69
C THR P 272 11.78 67.88 -55.78
N GLU P 273 11.98 66.82 -55.00
CA GLU P 273 13.15 66.66 -54.15
C GLU P 273 13.86 65.36 -54.52
N ASN P 274 15.18 65.43 -54.65
CA ASN P 274 15.97 64.27 -55.05
C ASN P 274 16.11 63.32 -53.87
N ALA P 275 15.48 62.15 -53.98
CA ALA P 275 15.52 61.13 -52.94
C ALA P 275 16.09 59.85 -53.52
N ASP P 276 16.99 59.21 -52.78
CA ASP P 276 17.67 58.00 -53.21
C ASP P 276 17.13 56.81 -52.43
N GLU P 277 16.71 55.77 -53.15
CA GLU P 277 16.19 54.57 -52.50
C GLU P 277 17.26 53.89 -51.65
N ASN P 278 18.50 53.83 -52.18
CA ASN P 278 19.59 53.14 -51.49
C ASN P 278 19.99 53.84 -50.19
N ALA P 279 19.55 55.07 -49.96
CA ALA P 279 19.84 55.76 -48.71
C ALA P 279 18.75 55.53 -47.68
N LEU P 280 17.49 55.74 -48.06
CA LEU P 280 16.38 55.54 -47.13
C LEU P 280 16.27 54.07 -46.73
N GLN P 281 16.37 53.15 -47.70
CA GLN P 281 16.32 51.74 -47.37
C GLN P 281 17.46 51.34 -46.45
N SER P 282 18.67 51.83 -46.74
CA SER P 282 19.83 51.50 -45.90
C SER P 282 19.65 52.02 -44.48
N ASP P 283 19.16 53.25 -44.33
CA ASP P 283 18.97 53.82 -43.00
C ASP P 283 17.93 53.04 -42.21
N ALA P 284 16.79 52.75 -42.84
CA ALA P 284 15.74 52.01 -42.14
C ALA P 284 16.21 50.62 -41.74
N LYS P 285 16.87 49.92 -42.66
CA LYS P 285 17.37 48.59 -42.35
C LYS P 285 18.44 48.62 -41.27
N GLY P 286 19.29 49.66 -41.29
CA GLY P 286 20.30 49.77 -40.26
C GLY P 286 19.72 49.95 -38.88
N LYS P 287 18.72 50.83 -38.75
CA LYS P 287 18.08 51.02 -37.45
C LYS P 287 17.37 49.74 -37.00
N LEU P 288 16.62 49.12 -37.92
CA LEU P 288 15.88 47.91 -37.56
C LEU P 288 16.81 46.78 -37.15
N ASP P 289 17.95 46.64 -37.83
CA ASP P 289 18.92 45.63 -37.45
C ASP P 289 19.59 45.95 -36.12
N SER P 290 19.91 47.23 -35.90
CA SER P 290 20.56 47.61 -34.64
C SER P 290 19.65 47.39 -33.44
N VAL P 291 18.33 47.36 -33.64
CA VAL P 291 17.46 47.01 -32.52
C VAL P 291 17.11 45.51 -32.50
N ALA P 292 17.01 44.87 -33.65
CA ALA P 292 16.73 43.43 -33.68
C ALA P 292 17.90 42.62 -33.13
N THR P 293 19.12 43.13 -33.24
CA THR P 293 20.24 42.44 -32.62
C THR P 293 20.11 42.44 -31.10
N ASP P 294 19.62 43.54 -30.52
CA ASP P 294 19.33 43.57 -29.09
C ASP P 294 18.23 42.58 -28.73
N TYR P 295 17.19 42.51 -29.58
CA TYR P 295 16.13 41.53 -29.35
C TYR P 295 16.68 40.10 -29.30
N GLY P 296 17.46 39.73 -30.32
CA GLY P 296 18.01 38.39 -30.36
C GLY P 296 18.99 38.13 -29.23
N ALA P 297 19.78 39.14 -28.85
CA ALA P 297 20.69 38.98 -27.73
C ALA P 297 19.94 38.74 -26.43
N ALA P 298 18.82 39.44 -26.22
CA ALA P 298 18.03 39.19 -25.02
C ALA P 298 17.47 37.78 -25.00
N ILE P 299 16.95 37.32 -26.15
CA ILE P 299 16.39 35.97 -26.20
C ILE P 299 17.48 34.93 -25.90
N ASP P 300 18.64 35.08 -26.53
CA ASP P 300 19.72 34.13 -26.33
C ASP P 300 20.26 34.19 -24.91
N GLY P 301 20.28 35.37 -24.30
CA GLY P 301 20.70 35.48 -22.92
C GLY P 301 19.77 34.77 -21.97
N PHE P 302 18.46 34.92 -22.18
CA PHE P 302 17.51 34.18 -21.35
C PHE P 302 17.70 32.67 -21.51
N ILE P 303 17.86 32.22 -22.75
CA ILE P 303 18.03 30.79 -23.00
C ILE P 303 19.28 30.27 -22.30
N GLY P 304 20.39 31.00 -22.43
CA GLY P 304 21.62 30.59 -21.80
C GLY P 304 21.54 30.59 -20.29
N ASP P 305 20.87 31.59 -19.71
CA ASP P 305 20.72 31.64 -18.27
C ASP P 305 19.94 30.44 -17.75
N VAL P 306 18.82 30.12 -18.39
CA VAL P 306 18.02 29.00 -17.91
C VAL P 306 18.76 27.68 -18.11
N SER P 307 19.44 27.52 -19.24
CA SER P 307 20.20 26.29 -19.47
C SER P 307 21.33 26.15 -18.45
N GLY P 308 22.02 27.24 -18.13
CA GLY P 308 23.08 27.18 -17.16
C GLY P 308 22.58 26.87 -15.76
N LEU P 309 21.41 27.42 -15.40
CA LEU P 309 20.80 27.03 -14.13
C LEU P 309 20.47 25.55 -14.12
N ALA P 310 19.97 25.03 -15.24
CA ALA P 310 19.56 23.63 -15.29
C ALA P 310 20.76 22.69 -15.17
N ASN P 311 21.80 22.91 -15.98
CA ASN P 311 22.91 21.97 -16.04
C ASN P 311 24.09 22.34 -15.13
N GLY P 312 23.94 23.38 -14.31
CA GLY P 312 24.98 23.74 -13.37
C GLY P 312 26.08 24.62 -13.91
N ASN P 313 25.98 25.08 -15.17
CA ASN P 313 26.99 25.98 -15.70
C ASN P 313 26.93 27.35 -15.00
N GLY P 314 25.72 27.85 -14.76
CA GLY P 314 25.56 29.13 -14.10
C GLY P 314 24.72 30.11 -14.91
N ALA P 315 24.25 31.17 -14.27
CA ALA P 315 23.42 32.18 -14.92
C ALA P 315 23.93 33.56 -14.57
N THR P 316 23.69 34.52 -15.48
CA THR P 316 24.07 35.91 -15.30
C THR P 316 22.89 36.79 -15.62
N GLY P 317 22.75 37.89 -14.90
CA GLY P 317 21.68 38.84 -15.14
C GLY P 317 20.54 38.67 -14.15
N ASP P 318 19.31 38.59 -14.66
CA ASP P 318 18.14 38.44 -13.78
C ASP P 318 18.20 37.13 -13.01
N PHE P 319 18.70 36.08 -13.63
CA PHE P 319 18.74 34.76 -13.00
C PHE P 319 19.98 34.54 -12.15
N ALA P 320 20.85 35.56 -12.02
CA ALA P 320 22.06 35.39 -11.22
C ALA P 320 21.73 35.15 -9.75
N GLY P 321 20.58 35.64 -9.28
CA GLY P 321 20.21 35.46 -7.89
C GLY P 321 19.85 34.03 -7.54
N SER P 322 19.50 33.21 -8.54
CA SER P 322 19.16 31.81 -8.27
C SER P 322 20.38 30.90 -8.28
N ASN P 323 21.57 31.44 -8.58
CA ASN P 323 22.78 30.62 -8.57
C ASN P 323 23.06 30.06 -7.19
N SER P 324 22.89 30.88 -6.16
CA SER P 324 23.11 30.42 -4.80
C SER P 324 22.13 29.31 -4.43
N GLN P 325 20.86 29.50 -4.81
CA GLN P 325 19.81 28.50 -4.50
C GLN P 325 20.10 27.18 -5.22
N MET P 326 20.52 27.25 -6.49
CA MET P 326 20.78 26.03 -7.25
C MET P 326 22.05 25.33 -6.74
N ALA P 327 23.04 26.11 -6.29
CA ALA P 327 24.20 25.52 -5.65
C ALA P 327 23.85 24.85 -4.33
N GLN P 328 22.92 25.45 -3.57
CA GLN P 328 22.44 24.82 -2.35
C GLN P 328 21.65 23.54 -2.61
N VAL P 329 20.94 23.46 -3.74
CA VAL P 329 20.24 22.22 -4.08
C VAL P 329 21.23 21.09 -4.34
N GLY P 330 22.30 21.38 -5.06
CA GLY P 330 23.34 20.41 -5.32
C GLY P 330 23.14 19.66 -6.63
N ASP P 331 24.17 18.90 -7.01
CA ASP P 331 24.16 18.13 -8.24
C ASP P 331 24.80 16.77 -8.01
N GLY P 332 24.44 15.82 -8.86
CA GLY P 332 24.91 14.46 -8.73
C GLY P 332 24.05 13.67 -7.77
N ASP P 333 24.48 13.63 -6.50
CA ASP P 333 23.69 12.97 -5.43
C ASP P 333 24.00 13.67 -4.10
N ASN P 334 24.92 14.64 -4.10
CA ASN P 334 25.29 15.37 -2.89
C ASN P 334 24.45 16.63 -2.83
N SER P 335 23.34 16.57 -2.09
CA SER P 335 22.46 17.71 -1.96
C SER P 335 22.68 18.36 -0.60
N PRO P 336 23.24 19.57 -0.53
CA PRO P 336 23.37 20.25 0.77
C PRO P 336 22.04 20.46 1.46
N LEU P 337 20.94 20.51 0.69
CA LEU P 337 19.60 20.61 1.33
C LEU P 337 19.27 19.28 2.00
N MET P 338 19.69 18.16 1.40
CA MET P 338 19.41 16.85 1.99
C MET P 338 20.36 16.50 3.11
N ASN P 339 21.61 16.98 3.04
CA ASN P 339 22.61 16.63 4.05
C ASN P 339 22.28 17.20 5.43
N ASN P 340 21.32 18.12 5.52
CA ASN P 340 20.91 18.63 6.83
C ASN P 340 20.29 17.53 7.68
N PHE P 341 19.59 16.58 7.05
CA PHE P 341 18.97 15.49 7.78
C PHE P 341 19.99 14.49 8.32
N ARG P 342 21.20 14.46 7.75
CA ARG P 342 22.19 13.47 8.17
C ARG P 342 22.66 13.70 9.60
N GLN P 343 22.61 14.96 10.08
CA GLN P 343 23.04 15.24 11.44
C GLN P 343 22.14 14.57 12.45
N TYR P 344 20.85 14.46 12.14
CA TYR P 344 19.87 13.84 13.03
C TYR P 344 19.62 12.37 12.70
N LEU P 345 20.44 11.78 11.84
CA LEU P 345 20.25 10.38 11.47
C LEU P 345 20.41 9.50 12.70
N PRO P 346 19.50 8.56 12.94
CA PRO P 346 19.62 7.70 14.13
C PRO P 346 20.87 6.85 14.06
N SER P 347 21.50 6.64 15.22
CA SER P 347 22.72 5.86 15.30
C SER P 347 22.37 4.38 15.35
N LEU P 348 23.06 3.59 14.53
CA LEU P 348 22.82 2.16 14.45
C LEU P 348 24.14 1.42 14.64
N PRO P 349 24.09 0.22 15.23
CA PRO P 349 25.33 -0.53 15.48
C PRO P 349 26.03 -0.90 14.18
N GLN P 350 27.36 -0.96 14.25
CA GLN P 350 28.17 -1.38 13.12
C GLN P 350 28.36 -2.89 13.14
N SER P 351 28.18 -3.52 11.99
CA SER P 351 28.23 -4.97 11.91
C SER P 351 29.65 -5.46 12.16
N VAL P 352 29.78 -6.46 13.05
CA VAL P 352 31.05 -7.05 13.41
C VAL P 352 30.94 -8.56 13.27
N GLU P 353 32.04 -9.25 13.57
CA GLU P 353 32.04 -10.71 13.51
C GLU P 353 31.14 -11.29 14.59
N CYS P 354 30.72 -12.54 14.36
CA CYS P 354 29.77 -13.18 15.26
C CYS P 354 30.47 -13.65 16.53
N ARG P 355 29.86 -13.35 17.68
CA ARG P 355 30.32 -13.81 18.98
C ARG P 355 29.27 -14.73 19.59
N PRO P 356 29.61 -15.97 19.93
CA PRO P 356 28.61 -16.87 20.51
C PRO P 356 28.10 -16.36 21.85
N PHE P 357 26.82 -16.62 22.11
CA PHE P 357 26.20 -16.25 23.38
C PHE P 357 26.21 -17.44 24.32
N VAL P 358 26.65 -17.24 25.55
CA VAL P 358 26.82 -18.30 26.53
C VAL P 358 25.72 -18.18 27.57
N PHE P 359 24.98 -19.26 27.78
CA PHE P 359 23.92 -19.29 28.81
C PHE P 359 24.44 -20.02 30.05
N GLY P 360 24.20 -19.47 31.24
CA GLY P 360 24.63 -20.13 32.49
C GLY P 360 26.11 -20.45 32.47
N ALA P 361 26.96 -19.44 32.25
CA ALA P 361 28.42 -19.66 32.18
C ALA P 361 28.95 -20.20 33.51
N GLY P 362 29.72 -21.29 33.47
CA GLY P 362 30.32 -21.86 34.69
C GLY P 362 29.41 -22.86 35.39
N LYS P 363 28.16 -22.97 34.96
CA LYS P 363 27.18 -23.87 35.64
C LYS P 363 27.13 -25.22 34.91
N PRO P 364 26.61 -26.30 35.52
CA PRO P 364 26.48 -27.60 34.86
C PRO P 364 25.55 -27.53 33.62
N TYR P 365 24.70 -26.51 33.55
CA TYR P 365 23.75 -26.34 32.42
C TYR P 365 24.30 -25.32 31.42
N GLU P 366 25.62 -25.32 31.20
CA GLU P 366 26.24 -24.30 30.33
C GLU P 366 26.18 -24.70 28.85
N PHE P 367 25.34 -24.03 28.06
CA PHE P 367 25.32 -24.26 26.62
C PHE P 367 25.46 -22.92 25.91
N SER P 368 26.04 -22.96 24.72
CA SER P 368 26.30 -21.76 23.95
C SER P 368 25.85 -21.95 22.51
N ILE P 369 25.38 -20.86 21.90
CA ILE P 369 25.00 -20.89 20.50
C ILE P 369 26.26 -21.07 19.65
N ASP P 370 26.29 -22.12 18.84
CA ASP P 370 27.51 -22.50 18.14
C ASP P 370 27.94 -21.49 17.08
N CYS P 371 27.07 -20.55 16.73
CA CYS P 371 27.32 -19.47 15.77
C CYS P 371 27.75 -19.97 14.41
N ASP P 372 27.68 -21.28 14.15
CA ASP P 372 27.95 -21.78 12.81
C ASP P 372 26.76 -21.53 11.88
N LYS P 373 25.54 -21.68 12.40
CA LYS P 373 24.36 -21.39 11.61
C LYS P 373 24.03 -19.91 11.57
N ILE P 374 24.55 -19.13 12.52
CA ILE P 374 24.35 -17.68 12.47
C ILE P 374 25.00 -17.08 11.23
N ASN P 375 26.17 -17.62 10.84
CA ASN P 375 26.83 -17.13 9.64
C ASN P 375 26.02 -17.48 8.39
N LEU P 376 25.44 -18.67 8.34
CA LEU P 376 24.58 -19.03 7.21
C LEU P 376 23.37 -18.11 7.14
N PHE P 377 22.74 -17.85 8.29
CA PHE P 377 21.62 -16.91 8.30
C PHE P 377 22.06 -15.52 7.87
N ARG P 378 23.26 -15.11 8.28
CA ARG P 378 23.79 -13.77 7.92
C ARG P 378 24.00 -13.71 6.40
N GLY P 379 24.45 -14.81 5.78
CA GLY P 379 24.59 -14.84 4.33
C GLY P 379 23.26 -14.73 3.61
N VAL P 380 22.27 -15.51 4.05
CA VAL P 380 20.98 -15.44 3.38
C VAL P 380 20.31 -14.09 3.63
N PHE P 381 20.52 -13.50 4.81
CA PHE P 381 19.97 -12.18 5.08
C PHE P 381 20.61 -11.13 4.18
N ALA P 382 21.91 -11.21 3.97
CA ALA P 382 22.58 -10.30 3.05
C ALA P 382 22.03 -10.46 1.64
N PHE P 383 21.79 -11.69 1.21
CA PHE P 383 21.22 -11.91 -0.11
C PHE P 383 19.83 -11.28 -0.23
N LEU P 384 18.99 -11.47 0.79
CA LEU P 384 17.64 -10.91 0.75
C LEU P 384 17.68 -9.39 0.74
N LEU P 385 18.56 -8.79 1.55
CA LEU P 385 18.71 -7.34 1.55
C LEU P 385 19.15 -6.83 0.19
N TYR P 386 20.07 -7.53 -0.48
CA TYR P 386 20.45 -7.10 -1.84
C TYR P 386 19.23 -7.16 -2.76
N VAL P 387 18.59 -8.31 -2.88
CA VAL P 387 17.45 -8.48 -3.83
C VAL P 387 16.39 -7.41 -3.54
N ALA P 388 16.22 -7.01 -2.28
CA ALA P 388 15.25 -5.94 -2.03
C ALA P 388 15.76 -4.59 -2.52
N THR P 389 17.03 -4.28 -2.23
CA THR P 389 17.58 -2.99 -2.65
C THR P 389 17.70 -2.91 -4.18
N PHE P 390 18.10 -4.00 -4.83
CA PHE P 390 18.19 -3.99 -6.28
C PHE P 390 16.83 -3.77 -6.92
N MET P 391 15.80 -4.46 -6.43
CA MET P 391 14.47 -4.26 -6.97
C MET P 391 13.99 -2.84 -6.73
N TYR P 392 14.28 -2.29 -5.54
CA TYR P 392 13.88 -0.92 -5.26
C TYR P 392 14.54 0.07 -6.22
N VAL P 393 15.83 -0.10 -6.47
CA VAL P 393 16.54 0.83 -7.36
C VAL P 393 16.04 0.67 -8.80
N PHE P 394 15.81 -0.57 -9.23
CA PHE P 394 15.33 -0.82 -10.59
C PHE P 394 13.97 -0.17 -10.81
N SER P 395 13.06 -0.37 -9.86
CA SER P 395 11.70 0.26 -9.97
C SER P 395 11.82 1.78 -9.84
N THR P 396 12.76 2.27 -9.01
CA THR P 396 12.97 3.73 -8.86
C THR P 396 13.32 4.32 -10.23
N PHE P 397 14.28 3.71 -10.93
CA PHE P 397 14.65 4.24 -12.24
C PHE P 397 13.55 4.04 -13.27
N ALA P 398 12.83 2.92 -13.20
CA ALA P 398 11.76 2.66 -14.16
C ALA P 398 10.58 3.61 -14.00
N ASN P 399 10.41 4.22 -12.83
CA ASN P 399 9.27 5.10 -12.57
C ASN P 399 9.73 6.51 -12.24
N ILE P 400 10.66 7.03 -13.05
CA ILE P 400 11.10 8.41 -12.84
C ILE P 400 10.13 9.41 -13.47
N LEU P 401 9.63 9.12 -14.67
CA LEU P 401 8.67 10.03 -15.29
C LEU P 401 7.29 9.93 -14.65
N ARG P 402 6.95 8.77 -14.09
CA ARG P 402 5.71 8.66 -13.34
C ARG P 402 5.82 9.43 -12.03
N ASN P 403 4.76 10.17 -11.69
CA ASN P 403 4.81 11.03 -10.48
C ASN P 403 4.67 10.14 -9.24
N LYS P 404 5.65 9.27 -8.99
CA LYS P 404 5.57 8.30 -7.86
C LYS P 404 6.82 8.39 -6.99
N GLU P 405 6.68 8.03 -5.70
CA GLU P 405 7.81 8.14 -4.74
C GLU P 405 8.93 7.19 -5.13
N SER P 406 10.18 7.68 -5.12
CA SER P 406 11.35 6.85 -5.51
C SER P 406 12.63 7.43 -4.91
N ASP Q 28 30.70 -50.00 33.80
CA ASP Q 28 29.30 -49.97 34.18
C ASP Q 28 28.40 -49.84 32.95
N PRO Q 29 27.35 -50.66 32.88
CA PRO Q 29 26.44 -50.59 31.73
C PRO Q 29 25.72 -49.26 31.61
N ALA Q 30 25.48 -48.58 32.73
CA ALA Q 30 24.73 -47.33 32.69
C ALA Q 30 25.42 -46.26 31.87
N LYS Q 31 26.73 -46.08 32.09
CA LYS Q 31 27.45 -45.05 31.37
C LYS Q 31 27.55 -45.38 29.89
N ALA Q 32 27.71 -46.66 29.55
CA ALA Q 32 27.72 -47.06 28.15
C ALA Q 32 26.39 -46.77 27.48
N ALA Q 33 25.29 -47.07 28.16
CA ALA Q 33 23.97 -46.77 27.62
C ALA Q 33 23.77 -45.27 27.43
N PHE Q 34 24.23 -44.48 28.41
CA PHE Q 34 24.08 -43.03 28.29
C PHE Q 34 24.90 -42.48 27.12
N ASN Q 35 26.12 -42.98 26.93
CA ASN Q 35 26.93 -42.54 25.80
C ASN Q 35 26.29 -42.95 24.47
N SER Q 36 25.73 -44.15 24.41
CA SER Q 36 25.04 -44.57 23.19
C SER Q 36 23.85 -43.67 22.90
N LEU Q 37 23.09 -43.31 23.93
CA LEU Q 37 21.95 -42.41 23.75
C LEU Q 37 22.42 -41.04 23.27
N GLN Q 38 23.53 -40.54 23.82
CA GLN Q 38 24.06 -39.24 23.40
C GLN Q 38 24.50 -39.28 21.94
N ALA Q 39 25.15 -40.37 21.53
CA ALA Q 39 25.55 -40.50 20.13
C ALA Q 39 24.35 -40.54 19.19
N SER Q 40 23.31 -41.29 19.58
CA SER Q 40 22.09 -41.32 18.79
C SER Q 40 21.47 -39.94 18.67
N ALA Q 41 21.44 -39.20 19.79
CA ALA Q 41 20.92 -37.85 19.76
C ALA Q 41 21.72 -36.95 18.83
N THR Q 42 23.04 -37.09 18.83
CA THR Q 42 23.89 -36.29 17.94
C THR Q 42 23.58 -36.59 16.48
N GLU Q 43 23.41 -37.87 16.14
CA GLU Q 43 23.06 -38.22 14.77
C GLU Q 43 21.71 -37.62 14.37
N TYR Q 44 20.73 -37.71 15.28
CA TYR Q 44 19.42 -37.11 15.02
C TYR Q 44 19.55 -35.61 14.80
N ILE Q 45 20.40 -34.95 15.59
CA ILE Q 45 20.58 -33.51 15.47
C ILE Q 45 21.17 -33.15 14.12
N GLY Q 46 22.16 -33.90 13.67
CA GLY Q 46 22.74 -33.63 12.36
C GLY Q 46 21.74 -33.78 11.24
N TYR Q 47 20.98 -34.87 11.25
CA TYR Q 47 19.97 -35.07 10.20
C TYR Q 47 18.90 -33.99 10.26
N ALA Q 48 18.48 -33.61 11.46
CA ALA Q 48 17.47 -32.55 11.60
C ALA Q 48 17.99 -31.22 11.07
N TRP Q 49 19.27 -30.93 11.32
CA TRP Q 49 19.84 -29.69 10.79
C TRP Q 49 19.82 -29.69 9.27
N ALA Q 50 20.19 -30.80 8.65
CA ALA Q 50 20.15 -30.87 7.19
C ALA Q 50 18.73 -30.64 6.67
N MET Q 51 17.76 -31.34 7.26
CA MET Q 51 16.40 -31.24 6.76
C MET Q 51 15.81 -29.85 6.97
N VAL Q 52 16.11 -29.23 8.12
CA VAL Q 52 15.61 -27.88 8.37
C VAL Q 52 16.25 -26.88 7.42
N VAL Q 53 17.52 -27.07 7.06
CA VAL Q 53 18.12 -26.18 6.08
C VAL Q 53 17.41 -26.29 4.74
N VAL Q 54 17.10 -27.52 4.32
CA VAL Q 54 16.40 -27.70 3.04
C VAL Q 54 15.03 -27.02 3.09
N ILE Q 55 14.28 -27.24 4.17
CA ILE Q 55 12.93 -26.68 4.26
C ILE Q 55 12.96 -25.16 4.34
N VAL Q 56 13.96 -24.61 5.03
CA VAL Q 56 14.13 -23.17 5.10
C VAL Q 56 14.42 -22.60 3.72
N GLY Q 57 15.28 -23.27 2.95
CA GLY Q 57 15.53 -22.82 1.59
C GLY Q 57 14.26 -22.80 0.76
N ALA Q 58 13.44 -23.84 0.90
CA ALA Q 58 12.17 -23.88 0.17
C ALA Q 58 11.26 -22.72 0.57
N THR Q 59 11.16 -22.44 1.87
CA THR Q 59 10.30 -21.34 2.32
C THR Q 59 10.80 -20.01 1.77
N ILE Q 60 12.11 -19.78 1.79
CA ILE Q 60 12.67 -18.53 1.28
C ILE Q 60 12.38 -18.41 -0.22
N GLY Q 61 12.54 -19.50 -0.97
CA GLY Q 61 12.23 -19.44 -2.38
C GLY Q 61 10.79 -19.09 -2.67
N ILE Q 62 9.86 -19.71 -1.94
CA ILE Q 62 8.44 -19.42 -2.11
C ILE Q 62 8.17 -17.94 -1.84
N LYS Q 63 8.72 -17.42 -0.73
CA LYS Q 63 8.40 -16.01 -0.40
C LYS Q 63 9.03 -15.09 -1.45
N LEU Q 64 10.28 -15.34 -1.89
CA LEU Q 64 10.88 -14.44 -2.87
C LEU Q 64 10.11 -14.43 -4.18
N PHE Q 65 9.72 -15.60 -4.67
CA PHE Q 65 9.06 -15.62 -5.97
C PHE Q 65 7.59 -15.25 -5.90
N LYS Q 66 7.02 -15.09 -4.70
CA LYS Q 66 5.64 -14.56 -4.63
C LYS Q 66 5.74 -13.06 -4.39
N LYS Q 67 6.69 -12.63 -3.56
CA LYS Q 67 6.89 -11.19 -3.26
C LYS Q 67 7.13 -10.45 -4.57
N PHE Q 68 7.95 -11.01 -5.48
CA PHE Q 68 8.21 -10.24 -6.71
C PHE Q 68 6.88 -9.82 -7.34
N THR Q 69 6.08 -10.80 -7.77
CA THR Q 69 4.80 -10.48 -8.46
C THR Q 69 3.91 -9.61 -7.56
N SER Q 70 3.82 -9.94 -6.26
CA SER Q 70 2.90 -9.18 -5.37
C SER Q 70 3.28 -7.69 -5.31
N LYS Q 71 4.57 -7.40 -5.12
CA LYS Q 71 5.05 -6.00 -5.03
C LYS Q 71 4.91 -5.33 -6.40
N ALA Q 72 5.15 -6.06 -7.48
CA ALA Q 72 4.95 -5.51 -8.84
C ALA Q 72 3.55 -4.90 -8.89
N SER Q 73 2.56 -5.59 -8.31
CA SER Q 73 1.16 -5.07 -8.39
C SER Q 73 0.71 -4.52 -7.02
N ASP R 28 27.67 -51.01 60.13
CA ASP R 28 26.30 -50.99 59.64
C ASP R 28 26.28 -50.90 58.12
N PRO R 29 25.93 -52.01 57.46
CA PRO R 29 25.92 -52.02 55.99
C PRO R 29 24.93 -51.05 55.38
N ALA R 30 23.88 -50.68 56.09
CA ALA R 30 22.85 -49.81 55.53
C ALA R 30 23.42 -48.44 55.17
N LYS R 31 24.28 -47.89 56.02
CA LYS R 31 24.86 -46.57 55.74
C LYS R 31 25.71 -46.60 54.48
N ALA R 32 26.56 -47.63 54.34
CA ALA R 32 27.37 -47.75 53.14
C ALA R 32 26.51 -47.97 51.90
N ALA R 33 25.45 -48.75 52.03
CA ALA R 33 24.54 -48.95 50.90
C ALA R 33 23.89 -47.65 50.49
N PHE R 34 23.44 -46.85 51.46
CA PHE R 34 22.83 -45.57 51.14
C PHE R 34 23.83 -44.64 50.45
N ASN R 35 25.07 -44.63 50.93
CA ASN R 35 26.10 -43.81 50.28
C ASN R 35 26.34 -44.26 48.85
N SER R 36 26.38 -45.58 48.62
CA SER R 36 26.60 -46.09 47.27
C SER R 36 25.45 -45.70 46.33
N LEU R 37 24.21 -45.82 46.82
CA LEU R 37 23.07 -45.41 45.99
C LEU R 37 23.10 -43.91 45.72
N GLN R 38 23.53 -43.11 46.71
CA GLN R 38 23.64 -41.68 46.48
C GLN R 38 24.69 -41.36 45.41
N ALA R 39 25.83 -42.04 45.45
CA ALA R 39 26.86 -41.82 44.44
C ALA R 39 26.35 -42.23 43.05
N SER R 40 25.64 -43.36 42.97
CA SER R 40 25.07 -43.78 41.71
C SER R 40 24.07 -42.76 41.19
N ALA R 41 23.22 -42.22 42.08
CA ALA R 41 22.27 -41.20 41.67
C ALA R 41 22.98 -39.95 41.17
N THR R 42 24.08 -39.57 41.83
CA THR R 42 24.83 -38.39 41.41
C THR R 42 25.42 -38.59 40.01
N GLU R 43 25.99 -39.77 39.73
CA GLU R 43 26.55 -39.98 38.39
C GLU R 43 25.44 -40.04 37.35
N TYR R 44 24.28 -40.61 37.70
CA TYR R 44 23.14 -40.57 36.80
C TYR R 44 22.72 -39.14 36.50
N ILE R 45 22.72 -38.28 37.53
CA ILE R 45 22.35 -36.89 37.35
C ILE R 45 23.35 -36.20 36.42
N GLY R 46 24.64 -36.50 36.58
CA GLY R 46 25.63 -35.91 35.69
C GLY R 46 25.41 -36.30 34.24
N TYR R 47 25.19 -37.59 33.98
CA TYR R 47 24.94 -38.03 32.61
C TYR R 47 23.68 -37.39 32.04
N ALA R 48 22.62 -37.33 32.85
CA ALA R 48 21.37 -36.73 32.39
C ALA R 48 21.56 -35.25 32.08
N TRP R 49 22.34 -34.55 32.91
CA TRP R 49 22.62 -33.14 32.65
C TRP R 49 23.35 -32.96 31.33
N ALA R 50 24.36 -33.79 31.07
CA ALA R 50 25.07 -33.69 29.80
C ALA R 50 24.13 -33.89 28.62
N MET R 51 23.32 -34.94 28.67
CA MET R 51 22.42 -35.23 27.56
C MET R 51 21.39 -34.11 27.36
N VAL R 52 20.80 -33.62 28.45
CA VAL R 52 19.78 -32.59 28.31
C VAL R 52 20.39 -31.30 27.82
N VAL R 53 21.62 -30.98 28.23
CA VAL R 53 22.29 -29.79 27.69
C VAL R 53 22.46 -29.91 26.19
N VAL R 54 22.90 -31.08 25.71
CA VAL R 54 23.06 -31.27 24.27
C VAL R 54 21.72 -31.09 23.56
N ILE R 55 20.67 -31.72 24.08
CA ILE R 55 19.36 -31.69 23.41
C ILE R 55 18.80 -30.28 23.38
N VAL R 56 18.87 -29.57 24.52
CA VAL R 56 18.32 -28.22 24.59
C VAL R 56 19.12 -27.26 23.72
N GLY R 57 20.44 -27.43 23.67
CA GLY R 57 21.23 -26.59 22.78
C GLY R 57 20.85 -26.77 21.33
N ALA R 58 20.67 -28.02 20.90
CA ALA R 58 20.25 -28.26 19.51
C ALA R 58 18.87 -27.67 19.24
N THR R 59 17.93 -27.86 20.19
CA THR R 59 16.58 -27.33 20.00
C THR R 59 16.60 -25.82 19.90
N ILE R 60 17.36 -25.15 20.76
CA ILE R 60 17.43 -23.69 20.74
C ILE R 60 18.06 -23.22 19.43
N GLY R 61 19.11 -23.90 18.97
CA GLY R 61 19.72 -23.50 17.71
C GLY R 61 18.76 -23.61 16.54
N ILE R 62 18.03 -24.73 16.45
CA ILE R 62 17.09 -24.90 15.36
C ILE R 62 15.98 -23.87 15.44
N LYS R 63 15.43 -23.65 16.64
CA LYS R 63 14.34 -22.69 16.80
C LYS R 63 14.78 -21.28 16.44
N LEU R 64 15.97 -20.87 16.86
CA LEU R 64 16.46 -19.54 16.54
C LEU R 64 16.71 -19.40 15.04
N PHE R 65 17.26 -20.42 14.40
CA PHE R 65 17.45 -20.37 12.96
C PHE R 65 16.13 -20.18 12.24
N LYS R 66 15.12 -20.97 12.62
CA LYS R 66 13.79 -20.87 11.95
C LYS R 66 13.19 -19.49 12.21
N LYS R 67 13.28 -18.97 13.45
CA LYS R 67 12.68 -17.67 13.74
C LYS R 67 13.38 -16.55 12.96
N PHE R 68 14.71 -16.57 12.94
CA PHE R 68 15.44 -15.52 12.24
C PHE R 68 15.15 -15.55 10.76
N THR R 69 15.11 -16.73 10.16
CA THR R 69 14.80 -16.82 8.74
C THR R 69 13.37 -16.36 8.45
N SER R 70 12.42 -16.74 9.30
CA SER R 70 11.04 -16.33 9.08
C SER R 70 10.90 -14.82 9.16
N LYS R 71 11.59 -14.18 10.12
CA LYS R 71 11.52 -12.73 10.23
C LYS R 71 12.26 -12.04 9.09
N ALA R 72 13.31 -12.66 8.57
CA ALA R 72 14.13 -12.01 7.55
C ALA R 72 13.38 -11.84 6.23
N SER R 73 12.55 -12.82 5.86
CA SER R 73 11.83 -12.77 4.61
C SER R 73 10.33 -12.51 4.81
N ALA S 30 13.44 -55.44 75.95
CA ALA S 30 12.16 -55.02 75.40
C ALA S 30 12.17 -53.52 75.08
N LYS S 31 12.27 -52.71 76.14
CA LYS S 31 12.30 -51.26 75.95
C LYS S 31 13.55 -50.83 75.19
N ALA S 32 14.69 -51.45 75.48
CA ALA S 32 15.91 -51.13 74.77
C ALA S 32 15.80 -51.47 73.28
N ALA S 33 15.13 -52.58 72.97
CA ALA S 33 14.91 -52.93 71.56
C ALA S 33 14.08 -51.87 70.86
N PHE S 34 13.01 -51.40 71.51
CA PHE S 34 12.19 -50.35 70.91
C PHE S 34 12.98 -49.06 70.72
N ASN S 35 13.81 -48.70 71.71
CA ASN S 35 14.62 -47.50 71.58
C ASN S 35 15.60 -47.62 70.42
N SER S 36 16.25 -48.79 70.29
CA SER S 36 17.18 -49.00 69.20
C SER S 36 16.46 -48.94 67.84
N LEU S 37 15.28 -49.55 67.75
CA LEU S 37 14.53 -49.50 66.51
C LEU S 37 14.13 -48.08 66.15
N GLN S 38 13.69 -47.30 67.14
CA GLN S 38 13.34 -45.91 66.88
C GLN S 38 14.55 -45.12 66.40
N ALA S 39 15.71 -45.31 67.05
CA ALA S 39 16.91 -44.59 66.62
C ALA S 39 17.30 -44.98 65.20
N SER S 40 17.34 -46.29 64.92
CA SER S 40 17.73 -46.76 63.57
C SER S 40 16.76 -46.19 62.55
N ALA S 41 15.46 -46.18 62.87
CA ALA S 41 14.44 -45.64 61.95
C ALA S 41 14.77 -44.19 61.61
N THR S 42 15.06 -43.37 62.63
CA THR S 42 15.35 -41.93 62.41
C THR S 42 16.65 -41.79 61.60
N GLU S 43 17.65 -42.62 61.89
CA GLU S 43 18.92 -42.60 61.11
C GLU S 43 18.61 -42.83 59.63
N TYR S 44 17.77 -43.83 59.34
CA TYR S 44 17.42 -44.16 57.92
C TYR S 44 16.63 -42.99 57.31
N ILE S 45 15.71 -42.41 58.08
CA ILE S 45 14.91 -41.23 57.58
C ILE S 45 15.90 -40.13 57.19
N GLY S 46 16.90 -39.88 58.04
CA GLY S 46 17.93 -38.87 57.72
C GLY S 46 18.61 -39.15 56.40
N TYR S 47 18.91 -40.43 56.13
CA TYR S 47 19.55 -40.80 54.87
C TYR S 47 18.58 -40.72 53.70
N ALA S 48 17.32 -41.14 53.92
CA ALA S 48 16.33 -41.05 52.86
C ALA S 48 16.09 -39.60 52.45
N TRP S 49 16.03 -38.70 53.43
CA TRP S 49 15.89 -37.28 53.11
C TRP S 49 17.10 -36.76 52.36
N ALA S 50 18.30 -37.14 52.80
CA ALA S 50 19.52 -36.67 52.14
C ALA S 50 19.61 -37.18 50.71
N MET S 51 18.96 -38.30 50.41
CA MET S 51 18.93 -38.78 49.03
C MET S 51 17.86 -38.07 48.22
N VAL S 52 16.65 -37.97 48.78
CA VAL S 52 15.53 -37.43 48.01
C VAL S 52 15.74 -35.95 47.72
N VAL S 53 16.47 -35.23 48.58
CA VAL S 53 16.72 -33.82 48.27
C VAL S 53 17.54 -33.71 47.00
N VAL S 54 18.56 -34.55 46.84
CA VAL S 54 19.39 -34.52 45.63
C VAL S 54 18.57 -34.91 44.42
N ILE S 55 17.79 -35.99 44.53
CA ILE S 55 17.02 -36.46 43.37
C ILE S 55 16.01 -35.41 42.93
N VAL S 56 15.27 -34.84 43.89
CA VAL S 56 14.25 -33.86 43.58
C VAL S 56 14.89 -32.58 43.04
N GLY S 57 16.03 -32.18 43.60
CA GLY S 57 16.73 -31.02 43.09
C GLY S 57 17.14 -31.19 41.65
N ALA S 58 17.67 -32.37 41.30
CA ALA S 58 18.05 -32.61 39.91
C ALA S 58 16.84 -32.58 38.99
N THR S 59 15.74 -33.22 39.39
CA THR S 59 14.55 -33.25 38.55
C THR S 59 14.00 -31.84 38.33
N ILE S 60 13.84 -31.08 39.41
CA ILE S 60 13.32 -29.72 39.29
C ILE S 60 14.27 -28.83 38.51
N GLY S 61 15.58 -29.04 38.66
CA GLY S 61 16.53 -28.27 37.88
C GLY S 61 16.38 -28.51 36.39
N ILE S 62 16.25 -29.77 35.99
CA ILE S 62 16.07 -30.09 34.58
C ILE S 62 14.77 -29.48 34.07
N LYS S 63 13.69 -29.61 34.86
CA LYS S 63 12.40 -29.07 34.44
C LYS S 63 12.46 -27.57 34.24
N LEU S 64 13.01 -26.84 35.22
CA LEU S 64 13.09 -25.39 35.13
C LEU S 64 14.03 -24.95 34.01
N PHE S 65 15.13 -25.69 33.81
CA PHE S 65 16.04 -25.37 32.73
C PHE S 65 15.34 -25.44 31.38
N LYS S 66 14.63 -26.55 31.13
CA LYS S 66 13.90 -26.69 29.87
C LYS S 66 12.85 -25.60 29.72
N LYS S 67 12.09 -25.35 30.80
CA LYS S 67 11.01 -24.38 30.73
C LYS S 67 11.53 -22.98 30.41
N PHE S 68 12.61 -22.56 31.09
CA PHE S 68 13.10 -21.21 30.91
C PHE S 68 13.87 -21.04 29.60
N THR S 69 14.62 -22.05 29.16
CA THR S 69 15.26 -21.93 27.86
C THR S 69 14.22 -21.91 26.74
N SER S 70 13.10 -22.59 26.93
CA SER S 70 12.03 -22.50 25.93
C SER S 70 11.36 -21.13 25.98
N LYS S 71 11.09 -20.62 27.18
CA LYS S 71 10.37 -19.33 27.31
C LYS S 71 11.24 -18.18 26.78
N ALA S 72 12.54 -18.21 27.02
CA ALA S 72 13.40 -17.09 26.61
C ALA S 72 13.55 -17.01 25.10
N SER S 73 13.56 -18.14 24.42
CA SER S 73 13.70 -18.14 22.96
C SER S 73 12.33 -18.04 22.29
N PRO T 2 1.16 55.95 -65.49
CA PRO T 2 0.36 57.17 -65.48
C PRO T 2 0.05 57.65 -64.06
N VAL T 3 1.08 57.75 -63.21
CA VAL T 3 0.93 58.14 -61.83
C VAL T 3 1.99 59.17 -61.46
N LEU T 4 1.73 59.90 -60.38
CA LEU T 4 2.67 60.92 -59.94
C LEU T 4 3.97 60.28 -59.45
N LEU T 5 5.01 61.10 -59.40
CA LEU T 5 6.31 60.64 -58.91
C LEU T 5 6.24 60.34 -57.41
N GLY T 6 6.97 59.31 -57.00
CA GLY T 6 7.04 58.91 -55.61
C GLY T 6 6.14 57.76 -55.23
N ILE T 7 5.07 57.52 -55.98
CA ILE T 7 4.21 56.37 -55.69
C ILE T 7 4.95 55.05 -55.85
N PRO T 8 5.65 54.78 -56.97
CA PRO T 8 6.39 53.51 -57.04
C PRO T 8 7.45 53.38 -55.96
N LEU T 9 8.13 54.49 -55.62
CA LEU T 9 9.13 54.44 -54.56
C LEU T 9 8.49 54.13 -53.22
N LEU T 10 7.32 54.71 -52.94
CA LEU T 10 6.61 54.40 -51.72
C LEU T 10 6.20 52.94 -51.66
N LEU T 11 5.71 52.39 -52.78
CA LEU T 11 5.32 50.99 -52.80
C LEU T 11 6.52 50.08 -52.58
N ARG T 12 7.65 50.40 -53.22
CA ARG T 12 8.86 49.61 -53.00
C ARG T 12 9.30 49.67 -51.54
N PHE T 13 9.20 50.85 -50.92
CA PHE T 13 9.57 50.98 -49.52
C PHE T 13 8.66 50.13 -48.63
N LEU T 14 7.36 50.13 -48.92
CA LEU T 14 6.44 49.29 -48.15
C LEU T 14 6.78 47.82 -48.29
N GLY T 15 7.04 47.38 -49.52
CA GLY T 15 7.43 45.99 -49.72
C GLY T 15 8.72 45.63 -48.99
N PHE T 16 9.70 46.54 -49.03
CA PHE T 16 10.96 46.31 -48.34
C PHE T 16 10.75 46.20 -46.83
N LEU T 17 9.91 47.07 -46.27
CA LEU T 17 9.61 47.00 -44.84
C LEU T 17 8.96 45.67 -44.48
N LEU T 18 7.98 45.23 -45.28
CA LEU T 18 7.33 43.96 -45.00
C LEU T 18 8.32 42.79 -45.07
N VAL T 19 9.20 42.80 -46.08
CA VAL T 19 10.17 41.73 -46.22
C VAL T 19 11.11 41.70 -45.01
N THR T 20 11.60 42.87 -44.59
CA THR T 20 12.51 42.92 -43.45
C THR T 20 11.83 42.42 -42.17
N LEU T 21 10.60 42.86 -41.92
CA LEU T 21 9.90 42.41 -40.72
C LEU T 21 9.66 40.91 -40.73
N PHE T 22 9.26 40.37 -41.88
CA PHE T 22 8.99 38.94 -41.94
C PHE T 22 10.27 38.12 -41.82
N GLY T 23 11.38 38.64 -42.33
CA GLY T 23 12.67 37.99 -42.09
C GLY T 23 13.06 37.98 -40.63
N TYR T 24 12.80 39.07 -39.92
CA TYR T 24 13.02 39.09 -38.48
C TYR T 24 12.18 38.01 -37.79
N LEU T 25 10.92 37.89 -38.21
CA LEU T 25 10.05 36.86 -37.65
C LEU T 25 10.61 35.47 -37.90
N LEU T 26 11.14 35.22 -39.09
CA LEU T 26 11.75 33.93 -39.40
C LEU T 26 12.94 33.65 -38.49
N THR T 27 13.79 34.66 -38.28
CA THR T 27 14.95 34.48 -37.39
C THR T 27 14.51 34.13 -35.98
N PHE T 28 13.48 34.82 -35.47
CA PHE T 28 13.01 34.52 -34.12
C PHE T 28 12.41 33.11 -34.04
N LEU T 29 11.72 32.68 -35.09
CA LEU T 29 11.19 31.31 -35.12
C LEU T 29 12.31 30.28 -35.04
N LYS T 30 13.39 30.51 -35.79
CA LYS T 30 14.53 29.58 -35.72
C LYS T 30 15.16 29.59 -34.33
N LYS T 31 15.21 30.76 -33.69
CA LYS T 31 15.71 30.82 -32.32
C LYS T 31 14.84 29.97 -31.39
N GLY T 32 13.52 30.05 -31.53
CA GLY T 32 12.64 29.23 -30.71
C GLY T 32 12.83 27.75 -30.93
N PHE T 33 13.02 27.34 -32.19
CA PHE T 33 13.28 25.93 -32.47
C PHE T 33 14.58 25.46 -31.83
N GLY T 34 15.61 26.30 -31.88
CA GLY T 34 16.85 25.97 -31.19
C GLY T 34 16.65 25.82 -29.69
N LYS T 35 15.81 26.68 -29.11
CA LYS T 35 15.50 26.56 -27.69
C LYS T 35 14.84 25.22 -27.38
N ILE T 36 13.90 24.80 -28.22
CA ILE T 36 13.23 23.52 -27.99
C ILE T 36 14.23 22.37 -28.07
N ALA T 37 15.12 22.41 -29.06
CA ALA T 37 16.14 21.36 -29.17
C ALA T 37 17.04 21.31 -27.94
N ILE T 38 17.44 22.48 -27.44
CA ILE T 38 18.26 22.53 -26.23
C ILE T 38 17.53 21.91 -25.05
N ALA T 39 16.24 22.22 -24.91
CA ALA T 39 15.48 21.66 -23.80
C ALA T 39 15.41 20.14 -23.88
N ILE T 40 15.15 19.60 -25.08
CA ILE T 40 15.09 18.14 -25.23
C ILE T 40 16.43 17.51 -24.88
N SER T 41 17.52 18.11 -25.36
CA SER T 41 18.84 17.57 -25.07
C SER T 41 19.11 17.55 -23.57
N LEU T 42 18.77 18.64 -22.87
CA LEU T 42 19.00 18.70 -21.43
C LEU T 42 18.19 17.63 -20.70
N PHE T 43 16.93 17.43 -21.10
CA PHE T 43 16.09 16.44 -20.45
C PHE T 43 16.66 15.04 -20.59
N LEU T 44 17.05 14.67 -21.82
CA LEU T 44 17.61 13.34 -22.03
C LEU T 44 18.95 13.17 -21.31
N ALA T 45 19.77 14.23 -21.28
CA ALA T 45 21.04 14.15 -20.57
C ALA T 45 20.84 13.93 -19.08
N LEU T 46 19.84 14.61 -18.50
CA LEU T 46 19.55 14.39 -17.08
C LEU T 46 19.14 12.95 -16.82
N ILE T 47 18.30 12.38 -17.70
CA ILE T 47 17.92 10.98 -17.51
C ILE T 47 19.15 10.08 -17.56
N ILE T 48 20.04 10.31 -18.52
CA ILE T 48 21.21 9.44 -18.66
C ILE T 48 22.12 9.56 -17.45
N GLY T 49 22.32 10.77 -16.93
CA GLY T 49 23.14 10.93 -15.76
C GLY T 49 22.56 10.24 -14.53
N LEU T 50 21.25 10.36 -14.34
CA LEU T 50 20.61 9.65 -13.23
C LEU T 50 20.81 8.15 -13.36
N ASN T 51 20.66 7.62 -14.57
CA ASN T 51 20.89 6.19 -14.78
C ASN T 51 22.31 5.81 -14.41
N SER T 52 23.28 6.62 -14.81
CA SER T 52 24.67 6.30 -14.51
C SER T 52 24.91 6.23 -13.01
N ILE T 53 24.38 7.20 -12.27
CA ILE T 53 24.56 7.18 -10.81
C ILE T 53 23.90 5.95 -10.20
N LEU T 54 22.67 5.66 -10.60
CA LEU T 54 21.95 4.54 -10.02
C LEU T 54 22.65 3.22 -10.30
N VAL T 55 23.20 3.05 -11.50
CA VAL T 55 23.86 1.75 -11.84
C VAL T 55 25.10 1.57 -10.95
N GLY T 56 25.81 2.66 -10.65
CA GLY T 56 27.06 2.57 -9.86
C GLY T 56 26.85 2.08 -8.44
N TYR T 57 25.78 2.51 -7.77
CA TYR T 57 25.54 2.14 -6.36
C TYR T 57 25.45 0.63 -6.19
N LEU T 58 24.85 -0.07 -7.15
CA LEU T 58 24.61 -1.53 -7.01
C LEU T 58 25.91 -2.34 -6.97
N SER T 59 27.07 -1.76 -7.27
CA SER T 59 28.25 -2.63 -7.24
C SER T 59 28.65 -3.00 -5.82
N ASP T 60 28.57 -2.04 -4.90
CA ASP T 60 29.12 -2.23 -3.56
C ASP T 60 28.31 -3.26 -2.78
N ILE T 61 26.99 -3.15 -2.80
CA ILE T 61 26.13 -3.90 -1.89
C ILE T 61 25.81 -5.29 -2.42
N SER T 62 26.51 -5.71 -3.48
CA SER T 62 26.20 -6.99 -4.11
C SER T 62 26.43 -8.15 -3.15
N ALA T 63 25.54 -9.13 -3.22
CA ALA T 63 25.64 -10.34 -2.41
C ALA T 63 24.99 -11.49 -3.16
N GLN T 64 25.34 -12.71 -2.76
CA GLN T 64 24.89 -13.91 -3.45
C GLN T 64 24.27 -14.88 -2.45
N LEU T 65 23.33 -15.67 -2.95
CA LEU T 65 22.72 -16.71 -2.13
C LEU T 65 23.76 -17.77 -1.81
N PRO T 66 23.87 -18.21 -0.56
CA PRO T 66 24.88 -19.21 -0.20
C PRO T 66 24.64 -20.53 -0.92
N SER T 67 25.62 -21.42 -0.78
CA SER T 67 25.52 -22.73 -1.42
C SER T 67 24.33 -23.51 -0.90
N ASP T 68 24.05 -23.40 0.39
CA ASP T 68 22.85 -23.99 0.95
C ASP T 68 21.62 -23.20 0.49
N PHE T 69 20.45 -23.76 0.79
CA PHE T 69 19.15 -23.21 0.39
C PHE T 69 18.93 -23.37 -1.10
N VAL T 70 19.95 -23.82 -1.83
CA VAL T 70 19.78 -24.09 -3.26
C VAL T 70 18.93 -25.34 -3.45
N GLN T 71 19.15 -26.36 -2.61
CA GLN T 71 18.41 -27.62 -2.76
C GLN T 71 16.92 -27.41 -2.59
N GLY T 72 16.52 -26.66 -1.57
CA GLY T 72 15.09 -26.43 -1.36
C GLY T 72 14.46 -25.61 -2.47
N VAL T 73 15.15 -24.55 -2.91
CA VAL T 73 14.62 -23.71 -3.98
C VAL T 73 14.43 -24.53 -5.24
N GLN T 74 15.42 -25.35 -5.60
CA GLN T 74 15.27 -26.22 -6.75
C GLN T 74 14.20 -27.28 -6.51
N LEU T 75 13.99 -27.67 -5.26
CA LEU T 75 12.94 -28.63 -4.93
C LEU T 75 11.56 -28.07 -5.25
N ILE T 76 11.34 -26.79 -4.98
CA ILE T 76 10.02 -26.19 -5.13
C ILE T 76 9.82 -25.44 -6.44
N LEU T 77 10.89 -24.99 -7.08
CA LEU T 77 10.75 -23.98 -8.13
C LEU T 77 10.04 -24.54 -9.35
N PRO T 78 8.92 -23.97 -9.78
CA PRO T 78 8.24 -24.44 -10.97
C PRO T 78 8.97 -23.96 -12.23
N SER T 79 8.46 -24.40 -13.38
CA SER T 79 9.13 -24.12 -14.64
C SER T 79 8.94 -22.69 -15.12
N ASN T 80 7.97 -21.94 -14.55
CA ASN T 80 7.63 -20.62 -15.03
C ASN T 80 7.82 -19.54 -13.98
N ALA T 81 8.83 -19.68 -13.11
CA ALA T 81 9.12 -18.64 -12.14
C ALA T 81 10.06 -17.58 -12.72
N LEU T 82 11.23 -18.02 -13.18
CA LEU T 82 12.14 -17.11 -13.86
C LEU T 82 11.52 -16.45 -15.09
N PRO T 83 10.77 -17.16 -15.95
CA PRO T 83 10.06 -16.45 -17.03
C PRO T 83 9.14 -15.35 -16.53
N CYS T 84 8.43 -15.57 -15.41
CA CYS T 84 7.56 -14.53 -14.88
C CYS T 84 8.37 -13.34 -14.39
N PHE T 85 9.48 -13.59 -13.70
CA PHE T 85 10.34 -12.49 -13.24
C PHE T 85 10.87 -11.68 -14.42
N TYR T 86 11.32 -12.37 -15.48
CA TYR T 86 11.84 -11.67 -16.64
C TYR T 86 10.74 -10.91 -17.39
N VAL T 87 9.52 -11.46 -17.41
CA VAL T 87 8.39 -10.75 -18.01
C VAL T 87 8.11 -9.46 -17.25
N ILE T 88 8.18 -9.52 -15.92
CA ILE T 88 7.97 -8.31 -15.12
C ILE T 88 9.04 -7.27 -15.44
N LEU T 89 10.30 -7.70 -15.52
CA LEU T 89 11.37 -6.76 -15.84
C LEU T 89 11.19 -6.16 -17.23
N SER T 90 10.79 -6.98 -18.21
CA SER T 90 10.57 -6.48 -19.56
C SER T 90 9.42 -5.49 -19.61
N VAL T 91 8.36 -5.75 -18.84
CA VAL T 91 7.24 -4.81 -18.76
C VAL T 91 7.71 -3.48 -18.19
N LYS T 92 8.55 -3.54 -17.15
CA LYS T 92 9.11 -2.30 -16.54
C LYS T 92 9.87 -1.50 -17.60
N ALA T 93 10.74 -2.17 -18.37
CA ALA T 93 11.52 -1.47 -19.39
C ALA T 93 10.63 -0.89 -20.49
N ALA T 94 9.64 -1.65 -20.93
CA ALA T 94 8.74 -1.18 -21.98
C ALA T 94 7.98 0.07 -21.52
N ILE T 95 7.49 0.05 -20.28
CA ILE T 95 6.76 1.22 -19.77
C ILE T 95 7.68 2.43 -19.67
N PHE T 96 8.93 2.21 -19.25
CA PHE T 96 9.88 3.32 -19.16
C PHE T 96 10.10 3.97 -20.53
N ILE T 97 10.40 3.16 -21.54
CA ILE T 97 10.66 3.76 -22.85
C ILE T 97 9.39 4.37 -23.44
N PHE T 98 8.21 3.79 -23.13
CA PHE T 98 6.97 4.38 -23.58
C PHE T 98 6.75 5.76 -22.98
N ASP T 99 7.05 5.91 -21.69
CA ASP T 99 6.94 7.23 -21.06
C ASP T 99 7.90 8.23 -21.69
N VAL T 100 9.13 7.80 -21.95
CA VAL T 100 10.12 8.71 -22.55
C VAL T 100 9.63 9.16 -23.93
N LYS T 101 9.16 8.22 -24.75
CA LYS T 101 8.69 8.59 -26.08
C LYS T 101 7.46 9.48 -26.03
N GLN T 102 6.57 9.25 -25.07
CA GLN T 102 5.40 10.11 -24.94
C GLN T 102 5.80 11.54 -24.54
N LYS T 103 6.81 11.67 -23.68
CA LYS T 103 7.31 13.01 -23.36
C LYS T 103 7.90 13.68 -24.59
N ILE T 104 8.65 12.93 -25.40
CA ILE T 104 9.21 13.48 -26.63
C ILE T 104 8.08 13.95 -27.55
N VAL T 105 7.01 13.16 -27.65
CA VAL T 105 5.86 13.57 -28.45
C VAL T 105 5.25 14.86 -27.91
N SER T 106 5.07 14.93 -26.59
CA SER T 106 4.48 16.12 -25.98
C SER T 106 5.34 17.36 -26.19
N TYR T 107 6.63 17.20 -26.43
CA TYR T 107 7.45 18.37 -26.80
C TYR T 107 7.05 19.03 -28.11
N LEU T 108 6.04 18.51 -28.82
CA LEU T 108 5.57 19.15 -30.03
C LEU T 108 4.74 20.40 -29.76
N ASP T 109 4.34 20.64 -28.52
CA ASP T 109 3.49 21.77 -28.18
C ASP T 109 4.28 23.02 -27.82
N TRP T 110 5.60 22.95 -27.80
CA TRP T 110 6.42 24.11 -27.44
C TRP T 110 6.50 25.09 -28.61
N LYS U 262 9.25 84.34 -61.65
CA LYS U 262 9.37 82.94 -61.26
C LYS U 262 8.01 82.35 -60.89
N MET U 263 7.30 81.85 -61.91
CA MET U 263 5.98 81.21 -61.68
C MET U 263 6.21 79.92 -60.87
N ALA U 264 7.33 79.25 -61.12
CA ALA U 264 7.68 78.02 -60.37
C ALA U 264 7.60 78.31 -58.86
N ASN U 265 8.23 79.40 -58.41
CA ASN U 265 8.22 79.75 -57.00
C ASN U 265 6.79 79.99 -56.51
N ALA U 266 5.98 80.68 -57.30
CA ALA U 266 4.60 80.93 -56.89
C ALA U 266 3.81 79.64 -56.74
N ASN U 267 3.93 78.74 -57.71
CA ASN U 267 3.22 77.47 -57.63
C ASN U 267 3.73 76.63 -56.45
N LYS U 268 5.03 76.64 -56.21
CA LYS U 268 5.57 75.91 -55.08
C LYS U 268 5.05 76.47 -53.76
N GLY U 269 4.99 77.79 -53.64
CA GLY U 269 4.48 78.39 -52.42
C GLY U 269 3.01 78.13 -52.20
N ALA U 270 2.25 78.06 -53.30
CA ALA U 270 0.79 77.85 -53.21
C ALA U 270 0.48 76.47 -52.62
N MET U 271 1.20 75.42 -53.03
CA MET U 271 0.88 74.05 -52.57
C MET U 271 1.99 73.52 -51.66
N THR U 272 2.36 74.26 -50.61
CA THR U 272 3.37 73.80 -49.67
C THR U 272 3.04 74.28 -48.28
N GLU U 273 3.18 73.39 -47.30
CA GLU U 273 3.02 73.71 -45.89
C GLU U 273 4.30 73.35 -45.15
N ASN U 274 4.76 74.25 -44.29
CA ASN U 274 6.00 74.05 -43.56
C ASN U 274 5.76 73.06 -42.42
N ALA U 275 6.35 71.87 -42.54
CA ALA U 275 6.23 70.83 -41.54
C ALA U 275 7.62 70.45 -41.03
N ASP U 276 7.73 70.31 -39.70
CA ASP U 276 9.00 70.01 -39.06
C ASP U 276 8.99 68.56 -38.57
N GLU U 277 10.02 67.81 -38.94
CA GLU U 277 10.11 66.42 -38.51
C GLU U 277 10.24 66.31 -36.99
N ASN U 278 11.04 67.20 -36.39
CA ASN U 278 11.28 67.15 -34.95
C ASN U 278 10.04 67.47 -34.13
N ALA U 279 8.99 67.99 -34.74
CA ALA U 279 7.74 68.25 -34.02
C ALA U 279 6.79 67.06 -34.12
N LEU U 280 6.55 66.56 -35.33
CA LEU U 280 5.66 65.42 -35.51
C LEU U 280 6.22 64.18 -34.84
N GLN U 281 7.52 63.91 -35.02
CA GLN U 281 8.13 62.76 -34.37
C GLN U 281 8.05 62.88 -32.86
N SER U 282 8.33 64.07 -32.33
CA SER U 282 8.29 64.26 -30.88
C SER U 282 6.87 64.05 -30.35
N ASP U 283 5.86 64.58 -31.04
CA ASP U 283 4.49 64.42 -30.57
C ASP U 283 4.07 62.96 -30.58
N ALA U 284 4.35 62.26 -31.69
CA ALA U 284 3.97 60.85 -31.77
C ALA U 284 4.67 60.02 -30.72
N LYS U 285 5.97 60.23 -30.54
CA LYS U 285 6.72 59.48 -29.53
C LYS U 285 6.22 59.81 -28.12
N GLY U 286 5.87 61.08 -27.88
CA GLY U 286 5.37 61.45 -26.56
C GLY U 286 4.07 60.74 -26.24
N LYS U 287 3.13 60.73 -27.18
CA LYS U 287 1.87 60.02 -26.94
C LYS U 287 2.10 58.52 -26.75
N LEU U 288 2.92 57.93 -27.62
CA LEU U 288 3.16 56.49 -27.53
C LEU U 288 3.84 56.12 -26.21
N ASP U 289 4.77 56.95 -25.74
CA ASP U 289 5.41 56.69 -24.46
C ASP U 289 4.44 56.89 -23.30
N SER U 290 3.61 57.93 -23.37
CA SER U 290 2.66 58.18 -22.29
C SER U 290 1.63 57.06 -22.15
N VAL U 291 1.39 56.30 -23.22
CA VAL U 291 0.52 55.13 -23.06
C VAL U 291 1.30 53.84 -22.78
N ALA U 292 2.52 53.71 -23.32
CA ALA U 292 3.32 52.52 -23.04
C ALA U 292 3.77 52.48 -21.58
N THR U 293 3.92 53.63 -20.94
CA THR U 293 4.23 53.63 -19.52
C THR U 293 3.07 53.03 -18.72
N ASP U 294 1.84 53.32 -19.11
CA ASP U 294 0.69 52.69 -18.46
C ASP U 294 0.69 51.19 -18.71
N TYR U 295 1.02 50.78 -19.94
CA TYR U 295 1.13 49.35 -20.24
C TYR U 295 2.13 48.65 -19.31
N GLY U 296 3.34 49.21 -19.22
CA GLY U 296 4.36 48.61 -18.38
C GLY U 296 4.00 48.64 -16.91
N ALA U 297 3.35 49.72 -16.46
CA ALA U 297 2.91 49.81 -15.08
C ALA U 297 1.88 48.73 -14.77
N ALA U 298 0.95 48.47 -15.69
CA ALA U 298 -0.02 47.41 -15.47
C ALA U 298 0.64 46.05 -15.38
N ILE U 299 1.60 45.77 -16.28
CA ILE U 299 2.30 44.49 -16.24
C ILE U 299 3.04 44.32 -14.92
N ASP U 300 3.77 45.36 -14.50
CA ASP U 300 4.54 45.28 -13.26
C ASP U 300 3.63 45.17 -12.05
N GLY U 301 2.47 45.83 -12.09
CA GLY U 301 1.52 45.71 -10.98
C GLY U 301 0.98 44.31 -10.85
N PHE U 302 0.63 43.68 -11.98
CA PHE U 302 0.19 42.28 -11.92
C PHE U 302 1.28 41.38 -11.36
N ILE U 303 2.52 41.58 -11.81
CA ILE U 303 3.62 40.74 -11.35
C ILE U 303 3.80 40.91 -9.84
N GLY U 304 3.80 42.15 -9.38
CA GLY U 304 3.98 42.42 -7.96
C GLY U 304 2.84 41.86 -7.11
N ASP U 305 1.61 41.96 -7.61
CA ASP U 305 0.47 41.43 -6.87
C ASP U 305 0.58 39.92 -6.70
N VAL U 306 0.90 39.21 -7.79
CA VAL U 306 0.99 37.76 -7.70
C VAL U 306 2.16 37.34 -6.81
N SER U 307 3.30 38.03 -6.95
CA SER U 307 4.44 37.70 -6.11
C SER U 307 4.14 37.94 -4.64
N GLY U 308 3.45 39.05 -4.33
CA GLY U 308 3.11 39.34 -2.94
C GLY U 308 2.12 38.34 -2.37
N LEU U 309 1.17 37.89 -3.20
CA LEU U 309 0.28 36.81 -2.75
C LEU U 309 1.07 35.55 -2.47
N ALA U 310 2.06 35.24 -3.32
CA ALA U 310 2.82 34.01 -3.16
C ALA U 310 3.67 34.04 -1.89
N ASN U 311 4.44 35.10 -1.69
CA ASN U 311 5.41 35.14 -0.59
C ASN U 311 4.88 35.82 0.66
N GLY U 312 3.61 36.20 0.69
CA GLY U 312 3.03 36.79 1.88
C GLY U 312 3.23 38.27 2.04
N ASN U 313 3.83 38.96 1.07
CA ASN U 313 3.97 40.40 1.16
C ASN U 313 2.63 41.11 1.06
N GLY U 314 1.77 40.63 0.16
CA GLY U 314 0.45 41.23 -0.02
C GLY U 314 0.19 41.67 -1.45
N ALA U 315 -1.07 41.94 -1.77
CA ALA U 315 -1.47 42.36 -3.11
C ALA U 315 -2.41 43.54 -3.02
N THR U 316 -2.40 44.37 -4.06
CA THR U 316 -3.26 45.54 -4.16
C THR U 316 -3.92 45.55 -5.52
N GLY U 317 -5.17 46.01 -5.56
CA GLY U 317 -5.90 46.11 -6.81
C GLY U 317 -6.88 44.96 -6.99
N ASP U 318 -6.83 44.31 -8.16
CA ASP U 318 -7.74 43.19 -8.43
C ASP U 318 -7.49 42.03 -7.47
N PHE U 319 -6.23 41.80 -7.11
CA PHE U 319 -5.89 40.68 -6.25
C PHE U 319 -5.99 41.00 -4.77
N ALA U 320 -6.44 42.21 -4.42
CA ALA U 320 -6.55 42.57 -3.01
C ALA U 320 -7.57 41.71 -2.28
N GLY U 321 -8.56 41.20 -3.01
CA GLY U 321 -9.59 40.37 -2.39
C GLY U 321 -9.09 39.02 -1.94
N SER U 322 -7.97 38.55 -2.50
CA SER U 322 -7.42 37.26 -2.10
C SER U 322 -6.47 37.36 -0.91
N ASN U 323 -6.23 38.58 -0.41
CA ASN U 323 -5.35 38.73 0.74
C ASN U 323 -5.93 38.04 1.97
N SER U 324 -7.24 38.19 2.18
CA SER U 324 -7.89 37.53 3.31
C SER U 324 -7.79 36.02 3.21
N GLN U 325 -8.01 35.50 2.00
CA GLN U 325 -7.97 34.03 1.77
C GLN U 325 -6.54 33.52 2.01
N MET U 326 -5.52 34.24 1.53
CA MET U 326 -4.14 33.79 1.69
C MET U 326 -3.70 33.90 3.15
N ALA U 327 -4.19 34.91 3.86
CA ALA U 327 -3.93 35.00 5.29
C ALA U 327 -4.61 33.86 6.05
N GLN U 328 -5.80 33.46 5.63
CA GLN U 328 -6.47 32.30 6.22
C GLN U 328 -5.73 31.00 5.95
N VAL U 329 -5.09 30.87 4.78
CA VAL U 329 -4.30 29.68 4.51
C VAL U 329 -3.12 29.57 5.46
N GLY U 330 -2.44 30.69 5.70
CA GLY U 330 -1.33 30.72 6.64
C GLY U 330 0.02 30.50 5.98
N ASP U 331 1.07 30.71 6.76
CA ASP U 331 2.44 30.57 6.28
C ASP U 331 3.30 29.92 7.35
N GLY U 332 4.39 29.30 6.91
CA GLY U 332 5.27 28.57 7.81
C GLY U 332 4.78 27.16 8.04
N ASP U 333 4.01 26.98 9.12
CA ASP U 333 3.39 25.66 9.41
C ASP U 333 2.08 25.91 10.19
N ASN U 334 1.78 27.17 10.51
CA ASN U 334 0.57 27.51 11.25
C ASN U 334 -0.50 27.87 10.24
N SER U 335 -1.35 26.90 9.90
CA SER U 335 -2.42 27.12 8.94
C SER U 335 -3.74 27.27 9.69
N PRO U 336 -4.35 28.45 9.70
CA PRO U 336 -5.66 28.58 10.35
C PRO U 336 -6.72 27.69 9.72
N LEU U 337 -6.53 27.30 8.46
CA LEU U 337 -7.46 26.33 7.82
C LEU U 337 -7.25 24.96 8.45
N MET U 338 -5.99 24.62 8.78
CA MET U 338 -5.71 23.31 9.38
C MET U 338 -6.03 23.27 10.87
N ASN U 339 -5.88 24.40 11.56
CA ASN U 339 -6.11 24.43 13.00
C ASN U 339 -7.56 24.18 13.39
N ASN U 340 -8.48 24.22 12.43
CA ASN U 340 -9.87 23.89 12.74
C ASN U 340 -10.01 22.44 13.17
N PHE U 341 -9.20 21.54 12.62
CA PHE U 341 -9.26 20.14 12.99
C PHE U 341 -8.73 19.88 14.40
N ARG U 342 -7.92 20.78 14.94
CA ARG U 342 -7.32 20.55 16.25
C ARG U 342 -8.36 20.53 17.36
N GLN U 343 -9.48 21.23 17.18
CA GLN U 343 -10.51 21.25 18.21
C GLN U 343 -11.12 19.88 18.39
N TYR U 344 -11.24 19.11 17.30
CA TYR U 344 -11.81 17.77 17.34
C TYR U 344 -10.75 16.67 17.48
N LEU U 345 -9.51 17.04 17.76
CA LEU U 345 -8.45 16.06 17.89
C LEU U 345 -8.76 15.11 19.04
N PRO U 346 -8.64 13.80 18.85
CA PRO U 346 -8.95 12.87 19.95
C PRO U 346 -7.99 13.05 21.11
N SER U 347 -8.52 12.90 22.32
CA SER U 347 -7.72 13.07 23.52
C SER U 347 -6.97 11.78 23.82
N LEU U 348 -5.67 11.92 24.10
CA LEU U 348 -4.81 10.78 24.38
C LEU U 348 -4.09 11.00 25.71
N PRO U 349 -3.80 9.92 26.44
CA PRO U 349 -3.15 10.07 27.75
C PRO U 349 -1.76 10.66 27.61
N GLN U 350 -1.36 11.42 28.63
CA GLN U 350 -0.03 12.01 28.69
C GLN U 350 0.92 11.03 29.36
N SER U 351 2.10 10.85 28.76
CA SER U 351 3.05 9.88 29.26
C SER U 351 3.61 10.32 30.61
N VAL U 352 3.60 9.39 31.58
CA VAL U 352 4.09 9.63 32.92
C VAL U 352 5.08 8.54 33.28
N GLU U 353 5.63 8.61 34.49
CA GLU U 353 6.55 7.60 34.96
C GLU U 353 5.84 6.27 35.15
N CYS U 354 6.63 5.20 35.15
CA CYS U 354 6.09 3.86 35.23
C CYS U 354 5.65 3.52 36.64
N ARG U 355 4.44 2.98 36.78
CA ARG U 355 3.92 2.50 38.05
C ARG U 355 3.71 1.00 37.98
N PRO U 356 4.33 0.20 38.85
CA PRO U 356 4.14 -1.25 38.79
C PRO U 356 2.69 -1.64 39.04
N PHE U 357 2.26 -2.70 38.36
CA PHE U 357 0.92 -3.25 38.54
C PHE U 357 0.97 -4.41 39.52
N VAL U 358 0.07 -4.40 40.50
CA VAL U 358 0.06 -5.37 41.58
C VAL U 358 -1.12 -6.32 41.36
N PHE U 359 -0.84 -7.62 41.33
CA PHE U 359 -1.91 -8.64 41.17
C PHE U 359 -2.20 -9.24 42.54
N GLY U 360 -3.48 -9.40 42.89
CA GLY U 360 -3.86 -10.02 44.18
C GLY U 360 -3.20 -9.33 45.35
N ALA U 361 -3.39 -8.01 45.48
CA ALA U 361 -2.74 -7.24 46.58
C ALA U 361 -3.23 -7.75 47.94
N GLY U 362 -2.28 -8.04 48.85
CA GLY U 362 -2.65 -8.48 50.21
C GLY U 362 -2.84 -9.98 50.32
N LYS U 363 -2.85 -10.70 49.19
CA LYS U 363 -3.10 -12.16 49.21
C LYS U 363 -1.76 -12.92 49.19
N PRO U 364 -1.71 -14.21 49.56
CA PRO U 364 -0.46 -15.00 49.52
C PRO U 364 0.10 -15.11 48.09
N TYR U 365 -0.73 -14.88 47.07
CA TYR U 365 -0.30 -14.97 45.65
C TYR U 365 -0.02 -13.56 45.11
N GLU U 366 0.56 -12.68 45.93
CA GLU U 366 0.76 -11.28 45.50
C GLU U 366 2.06 -11.11 44.72
N PHE U 367 1.97 -10.89 43.40
CA PHE U 367 3.15 -10.58 42.61
C PHE U 367 2.90 -9.31 41.83
N SER U 368 3.98 -8.58 41.55
CA SER U 368 3.89 -7.30 40.87
C SER U 368 4.91 -7.24 39.74
N ILE U 369 4.55 -6.54 38.67
CA ILE U 369 5.48 -6.33 37.57
C ILE U 369 6.59 -5.40 38.03
N ASP U 370 7.84 -5.86 37.93
CA ASP U 370 8.96 -5.15 38.54
C ASP U 370 9.25 -3.81 37.86
N CYS U 371 8.66 -3.56 36.70
CA CYS U 371 8.78 -2.31 35.93
C CYS U 371 10.21 -1.94 35.61
N ASP U 372 11.18 -2.84 35.85
CA ASP U 372 12.55 -2.58 35.43
C ASP U 372 12.71 -2.82 33.94
N LYS U 373 12.04 -3.85 33.41
CA LYS U 373 12.07 -4.12 31.98
C LYS U 373 11.11 -3.24 31.20
N ILE U 374 10.09 -2.68 31.87
CA ILE U 374 9.18 -1.77 31.19
C ILE U 374 9.93 -0.52 30.72
N ASN U 375 10.89 -0.06 31.52
CA ASN U 375 11.68 1.10 31.11
C ASN U 375 12.56 0.78 29.91
N LEU U 376 13.14 -0.42 29.87
CA LEU U 376 13.92 -0.83 28.70
C LEU U 376 13.04 -0.90 27.45
N PHE U 377 11.84 -1.47 27.60
CA PHE U 377 10.93 -1.50 26.47
C PHE U 377 10.53 -0.10 26.05
N ARG U 378 10.35 0.80 27.02
CA ARG U 378 9.96 2.19 26.72
C ARG U 378 11.10 2.88 25.94
N GLY U 379 12.36 2.58 26.28
CA GLY U 379 13.48 3.13 25.54
C GLY U 379 13.52 2.63 24.10
N VAL U 380 13.37 1.31 23.92
CA VAL U 380 13.41 0.79 22.56
C VAL U 380 12.21 1.26 21.75
N PHE U 381 11.05 1.41 22.40
CA PHE U 381 9.87 1.93 21.71
C PHE U 381 10.08 3.37 21.27
N ALA U 382 10.70 4.19 22.12
CA ALA U 382 11.02 5.55 21.74
C ALA U 382 11.97 5.57 20.55
N PHE U 383 12.98 4.69 20.55
CA PHE U 383 13.89 4.62 19.43
C PHE U 383 13.16 4.26 18.14
N LEU U 384 12.28 3.26 18.19
CA LEU U 384 11.55 2.85 17.00
C LEU U 384 10.64 3.96 16.50
N LEU U 385 9.96 4.66 17.41
CA LEU U 385 9.12 5.78 17.01
C LEU U 385 9.94 6.87 16.34
N TYR U 386 11.13 7.16 16.86
CA TYR U 386 11.99 8.15 16.17
C TYR U 386 12.32 7.67 14.76
N VAL U 387 12.91 6.49 14.62
CA VAL U 387 13.35 5.98 13.29
C VAL U 387 12.16 5.99 12.33
N ALA U 388 10.94 5.76 12.81
CA ALA U 388 9.81 5.84 11.89
C ALA U 388 9.51 7.28 11.50
N THR U 389 9.50 8.18 12.48
CA THR U 389 9.19 9.57 12.17
C THR U 389 10.28 10.23 11.33
N PHE U 390 11.55 9.91 11.60
CA PHE U 390 12.63 10.46 10.81
C PHE U 390 12.55 9.99 9.37
N MET U 391 12.29 8.70 9.15
CA MET U 391 12.16 8.20 7.79
C MET U 391 10.96 8.84 7.10
N TYR U 392 9.86 9.01 7.82
CA TYR U 392 8.68 9.65 7.23
C TYR U 392 8.99 11.08 6.79
N VAL U 393 9.67 11.84 7.64
CA VAL U 393 9.99 13.24 7.29
C VAL U 393 10.98 13.30 6.13
N PHE U 394 11.98 12.42 6.14
CA PHE U 394 12.97 12.40 5.07
C PHE U 394 12.31 12.10 3.73
N SER U 395 11.45 11.07 3.70
CA SER U 395 10.73 10.72 2.44
C SER U 395 9.75 11.83 2.07
N THR U 396 9.14 12.49 3.07
CA THR U 396 8.20 13.62 2.82
C THR U 396 8.96 14.70 2.05
N PHE U 397 10.14 15.09 2.53
CA PHE U 397 10.88 16.14 1.84
C PHE U 397 11.42 15.66 0.50
N ALA U 398 11.83 14.39 0.41
CA ALA U 398 12.36 13.87 -0.85
C ALA U 398 11.30 13.76 -1.94
N ASN U 399 10.01 13.71 -1.58
CA ASN U 399 8.93 13.54 -2.56
C ASN U 399 7.99 14.72 -2.51
N ILE U 400 8.54 15.93 -2.51
CA ILE U 400 7.69 17.12 -2.54
C ILE U 400 7.24 17.45 -3.96
N LEU U 401 8.13 17.33 -4.94
CA LEU U 401 7.73 17.60 -6.32
C LEU U 401 6.90 16.47 -6.89
N ARG U 402 7.10 15.24 -6.41
CA ARG U 402 6.23 14.14 -6.82
C ARG U 402 4.84 14.32 -6.24
N ASN U 403 3.82 14.08 -7.06
CA ASN U 403 2.43 14.32 -6.60
C ASN U 403 2.01 13.20 -5.64
N LYS U 404 2.67 13.08 -4.50
CA LYS U 404 2.40 11.97 -3.54
C LYS U 404 2.10 12.51 -2.14
N GLU U 405 1.34 11.74 -1.35
CA GLU U 405 0.91 12.20 0.00
C GLU U 405 2.13 12.34 0.91
N SER U 406 2.21 13.46 1.65
CA SER U 406 3.36 13.71 2.54
C SER U 406 2.96 14.71 3.63
N ASP V 28 15.26 -28.01 59.72
CA ASP V 28 14.53 -28.99 58.92
C ASP V 28 15.07 -29.03 57.50
N PRO V 29 15.30 -30.24 56.98
CA PRO V 29 15.81 -30.38 55.61
C PRO V 29 14.86 -29.82 54.56
N ALA V 30 13.56 -29.86 54.82
CA ALA V 30 12.59 -29.43 53.81
C ALA V 30 12.76 -27.96 53.46
N LYS V 31 12.88 -27.09 54.47
CA LYS V 31 13.01 -25.67 54.21
C LYS V 31 14.32 -25.36 53.50
N ALA V 32 15.41 -26.06 53.86
CA ALA V 32 16.68 -25.87 53.18
C ALA V 32 16.57 -26.26 51.71
N ALA V 33 15.92 -27.39 51.43
CA ALA V 33 15.72 -27.81 50.04
C ALA V 33 14.88 -26.79 49.27
N PHE V 34 13.83 -26.27 49.91
CA PHE V 34 12.98 -25.29 49.23
C PHE V 34 13.75 -24.00 48.93
N ASN V 35 14.58 -23.54 49.88
CA ASN V 35 15.39 -22.35 49.64
C ASN V 35 16.41 -22.59 48.52
N SER V 36 17.02 -23.78 48.49
CA SER V 36 17.95 -24.09 47.41
C SER V 36 17.24 -24.09 46.06
N LEU V 37 16.04 -24.65 46.00
CA LEU V 37 15.27 -24.64 44.76
C LEU V 37 14.93 -23.21 44.35
N GLN V 38 14.56 -22.36 45.30
CA GLN V 38 14.25 -20.96 44.99
C GLN V 38 15.47 -20.24 44.44
N ALA V 39 16.64 -20.48 45.05
CA ALA V 39 17.86 -19.85 44.55
C ALA V 39 18.20 -20.31 43.13
N SER V 40 18.04 -21.61 42.88
CA SER V 40 18.28 -22.13 41.53
C SER V 40 17.31 -21.48 40.53
N ALA V 41 16.05 -21.34 40.93
CA ALA V 41 15.08 -20.69 40.05
C ALA V 41 15.47 -19.25 39.78
N THR V 42 15.96 -18.53 40.78
CA THR V 42 16.38 -17.16 40.57
C THR V 42 17.53 -17.06 39.59
N GLU V 43 18.51 -17.97 39.71
CA GLU V 43 19.62 -17.97 38.76
C GLU V 43 19.12 -18.24 37.34
N TYR V 44 18.22 -19.22 37.20
CA TYR V 44 17.63 -19.51 35.89
C TYR V 44 16.92 -18.28 35.33
N ILE V 45 16.20 -17.56 36.18
CA ILE V 45 15.46 -16.38 35.74
C ILE V 45 16.41 -15.31 35.24
N GLY V 46 17.51 -15.08 35.96
CA GLY V 46 18.48 -14.09 35.50
C GLY V 46 19.08 -14.44 34.15
N TYR V 47 19.50 -15.70 33.99
CA TYR V 47 20.07 -16.11 32.71
C TYR V 47 19.06 -16.02 31.59
N ALA V 48 17.81 -16.41 31.87
CA ALA V 48 16.76 -16.32 30.86
C ALA V 48 16.49 -14.88 30.46
N TRP V 49 16.52 -13.96 31.43
CA TRP V 49 16.33 -12.55 31.10
C TRP V 49 17.43 -12.05 30.18
N ALA V 50 18.69 -12.41 30.46
CA ALA V 50 19.77 -12.00 29.59
C ALA V 50 19.58 -12.53 28.17
N MET V 51 19.27 -13.83 28.06
CA MET V 51 19.17 -14.43 26.73
C MET V 51 17.97 -13.86 25.97
N VAL V 52 16.85 -13.62 26.65
CA VAL V 52 15.69 -13.06 25.96
C VAL V 52 15.97 -11.64 25.51
N VAL V 53 16.74 -10.87 26.28
CA VAL V 53 17.11 -9.53 25.83
C VAL V 53 17.93 -9.60 24.55
N VAL V 54 18.89 -10.53 24.50
CA VAL V 54 19.71 -10.66 23.30
C VAL V 54 18.84 -11.04 22.09
N ILE V 55 17.95 -12.02 22.27
CA ILE V 55 17.14 -12.49 21.15
C ILE V 55 16.16 -11.41 20.70
N VAL V 56 15.62 -10.63 21.65
CA VAL V 56 14.75 -9.52 21.31
C VAL V 56 15.50 -8.47 20.50
N GLY V 57 16.73 -8.16 20.90
CA GLY V 57 17.53 -7.24 20.11
C GLY V 57 17.75 -7.73 18.69
N ALA V 58 18.02 -9.03 18.53
CA ALA V 58 18.18 -9.59 17.20
C ALA V 58 16.90 -9.45 16.38
N THR V 59 15.74 -9.75 16.98
CA THR V 59 14.49 -9.65 16.25
C THR V 59 14.22 -8.21 15.81
N ILE V 60 14.48 -7.25 16.70
CA ILE V 60 14.27 -5.84 16.36
C ILE V 60 15.19 -5.42 15.22
N GLY V 61 16.45 -5.86 15.26
CA GLY V 61 17.37 -5.53 14.18
C GLY V 61 16.91 -6.08 12.84
N ILE V 62 16.46 -7.33 12.83
CA ILE V 62 15.97 -7.94 11.59
C ILE V 62 14.79 -7.14 11.05
N LYS V 63 13.84 -6.81 11.92
CA LYS V 63 12.64 -6.11 11.39
C LYS V 63 13.04 -4.71 10.90
N LEU V 64 13.90 -3.98 11.63
CA LEU V 64 14.25 -2.63 11.18
C LEU V 64 14.96 -2.66 9.83
N PHE V 65 15.92 -3.58 9.66
CA PHE V 65 16.67 -3.57 8.42
C PHE V 65 15.94 -4.23 7.26
N LYS V 66 14.79 -4.86 7.52
CA LYS V 66 13.98 -5.37 6.37
C LYS V 66 12.93 -4.31 6.07
N LYS V 67 12.37 -3.69 7.11
CA LYS V 67 11.33 -2.65 6.92
C LYS V 67 11.91 -1.53 6.06
N PHE V 68 13.16 -1.13 6.31
CA PHE V 68 13.68 0.00 5.49
C PHE V 68 13.47 -0.31 4.01
N THR V 69 14.12 -1.36 3.51
CA THR V 69 14.04 -1.69 2.07
C THR V 69 12.57 -1.92 1.66
N SER V 70 11.80 -2.65 2.47
CA SER V 70 10.40 -2.97 2.08
C SER V 70 9.57 -1.70 1.87
N LYS V 71 9.66 -0.76 2.82
CA LYS V 71 8.89 0.52 2.74
C LYS V 71 9.43 1.37 1.60
N ALA V 72 10.75 1.34 1.36
CA ALA V 72 11.34 2.07 0.23
C ALA V 72 10.58 1.65 -1.04
N SER V 73 10.25 0.36 -1.17
CA SER V 73 9.57 -0.11 -2.41
C SER V 73 8.11 -0.44 -2.10
N ASP W 28 -4.31 -39.39 73.57
CA ASP W 28 -4.37 -40.06 72.28
C ASP W 28 -3.32 -39.50 71.33
N PRO W 29 -2.28 -40.29 71.06
CA PRO W 29 -1.19 -39.81 70.19
C PRO W 29 -1.64 -39.52 68.77
N ALA W 30 -2.72 -40.14 68.30
CA ALA W 30 -3.15 -39.97 66.92
C ALA W 30 -3.56 -38.53 66.64
N LYS W 31 -4.25 -37.88 67.58
CA LYS W 31 -4.66 -36.50 67.38
C LYS W 31 -3.47 -35.57 67.25
N ALA W 32 -2.47 -35.73 68.14
CA ALA W 32 -1.27 -34.92 68.06
C ALA W 32 -0.50 -35.19 66.78
N ALA W 33 -0.44 -36.45 66.34
CA ALA W 33 0.23 -36.77 65.09
C ALA W 33 -0.47 -36.11 63.91
N PHE W 34 -1.80 -36.14 63.89
CA PHE W 34 -2.55 -35.50 62.82
C PHE W 34 -2.30 -33.99 62.81
N ASN W 35 -2.27 -33.37 63.99
CA ASN W 35 -1.98 -31.94 64.06
C ASN W 35 -0.58 -31.63 63.54
N SER W 36 0.40 -32.48 63.89
CA SER W 36 1.76 -32.25 63.42
C SER W 36 1.85 -32.37 61.90
N LEU W 37 1.20 -33.38 61.33
CA LEU W 37 1.20 -33.51 59.87
C LEU W 37 0.49 -32.33 59.22
N GLN W 38 -0.58 -31.84 59.83
CA GLN W 38 -1.26 -30.67 59.28
C GLN W 38 -0.35 -29.44 59.28
N ALA W 39 0.39 -29.24 60.37
CA ALA W 39 1.32 -28.11 60.43
C ALA W 39 2.42 -28.24 59.39
N SER W 40 2.94 -29.46 59.22
CA SER W 40 3.95 -29.69 58.20
C SER W 40 3.40 -29.41 56.81
N ALA W 41 2.17 -29.84 56.54
CA ALA W 41 1.54 -29.56 55.25
C ALA W 41 1.37 -28.07 55.04
N THR W 42 0.99 -27.34 56.10
CA THR W 42 0.83 -25.90 55.98
C THR W 42 2.14 -25.20 55.64
N GLU W 43 3.23 -25.61 56.29
CA GLU W 43 4.51 -24.96 55.98
C GLU W 43 4.97 -25.35 54.57
N TYR W 44 4.71 -26.58 54.14
CA TYR W 44 4.99 -26.95 52.75
C TYR W 44 4.20 -26.08 51.79
N ILE W 45 2.93 -25.83 52.09
CA ILE W 45 2.10 -25.00 51.24
C ILE W 45 2.66 -23.58 51.17
N GLY W 46 3.13 -23.05 52.30
CA GLY W 46 3.73 -21.73 52.28
C GLY W 46 4.96 -21.65 51.40
N TYR W 47 5.85 -22.63 51.53
CA TYR W 47 7.05 -22.64 50.68
C TYR W 47 6.69 -22.76 49.21
N ALA W 48 5.73 -23.65 48.90
CA ALA W 48 5.32 -23.83 47.52
C ALA W 48 4.70 -22.56 46.96
N TRP W 49 3.91 -21.85 47.78
CA TRP W 49 3.33 -20.59 47.34
C TRP W 49 4.41 -19.57 47.02
N ALA W 50 5.42 -19.45 47.88
CA ALA W 50 6.49 -18.52 47.60
C ALA W 50 7.18 -18.85 46.28
N MET W 51 7.54 -20.12 46.08
CA MET W 51 8.26 -20.50 44.88
C MET W 51 7.41 -20.28 43.63
N VAL W 52 6.12 -20.65 43.69
CA VAL W 52 5.29 -20.50 42.50
C VAL W 52 5.05 -19.04 42.20
N VAL W 53 4.94 -18.19 43.23
CA VAL W 53 4.80 -16.75 42.98
C VAL W 53 6.03 -16.23 42.24
N VAL W 54 7.23 -16.64 42.69
CA VAL W 54 8.44 -16.19 42.00
C VAL W 54 8.44 -16.65 40.55
N ILE W 55 8.12 -17.92 40.32
CA ILE W 55 8.18 -18.48 38.97
C ILE W 55 7.17 -17.81 38.05
N VAL W 56 5.94 -17.64 38.53
CA VAL W 56 4.89 -17.05 37.70
C VAL W 56 5.19 -15.57 37.44
N GLY W 57 5.74 -14.87 38.42
CA GLY W 57 6.12 -13.48 38.18
C GLY W 57 7.16 -13.36 37.09
N ALA W 58 8.20 -14.22 37.14
CA ALA W 58 9.22 -14.18 36.09
C ALA W 58 8.63 -14.53 34.73
N THR W 59 7.76 -15.55 34.68
CA THR W 59 7.17 -15.94 33.41
C THR W 59 6.31 -14.83 32.83
N ILE W 60 5.51 -14.17 33.67
CA ILE W 60 4.67 -13.08 33.19
C ILE W 60 5.53 -11.91 32.71
N GLY W 61 6.60 -11.60 33.44
CA GLY W 61 7.47 -10.52 32.99
C GLY W 61 8.09 -10.80 31.63
N ILE W 62 8.62 -12.01 31.44
CA ILE W 62 9.23 -12.35 30.16
C ILE W 62 8.20 -12.33 29.05
N LYS W 63 7.02 -12.90 29.30
CA LYS W 63 5.98 -12.96 28.26
C LYS W 63 5.53 -11.56 27.87
N LEU W 64 5.33 -10.67 28.86
CA LEU W 64 4.90 -9.32 28.55
C LEU W 64 5.98 -8.56 27.79
N PHE W 65 7.26 -8.73 28.17
CA PHE W 65 8.34 -8.10 27.43
C PHE W 65 8.33 -8.54 25.97
N LYS W 66 8.23 -9.85 25.74
CA LYS W 66 8.24 -10.38 24.35
C LYS W 66 7.03 -9.84 23.59
N LYS W 67 5.84 -9.84 24.20
CA LYS W 67 4.65 -9.37 23.50
C LYS W 67 4.75 -7.89 23.15
N PHE W 68 5.18 -7.07 24.11
CA PHE W 68 5.28 -5.64 23.86
C PHE W 68 6.29 -5.35 22.77
N THR W 69 7.44 -6.01 22.80
CA THR W 69 8.43 -5.79 21.76
C THR W 69 7.93 -6.24 20.39
N SER W 70 7.24 -7.39 20.34
CA SER W 70 6.72 -7.87 19.07
C SER W 70 5.69 -6.91 18.49
N LYS W 71 4.82 -6.36 19.34
CA LYS W 71 3.84 -5.40 18.85
C LYS W 71 4.47 -4.06 18.47
N ALA W 72 5.57 -3.68 19.14
CA ALA W 72 6.17 -2.37 18.90
C ALA W 72 6.80 -2.29 17.50
N SER W 73 7.40 -3.37 17.03
CA SER W 73 8.06 -3.36 15.73
C SER W 73 7.30 -4.16 14.69
N ALA X 30 -17.55 -56.60 74.23
CA ALA X 30 -17.80 -56.90 72.83
C ALA X 30 -18.48 -55.72 72.13
N LYS X 31 -19.72 -55.44 72.54
CA LYS X 31 -20.45 -54.33 71.95
C LYS X 31 -19.78 -52.99 72.25
N ALA X 32 -19.26 -52.83 73.47
CA ALA X 32 -18.55 -51.61 73.83
C ALA X 32 -17.30 -51.43 72.97
N ALA X 33 -16.59 -52.52 72.69
CA ALA X 33 -15.42 -52.44 71.81
C ALA X 33 -15.81 -51.97 70.42
N PHE X 34 -16.90 -52.50 69.87
CA PHE X 34 -17.36 -52.06 68.55
C PHE X 34 -17.76 -50.59 68.57
N ASN X 35 -18.45 -50.16 69.62
CA ASN X 35 -18.83 -48.75 69.72
C ASN X 35 -17.61 -47.85 69.78
N SER X 36 -16.61 -48.24 70.58
CA SER X 36 -15.39 -47.46 70.67
C SER X 36 -14.65 -47.40 69.34
N LEU X 37 -14.59 -48.53 68.63
CA LEU X 37 -13.93 -48.55 67.32
C LEU X 37 -14.67 -47.66 66.33
N GLN X 38 -16.00 -47.71 66.34
CA GLN X 38 -16.77 -46.84 65.45
C GLN X 38 -16.52 -45.38 65.76
N ALA X 39 -16.52 -45.01 67.05
CA ALA X 39 -16.27 -43.62 67.42
C ALA X 39 -14.88 -43.18 66.98
N SER X 40 -13.87 -44.00 67.30
CA SER X 40 -12.48 -43.64 66.95
C SER X 40 -12.36 -43.50 65.43
N ALA X 41 -13.01 -44.39 64.69
CA ALA X 41 -12.98 -44.33 63.21
C ALA X 41 -13.53 -42.97 62.75
N THR X 42 -14.69 -42.56 63.27
CA THR X 42 -15.31 -41.27 62.85
C THR X 42 -14.40 -40.11 63.27
N GLU X 43 -13.78 -40.17 64.45
CA GLU X 43 -12.85 -39.12 64.90
C GLU X 43 -11.72 -38.99 63.87
N TYR X 44 -11.15 -40.11 63.43
CA TYR X 44 -10.03 -40.09 62.45
C TYR X 44 -10.54 -39.54 61.11
N ILE X 45 -11.73 -39.95 60.69
CA ILE X 45 -12.33 -39.43 59.42
C ILE X 45 -12.42 -37.91 59.52
N GLY X 46 -12.88 -37.40 60.66
CA GLY X 46 -12.95 -35.93 60.87
C GLY X 46 -11.60 -35.28 60.66
N TYR X 47 -10.53 -35.91 61.17
CA TYR X 47 -9.19 -35.36 61.01
C TYR X 47 -8.69 -35.51 59.58
N ALA X 48 -8.97 -36.66 58.95
CA ALA X 48 -8.56 -36.85 57.57
C ALA X 48 -9.22 -35.83 56.65
N TRP X 49 -10.50 -35.55 56.87
CA TRP X 49 -11.18 -34.53 56.08
C TRP X 49 -10.57 -33.15 56.34
N ALA X 50 -10.29 -32.83 57.60
CA ALA X 50 -9.71 -31.53 57.94
C ALA X 50 -8.34 -31.35 57.32
N MET X 51 -7.63 -32.45 57.06
CA MET X 51 -6.34 -32.36 56.38
C MET X 51 -6.51 -32.24 54.87
N VAL X 52 -7.36 -33.10 54.29
CA VAL X 52 -7.47 -33.15 52.84
C VAL X 52 -8.09 -31.86 52.31
N VAL X 53 -8.94 -31.19 53.10
CA VAL X 53 -9.49 -29.93 52.60
C VAL X 53 -8.37 -28.92 52.40
N VAL X 54 -7.43 -28.84 53.34
CA VAL X 54 -6.32 -27.90 53.21
C VAL X 54 -5.44 -28.28 52.03
N ILE X 55 -5.11 -29.57 51.90
CA ILE X 55 -4.22 -29.98 50.83
C ILE X 55 -4.85 -29.72 49.46
N VAL X 56 -6.12 -30.09 49.30
CA VAL X 56 -6.80 -29.90 48.04
C VAL X 56 -6.99 -28.42 47.73
N GLY X 57 -7.30 -27.62 48.76
CA GLY X 57 -7.42 -26.19 48.55
C GLY X 57 -6.12 -25.58 48.05
N ALA X 58 -4.99 -25.98 48.64
CA ALA X 58 -3.71 -25.46 48.16
C ALA X 58 -3.43 -25.88 46.72
N THR X 59 -3.68 -27.14 46.40
CA THR X 59 -3.41 -27.62 45.05
C THR X 59 -4.28 -26.88 44.02
N ILE X 60 -5.58 -26.78 44.29
CA ILE X 60 -6.48 -26.10 43.37
C ILE X 60 -6.15 -24.62 43.28
N GLY X 61 -5.74 -24.01 44.39
CA GLY X 61 -5.34 -22.61 44.35
C GLY X 61 -4.15 -22.39 43.44
N ILE X 62 -3.14 -23.23 43.55
CA ILE X 62 -1.97 -23.09 42.68
C ILE X 62 -2.37 -23.30 41.23
N LYS X 63 -3.20 -24.32 40.96
CA LYS X 63 -3.62 -24.59 39.59
C LYS X 63 -4.37 -23.41 39.00
N LEU X 64 -5.36 -22.88 39.72
CA LEU X 64 -6.15 -21.77 39.22
C LEU X 64 -5.30 -20.51 39.08
N PHE X 65 -4.38 -20.29 40.01
CA PHE X 65 -3.49 -19.13 39.92
C PHE X 65 -2.69 -19.17 38.63
N LYS X 66 -2.04 -20.31 38.35
CA LYS X 66 -1.27 -20.43 37.13
C LYS X 66 -2.15 -20.26 35.90
N LYS X 67 -3.32 -20.91 35.90
CA LYS X 67 -4.19 -20.86 34.74
C LYS X 67 -4.66 -19.43 34.44
N PHE X 68 -5.06 -18.70 35.48
CA PHE X 68 -5.62 -17.36 35.26
C PHE X 68 -4.52 -16.34 34.98
N THR X 69 -3.36 -16.45 35.61
CA THR X 69 -2.27 -15.54 35.26
C THR X 69 -1.79 -15.79 33.84
N SER X 70 -1.86 -17.03 33.37
CA SER X 70 -1.53 -17.29 31.97
C SER X 70 -2.59 -16.74 31.04
N LYS X 71 -3.86 -16.95 31.37
CA LYS X 71 -4.97 -16.51 30.49
C LYS X 71 -5.01 -14.98 30.40
N ALA X 72 -4.78 -14.27 31.50
CA ALA X 72 -4.89 -12.82 31.49
C ALA X 72 -3.80 -12.16 30.67
N SER X 73 -2.59 -12.73 30.66
CA SER X 73 -1.50 -12.16 29.89
C SER X 73 -1.48 -12.71 28.46
N PRO Y 2 14.12 62.47 -57.62
CA PRO Y 2 13.11 62.84 -58.61
C PRO Y 2 11.69 62.52 -58.15
N VAL Y 3 11.33 62.95 -56.94
CA VAL Y 3 10.03 62.66 -56.36
C VAL Y 3 9.47 63.93 -55.73
N LEU Y 4 8.15 63.93 -55.53
CA LEU Y 4 7.50 65.09 -54.94
C LEU Y 4 7.93 65.27 -53.48
N LEU Y 5 7.71 66.48 -52.98
CA LEU Y 5 8.04 66.79 -51.59
C LEU Y 5 7.11 66.04 -50.65
N GLY Y 6 7.66 65.61 -49.52
CA GLY Y 6 6.90 64.91 -48.49
C GLY Y 6 7.06 63.41 -48.52
N ILE Y 7 7.42 62.83 -49.66
CA ILE Y 7 7.64 61.38 -49.71
C ILE Y 7 8.79 60.95 -48.82
N PRO Y 8 9.99 61.55 -48.88
CA PRO Y 8 11.04 61.13 -47.94
C PRO Y 8 10.66 61.34 -46.49
N LEU Y 9 9.94 62.42 -46.18
CA LEU Y 9 9.52 62.66 -44.81
C LEU Y 9 8.53 61.59 -44.36
N LEU Y 10 7.61 61.20 -45.24
CA LEU Y 10 6.68 60.13 -44.93
C LEU Y 10 7.41 58.81 -44.68
N LEU Y 11 8.40 58.50 -45.51
CA LEU Y 11 9.15 57.26 -45.32
C LEU Y 11 9.92 57.27 -44.01
N ARG Y 12 10.53 58.41 -43.68
CA ARG Y 12 11.23 58.53 -42.39
C ARG Y 12 10.27 58.36 -41.23
N PHE Y 13 9.07 58.93 -41.34
CA PHE Y 13 8.07 58.78 -40.29
C PHE Y 13 7.67 57.31 -40.12
N LEU Y 14 7.48 56.60 -41.23
CA LEU Y 14 7.13 55.19 -41.14
C LEU Y 14 8.24 54.40 -40.47
N GLY Y 15 9.49 54.65 -40.85
CA GLY Y 15 10.59 53.97 -40.21
C GLY Y 15 10.69 54.26 -38.73
N PHE Y 16 10.46 55.52 -38.35
CA PHE Y 16 10.48 55.90 -36.95
C PHE Y 16 9.39 55.20 -36.17
N LEU Y 17 8.18 55.11 -36.74
CA LEU Y 17 7.09 54.40 -36.08
C LEU Y 17 7.44 52.93 -35.87
N LEU Y 18 7.99 52.29 -36.91
CA LEU Y 18 8.36 50.88 -36.77
C LEU Y 18 9.42 50.68 -35.70
N VAL Y 19 10.42 51.56 -35.66
CA VAL Y 19 11.48 51.45 -34.67
C VAL Y 19 10.91 51.61 -33.26
N THR Y 20 10.03 52.60 -33.06
CA THR Y 20 9.46 52.81 -31.74
C THR Y 20 8.62 51.61 -31.29
N LEU Y 21 7.79 51.09 -32.19
CA LEU Y 21 6.96 49.94 -31.83
C LEU Y 21 7.82 48.72 -31.48
N PHE Y 22 8.87 48.47 -32.27
CA PHE Y 22 9.69 47.30 -32.01
C PHE Y 22 10.50 47.46 -30.72
N GLY Y 23 10.90 48.70 -30.39
CA GLY Y 23 11.52 48.95 -29.10
C GLY Y 23 10.58 48.69 -27.94
N TYR Y 24 9.31 49.07 -28.09
CA TYR Y 24 8.33 48.74 -27.07
C TYR Y 24 8.21 47.22 -26.90
N LEU Y 25 8.20 46.50 -28.03
CA LEU Y 25 8.15 45.04 -27.95
C LEU Y 25 9.35 44.48 -27.21
N LEU Y 26 10.54 45.03 -27.46
CA LEU Y 26 11.74 44.58 -26.76
C LEU Y 26 11.62 44.82 -25.25
N THR Y 27 11.11 45.98 -24.86
CA THR Y 27 10.94 46.27 -23.44
C THR Y 27 9.98 45.28 -22.79
N PHE Y 28 8.87 44.97 -23.47
CA PHE Y 28 7.92 44.02 -22.90
C PHE Y 28 8.53 42.62 -22.80
N LEU Y 29 9.36 42.24 -23.77
CA LEU Y 29 10.03 40.95 -23.70
C LEU Y 29 10.95 40.87 -22.49
N LYS Y 30 11.70 41.95 -22.22
CA LYS Y 30 12.56 41.97 -21.05
C LYS Y 30 11.74 41.89 -19.76
N LYS Y 31 10.57 42.56 -19.75
CA LYS Y 31 9.69 42.44 -18.59
C LYS Y 31 9.26 40.99 -18.37
N GLY Y 32 8.91 40.29 -19.43
CA GLY Y 32 8.53 38.89 -19.30
C GLY Y 32 9.66 38.03 -18.77
N PHE Y 33 10.89 38.26 -19.26
CA PHE Y 33 12.02 37.50 -18.75
C PHE Y 33 12.24 37.76 -17.26
N GLY Y 34 12.09 39.01 -16.83
CA GLY Y 34 12.17 39.31 -15.40
C GLY Y 34 11.11 38.58 -14.61
N LYS Y 35 9.90 38.49 -15.16
CA LYS Y 35 8.83 37.73 -14.50
C LYS Y 35 9.21 36.27 -14.33
N ILE Y 36 9.80 35.66 -15.37
CA ILE Y 36 10.21 34.26 -15.27
C ILE Y 36 11.27 34.09 -14.20
N ALA Y 37 12.25 34.99 -14.15
CA ALA Y 37 13.29 34.91 -13.12
C ALA Y 37 12.69 35.02 -11.72
N ILE Y 38 11.74 35.93 -11.53
CA ILE Y 38 11.08 36.08 -10.23
C ILE Y 38 10.38 34.79 -9.85
N ALA Y 39 9.68 34.17 -10.80
CA ALA Y 39 8.98 32.93 -10.51
C ALA Y 39 9.94 31.82 -10.07
N ILE Y 40 11.06 31.69 -10.78
CA ILE Y 40 12.04 30.65 -10.41
C ILE Y 40 12.58 30.91 -9.02
N SER Y 41 12.90 32.17 -8.72
CA SER Y 41 13.43 32.51 -7.40
C SER Y 41 12.42 32.16 -6.30
N LEU Y 42 11.15 32.49 -6.51
CA LEU Y 42 10.14 32.19 -5.52
C LEU Y 42 10.01 30.70 -5.29
N PHE Y 43 10.02 29.91 -6.36
CA PHE Y 43 9.88 28.46 -6.25
C PHE Y 43 11.04 27.87 -5.42
N LEU Y 44 12.26 28.26 -5.75
CA LEU Y 44 13.41 27.72 -5.01
C LEU Y 44 13.39 28.18 -3.55
N ALA Y 45 12.99 29.44 -3.31
CA ALA Y 45 12.92 29.92 -1.94
C ALA Y 45 11.89 29.15 -1.12
N LEU Y 46 10.75 28.82 -1.73
CA LEU Y 46 9.75 28.01 -1.03
C LEU Y 46 10.31 26.65 -0.66
N ILE Y 47 11.03 26.02 -1.60
CA ILE Y 47 11.63 24.72 -1.27
C ILE Y 47 12.60 24.84 -0.10
N ILE Y 48 13.44 25.88 -0.12
CA ILE Y 48 14.44 26.03 0.95
C ILE Y 48 13.75 26.26 2.29
N GLY Y 49 12.70 27.08 2.32
CA GLY Y 49 12.00 27.32 3.57
C GLY Y 49 11.35 26.06 4.12
N LEU Y 50 10.73 25.27 3.24
CA LEU Y 50 10.15 24.00 3.69
C LEU Y 50 11.22 23.09 4.27
N ASN Y 51 12.38 23.03 3.62
CA ASN Y 51 13.47 22.22 4.16
C ASN Y 51 13.88 22.70 5.54
N SER Y 52 13.98 24.02 5.73
CA SER Y 52 14.39 24.54 7.02
C SER Y 52 13.41 24.14 8.12
N ILE Y 53 12.10 24.26 7.84
CA ILE Y 53 11.10 23.87 8.85
C ILE Y 53 11.21 22.38 9.16
N LEU Y 54 11.30 21.55 8.12
CA LEU Y 54 11.33 20.11 8.34
C LEU Y 54 12.56 19.69 9.15
N VAL Y 55 13.71 20.31 8.88
CA VAL Y 55 14.96 19.90 9.61
C VAL Y 55 14.81 20.24 11.09
N GLY Y 56 14.14 21.36 11.42
CA GLY Y 56 14.00 21.80 12.82
C GLY Y 56 13.20 20.85 13.68
N TYR Y 57 12.12 20.27 13.15
CA TYR Y 57 11.22 19.38 13.95
C TYR Y 57 12.00 18.20 14.52
N LEU Y 58 12.95 17.66 13.75
CA LEU Y 58 13.65 16.42 14.17
C LEU Y 58 14.52 16.62 15.41
N SER Y 59 14.75 17.86 15.88
CA SER Y 59 15.62 17.95 17.04
C SER Y 59 14.94 17.47 18.31
N ASP Y 60 13.65 17.80 18.47
CA ASP Y 60 12.96 17.54 19.73
C ASP Y 60 12.76 16.05 19.98
N ILE Y 61 12.31 15.32 18.96
CA ILE Y 61 11.83 13.95 19.15
C ILE Y 61 12.97 12.94 19.08
N SER Y 62 14.21 13.43 19.10
CA SER Y 62 15.36 12.54 18.94
C SER Y 62 15.44 11.53 20.08
N ALA Y 63 15.80 10.30 19.74
CA ALA Y 63 15.98 9.23 20.72
C ALA Y 63 17.03 8.26 20.20
N GLN Y 64 17.59 7.48 21.11
CA GLN Y 64 18.68 6.57 20.79
C GLN Y 64 18.36 5.16 21.27
N LEU Y 65 18.91 4.19 20.57
CA LEU Y 65 18.76 2.79 20.97
C LEU Y 65 19.49 2.57 22.29
N PRO Y 66 18.87 1.91 23.26
CA PRO Y 66 19.53 1.70 24.56
C PRO Y 66 20.79 0.86 24.43
N SER Y 67 21.54 0.77 25.52
CA SER Y 67 22.77 0.00 25.52
C SER Y 67 22.49 -1.47 25.23
N ASP Y 68 21.39 -1.99 25.77
CA ASP Y 68 20.97 -3.34 25.43
C ASP Y 68 20.45 -3.38 24.00
N PHE Y 69 20.21 -4.61 23.52
CA PHE Y 69 19.76 -4.88 22.15
C PHE Y 69 20.89 -4.64 21.15
N VAL Y 70 22.01 -4.08 21.62
CA VAL Y 70 23.16 -3.91 20.74
C VAL Y 70 23.80 -5.26 20.44
N GLN Y 71 23.87 -6.13 21.44
CA GLN Y 71 24.53 -7.42 21.27
C GLN Y 71 23.82 -8.26 20.22
N GLY Y 72 22.49 -8.31 20.27
CA GLY Y 72 21.75 -9.10 19.28
C GLY Y 72 21.87 -8.52 17.89
N VAL Y 73 21.76 -7.21 17.75
CA VAL Y 73 21.86 -6.58 16.44
C VAL Y 73 23.23 -6.85 15.83
N GLN Y 74 24.29 -6.70 16.63
CA GLN Y 74 25.62 -7.04 16.13
C GLN Y 74 25.76 -8.54 15.86
N LEU Y 75 25.02 -9.36 16.60
CA LEU Y 75 25.03 -10.80 16.36
C LEU Y 75 24.50 -11.14 14.98
N ILE Y 76 23.44 -10.45 14.54
CA ILE Y 76 22.79 -10.80 13.28
C ILE Y 76 23.23 -9.94 12.10
N LEU Y 77 23.76 -8.75 12.33
CA LEU Y 77 23.86 -7.76 11.26
C LEU Y 77 24.88 -8.19 10.21
N PRO Y 78 24.49 -8.33 8.95
CA PRO Y 78 25.45 -8.69 7.91
C PRO Y 78 26.29 -7.48 7.51
N SER Y 79 27.25 -7.72 6.61
CA SER Y 79 28.20 -6.69 6.25
C SER Y 79 27.61 -5.63 5.33
N ASN Y 80 26.46 -5.88 4.71
CA ASN Y 80 25.89 -4.98 3.72
C ASN Y 80 24.52 -4.44 4.11
N ALA Y 81 24.29 -4.22 5.41
CA ALA Y 81 23.03 -3.62 5.84
C ALA Y 81 23.11 -2.10 5.79
N LEU Y 82 24.07 -1.53 6.53
CA LEU Y 82 24.29 -0.09 6.47
C LEU Y 82 24.60 0.40 5.06
N PRO Y 83 25.42 -0.28 4.24
CA PRO Y 83 25.56 0.15 2.84
C PRO Y 83 24.24 0.20 2.09
N CYS Y 84 23.36 -0.77 2.32
CA CYS Y 84 22.06 -0.74 1.64
C CYS Y 84 21.22 0.45 2.11
N PHE Y 85 21.22 0.72 3.41
CA PHE Y 85 20.48 1.88 3.92
C PHE Y 85 21.01 3.18 3.33
N TYR Y 86 22.33 3.32 3.26
CA TYR Y 86 22.92 4.52 2.69
C TYR Y 86 22.67 4.64 1.20
N VAL Y 87 22.63 3.50 0.48
CA VAL Y 87 22.30 3.52 -0.93
C VAL Y 87 20.86 4.00 -1.13
N ILE Y 88 19.95 3.56 -0.27
CA ILE Y 88 18.56 4.03 -0.36
C ILE Y 88 18.49 5.53 -0.14
N LEU Y 89 19.20 6.03 0.88
CA LEU Y 89 19.19 7.48 1.13
C LEU Y 89 19.79 8.25 -0.03
N SER Y 90 20.88 7.75 -0.62
CA SER Y 90 21.50 8.42 -1.76
C SER Y 90 20.57 8.43 -2.96
N VAL Y 91 19.84 7.34 -3.19
CA VAL Y 91 18.86 7.30 -4.27
C VAL Y 91 17.78 8.34 -4.05
N LYS Y 92 17.32 8.47 -2.80
CA LYS Y 92 16.30 9.49 -2.47
C LYS Y 92 16.82 10.88 -2.83
N ALA Y 93 18.06 11.20 -2.42
CA ALA Y 93 18.62 12.53 -2.70
C ALA Y 93 18.79 12.76 -4.20
N ALA Y 94 19.27 11.74 -4.93
CA ALA Y 94 19.46 11.88 -6.36
C ALA Y 94 18.14 12.14 -7.08
N ILE Y 95 17.09 11.42 -6.69
CA ILE Y 95 15.79 11.63 -7.31
C ILE Y 95 15.26 13.03 -7.00
N PHE Y 96 15.47 13.50 -5.77
CA PHE Y 96 15.03 14.85 -5.42
C PHE Y 96 15.69 15.90 -6.30
N ILE Y 97 17.02 15.85 -6.41
CA ILE Y 97 17.68 16.87 -7.21
C ILE Y 97 17.36 16.72 -8.70
N PHE Y 98 17.13 15.48 -9.16
CA PHE Y 98 16.71 15.28 -10.54
C PHE Y 98 15.36 15.94 -10.81
N ASP Y 99 14.41 15.79 -9.88
CA ASP Y 99 13.12 16.45 -10.04
C ASP Y 99 13.26 17.97 -10.07
N VAL Y 100 14.11 18.52 -9.18
CA VAL Y 100 14.30 19.97 -9.14
C VAL Y 100 14.87 20.46 -10.47
N LYS Y 101 15.89 19.76 -10.98
CA LYS Y 101 16.50 20.18 -12.23
C LYS Y 101 15.54 20.04 -13.40
N GLN Y 102 14.71 19.01 -13.40
CA GLN Y 102 13.72 18.86 -14.47
C GLN Y 102 12.69 19.99 -14.43
N LYS Y 103 12.30 20.43 -13.23
CA LYS Y 103 11.39 21.58 -13.15
C LYS Y 103 12.07 22.83 -13.69
N ILE Y 104 13.35 23.02 -13.37
CA ILE Y 104 14.08 24.17 -13.89
C ILE Y 104 14.12 24.12 -15.41
N VAL Y 105 14.34 22.93 -15.98
CA VAL Y 105 14.33 22.78 -17.43
C VAL Y 105 12.96 23.14 -18.00
N SER Y 106 11.89 22.64 -17.36
CA SER Y 106 10.54 22.92 -17.83
C SER Y 106 10.20 24.41 -17.78
N TYR Y 107 10.88 25.17 -16.93
CA TYR Y 107 10.68 26.63 -16.95
C TYR Y 107 11.12 27.29 -18.26
N LEU Y 108 11.64 26.53 -19.23
CA LEU Y 108 11.99 27.10 -20.52
C LEU Y 108 10.77 27.40 -21.39
N ASP Y 109 9.60 26.91 -21.02
CA ASP Y 109 8.40 27.08 -21.83
C ASP Y 109 7.61 28.34 -21.48
N TRP Y 110 8.05 29.09 -20.48
CA TRP Y 110 7.34 30.30 -20.09
C TRP Y 110 7.63 31.44 -21.05
#